data_7M79
# 
_entry.id   7M79 
# 
_audit_conform.dict_name       mmcif_pdbx.dic 
_audit_conform.dict_version    5.399 
_audit_conform.dict_location   http://mmcif.pdb.org/dictionaries/ascii/mmcif_pdbx.dic 
# 
loop_
_database_2.database_id 
_database_2.database_code 
_database_2.pdbx_database_accession 
_database_2.pdbx_DOI 
PDB   7M79         pdb_00007m79 10.2210/pdb7m79/pdb 
WWPDB D_1000255745 ?            ?                   
BMRB  30894        ?            10.13018/BMR30894   
# 
loop_
_pdbx_audit_revision_history.ordinal 
_pdbx_audit_revision_history.data_content_type 
_pdbx_audit_revision_history.major_revision 
_pdbx_audit_revision_history.minor_revision 
_pdbx_audit_revision_history.revision_date 
1 'Structure model' 1 0 2021-09-15 
2 'Structure model' 1 1 2023-06-14 
3 'Structure model' 1 2 2024-11-20 
# 
_pdbx_audit_revision_details.ordinal             1 
_pdbx_audit_revision_details.revision_ordinal    1 
_pdbx_audit_revision_details.data_content_type   'Structure model' 
_pdbx_audit_revision_details.provider            repository 
_pdbx_audit_revision_details.type                'Initial release' 
_pdbx_audit_revision_details.description         ? 
_pdbx_audit_revision_details.details             ? 
# 
loop_
_pdbx_audit_revision_group.ordinal 
_pdbx_audit_revision_group.revision_ordinal 
_pdbx_audit_revision_group.data_content_type 
_pdbx_audit_revision_group.group 
1 2 'Structure model' Other                 
2 3 'Structure model' 'Data collection'     
3 3 'Structure model' 'Database references' 
4 3 'Structure model' 'Structure summary'   
# 
loop_
_pdbx_audit_revision_category.ordinal 
_pdbx_audit_revision_category.revision_ordinal 
_pdbx_audit_revision_category.data_content_type 
_pdbx_audit_revision_category.category 
1 2 'Structure model' pdbx_database_status      
2 3 'Structure model' chem_comp_atom            
3 3 'Structure model' chem_comp_bond            
4 3 'Structure model' database_2                
5 3 'Structure model' pdbx_entry_details        
6 3 'Structure model' pdbx_modification_feature 
# 
loop_
_pdbx_audit_revision_item.ordinal 
_pdbx_audit_revision_item.revision_ordinal 
_pdbx_audit_revision_item.data_content_type 
_pdbx_audit_revision_item.item 
1 2 'Structure model' '_pdbx_database_status.status_code_nmr_data'   
2 3 'Structure model' '_database_2.pdbx_DOI'                         
3 3 'Structure model' '_pdbx_entry_details.has_protein_modification' 
# 
_pdbx_database_status.status_code                     REL 
_pdbx_database_status.status_code_sf                  ? 
_pdbx_database_status.status_code_mr                  REL 
_pdbx_database_status.entry_id                        7M79 
_pdbx_database_status.recvd_initial_deposition_date   2021-03-26 
_pdbx_database_status.SG_entry                        N 
_pdbx_database_status.deposit_site                    RCSB 
_pdbx_database_status.process_site                    RCSB 
_pdbx_database_status.status_code_cs                  REL 
_pdbx_database_status.status_code_nmr_data            REL 
_pdbx_database_status.methods_development_category    ? 
_pdbx_database_status.pdb_format_compatible           Y 
# 
loop_
_pdbx_database_related.db_name 
_pdbx_database_related.details 
_pdbx_database_related.db_id 
_pdbx_database_related.content_type 
PDB  .                                                                                     7M67  unspecified 
PDB  .                                                                                     7M73  unspecified 
PDB  .                                                                                     7M77  unspecified 
BMRB 'NMR Structure of Schistocin-4 antimicrobial peptide in presence of DPC-d38 micelles' 30894 unspecified 
# 
loop_
_audit_author.name 
_audit_author.pdbx_ordinal 
_audit_author.identifier_ORCID 
'Santos, B.P.O.'       1 0000-0003-1854-8907 
'De Magalhaes, M.T.Q.' 2 0000-0003-4912-0233 
# 
_citation.abstract                  ? 
_citation.abstract_id_CAS           ? 
_citation.book_id_ISBN              ? 
_citation.book_publisher            ? 
_citation.book_publisher_city       ? 
_citation.book_title                ? 
_citation.coordinate_linkage        ? 
_citation.country                   ? 
_citation.database_id_Medline       ? 
_citation.details                   ? 
_citation.id                        primary 
_citation.journal_abbrev            'Biochim Biophys Acta Gen Subj' 
_citation.journal_id_ASTM           ? 
_citation.journal_id_CSD            ? 
_citation.journal_id_ISSN           1872-8006 
_citation.journal_full              ? 
_citation.journal_issue             ? 
_citation.journal_volume            1865 
_citation.language                  ? 
_citation.page_first                129989 
_citation.page_last                 129989 
_citation.title                     
'Schistocins: Novel antimicrobial peptides encrypted in the Schistosoma mansoni Kunitz Inhibitor SmKI-1.' 
_citation.year                      2021 
_citation.database_id_CSD           ? 
_citation.pdbx_database_id_DOI      10.1016/j.bbagen.2021.129989 
_citation.pdbx_database_id_PubMed   34389467 
_citation.pdbx_database_id_patent   ? 
_citation.unpublished_flag          ? 
# 
loop_
_citation_author.citation_id 
_citation_author.name 
_citation_author.ordinal 
_citation_author.identifier_ORCID 
primary 'Santos, B.P.O.'       1 ? 
primary 'Alves, E.S.F.'        2 ? 
primary 'Ferreira, C.S.'       3 ? 
primary 'Ferreira-Silva, A.'   4 ? 
primary 'Goes-Neto, A.'        5 ? 
primary 'Verly, R.M.'          6 ? 
primary 'Liao, L.M.'           7 ? 
primary 'Oliveira, S.C.'       8 ? 
primary 'de Magalhaes, M.T.Q.' 9 ? 
# 
_entity.id                         1 
_entity.type                       polymer 
_entity.src_method                 syn 
_entity.pdbx_description           'Schistocin-4 antimicrobial peptide' 
_entity.formula_weight             1444.719 
_entity.pdbx_number_of_molecules   1 
_entity.pdbx_ec                    ? 
_entity.pdbx_mutation              ? 
_entity.pdbx_fragment              ? 
_entity.details                    ? 
# 
_entity_poly.entity_id                      1 
_entity_poly.type                           'polypeptide(L)' 
_entity_poly.nstd_linkage                   no 
_entity_poly.nstd_monomer                   yes 
_entity_poly.pdbx_seq_one_letter_code       'GILDILNKVSNLF(NH2)' 
_entity_poly.pdbx_seq_one_letter_code_can   GILDILNKVSNLFX 
_entity_poly.pdbx_strand_id                 A 
_entity_poly.pdbx_target_identifier         ? 
# 
loop_
_entity_poly_seq.entity_id 
_entity_poly_seq.num 
_entity_poly_seq.mon_id 
_entity_poly_seq.hetero 
1 1  GLY n 
1 2  ILE n 
1 3  LEU n 
1 4  ASP n 
1 5  ILE n 
1 6  LEU n 
1 7  ASN n 
1 8  LYS n 
1 9  VAL n 
1 10 SER n 
1 11 ASN n 
1 12 LEU n 
1 13 PHE n 
1 14 NH2 n 
# 
_pdbx_entity_src_syn.entity_id              1 
_pdbx_entity_src_syn.pdbx_src_id            1 
_pdbx_entity_src_syn.pdbx_alt_source_flag   sample 
_pdbx_entity_src_syn.pdbx_beg_seq_num       1 
_pdbx_entity_src_syn.pdbx_end_seq_num       14 
_pdbx_entity_src_syn.organism_scientific    'Schistosoma mansoni' 
_pdbx_entity_src_syn.organism_common_name   ? 
_pdbx_entity_src_syn.ncbi_taxonomy_id       6183 
_pdbx_entity_src_syn.details                ? 
# 
loop_
_chem_comp.id 
_chem_comp.type 
_chem_comp.mon_nstd_flag 
_chem_comp.name 
_chem_comp.pdbx_synonyms 
_chem_comp.formula 
_chem_comp.formula_weight 
ASN 'L-peptide linking' y ASPARAGINE      ? 'C4 H8 N2 O3'    132.118 
ASP 'L-peptide linking' y 'ASPARTIC ACID' ? 'C4 H7 N O4'     133.103 
GLY 'peptide linking'   y GLYCINE         ? 'C2 H5 N O2'     75.067  
ILE 'L-peptide linking' y ISOLEUCINE      ? 'C6 H13 N O2'    131.173 
LEU 'L-peptide linking' y LEUCINE         ? 'C6 H13 N O2'    131.173 
LYS 'L-peptide linking' y LYSINE          ? 'C6 H15 N2 O2 1' 147.195 
NH2 non-polymer         . 'AMINO GROUP'   ? 'H2 N'           16.023  
PHE 'L-peptide linking' y PHENYLALANINE   ? 'C9 H11 N O2'    165.189 
SER 'L-peptide linking' y SERINE          ? 'C3 H7 N O3'     105.093 
VAL 'L-peptide linking' y VALINE          ? 'C5 H11 N O2'    117.146 
# 
loop_
_pdbx_poly_seq_scheme.asym_id 
_pdbx_poly_seq_scheme.entity_id 
_pdbx_poly_seq_scheme.seq_id 
_pdbx_poly_seq_scheme.mon_id 
_pdbx_poly_seq_scheme.ndb_seq_num 
_pdbx_poly_seq_scheme.pdb_seq_num 
_pdbx_poly_seq_scheme.auth_seq_num 
_pdbx_poly_seq_scheme.pdb_mon_id 
_pdbx_poly_seq_scheme.auth_mon_id 
_pdbx_poly_seq_scheme.pdb_strand_id 
_pdbx_poly_seq_scheme.pdb_ins_code 
_pdbx_poly_seq_scheme.hetero 
A 1 1  GLY 1  1  1  GLY GLY A . n 
A 1 2  ILE 2  2  2  ILE ILE A . n 
A 1 3  LEU 3  3  3  LEU LEU A . n 
A 1 4  ASP 4  4  4  ASP ASP A . n 
A 1 5  ILE 5  5  5  ILE ILE A . n 
A 1 6  LEU 6  6  6  LEU LEU A . n 
A 1 7  ASN 7  7  7  ASN ASN A . n 
A 1 8  LYS 8  8  8  LYS LYS A . n 
A 1 9  VAL 9  9  9  VAL VAL A . n 
A 1 10 SER 10 10 10 SER SER A . n 
A 1 11 ASN 11 11 11 ASN ASN A . n 
A 1 12 LEU 12 12 12 LEU LEU A . n 
A 1 13 PHE 13 13 13 PHE PHE A . n 
A 1 14 NH2 14 14 14 NH2 NH2 A . n 
# 
_exptl.absorpt_coefficient_mu     ? 
_exptl.absorpt_correction_T_max   ? 
_exptl.absorpt_correction_T_min   ? 
_exptl.absorpt_correction_type    ? 
_exptl.absorpt_process_details    ? 
_exptl.entry_id                   7M79 
_exptl.crystals_number            ? 
_exptl.details                    ? 
_exptl.method                     'SOLUTION NMR' 
_exptl.method_details             ? 
# 
_struct.entry_id                     7M79 
_struct.title                        'NMR Structure of Schistocin-3.1 antimicrobial peptide in presence of DPC-d38 micelles' 
_struct.pdbx_model_details           ? 
_struct.pdbx_formula_weight          ? 
_struct.pdbx_formula_weight_method   ? 
_struct.pdbx_model_type_details      ? 
_struct.pdbx_CASP_flag               N 
# 
_struct_keywords.entry_id        7M79 
_struct_keywords.text            'antimicrobial peptide, ANTIMICROBIAL PROTEIN' 
_struct_keywords.pdbx_keywords   'ANTIMICROBIAL PROTEIN' 
# 
_struct_asym.id                            A 
_struct_asym.pdbx_blank_PDB_chainid_flag   N 
_struct_asym.pdbx_modified                 N 
_struct_asym.entity_id                     1 
_struct_asym.details                       ? 
# 
_struct_ref.id                         1 
_struct_ref.db_name                    PDB 
_struct_ref.db_code                    7M79 
_struct_ref.pdbx_db_accession          7M79 
_struct_ref.pdbx_db_isoform            ? 
_struct_ref.entity_id                  1 
_struct_ref.pdbx_seq_one_letter_code   ? 
_struct_ref.pdbx_align_begin           1 
# 
_struct_ref_seq.align_id                      1 
_struct_ref_seq.ref_id                        1 
_struct_ref_seq.pdbx_PDB_id_code              7M79 
_struct_ref_seq.pdbx_strand_id                A 
_struct_ref_seq.seq_align_beg                 1 
_struct_ref_seq.pdbx_seq_align_beg_ins_code   ? 
_struct_ref_seq.seq_align_end                 14 
_struct_ref_seq.pdbx_seq_align_end_ins_code   ? 
_struct_ref_seq.pdbx_db_accession             7M79 
_struct_ref_seq.db_align_beg                  1 
_struct_ref_seq.pdbx_db_align_beg_ins_code    ? 
_struct_ref_seq.db_align_end                  14 
_struct_ref_seq.pdbx_db_align_end_ins_code    ? 
_struct_ref_seq.pdbx_auth_seq_align_beg       1 
_struct_ref_seq.pdbx_auth_seq_align_end       14 
# 
_pdbx_struct_assembly.id                   1 
_pdbx_struct_assembly.details              author_defined_assembly 
_pdbx_struct_assembly.method_details       ? 
_pdbx_struct_assembly.oligomeric_details   monomeric 
_pdbx_struct_assembly.oligomeric_count     1 
# 
loop_
_pdbx_struct_assembly_prop.biol_id 
_pdbx_struct_assembly_prop.type 
_pdbx_struct_assembly_prop.value 
_pdbx_struct_assembly_prop.details 
1 'ABSA (A^2)' 120  ? 
1 MORE         1    ? 
1 'SSA (A^2)'  1430 ? 
# 
_pdbx_struct_assembly_gen.assembly_id       1 
_pdbx_struct_assembly_gen.oper_expression   1 
_pdbx_struct_assembly_gen.asym_id_list      A 
# 
_pdbx_struct_assembly_auth_evidence.id                     1 
_pdbx_struct_assembly_auth_evidence.assembly_id            1 
_pdbx_struct_assembly_auth_evidence.experimental_support   none 
_pdbx_struct_assembly_auth_evidence.details                ? 
# 
_pdbx_struct_oper_list.id                   1 
_pdbx_struct_oper_list.type                 'identity operation' 
_pdbx_struct_oper_list.name                 1_555 
_pdbx_struct_oper_list.symmetry_operation   ? 
_pdbx_struct_oper_list.matrix[1][1]         1.0000000000 
_pdbx_struct_oper_list.matrix[1][2]         0.0000000000 
_pdbx_struct_oper_list.matrix[1][3]         0.0000000000 
_pdbx_struct_oper_list.vector[1]            0.0000000000 
_pdbx_struct_oper_list.matrix[2][1]         0.0000000000 
_pdbx_struct_oper_list.matrix[2][2]         1.0000000000 
_pdbx_struct_oper_list.matrix[2][3]         0.0000000000 
_pdbx_struct_oper_list.vector[2]            0.0000000000 
_pdbx_struct_oper_list.matrix[3][1]         0.0000000000 
_pdbx_struct_oper_list.matrix[3][2]         0.0000000000 
_pdbx_struct_oper_list.matrix[3][3]         1.0000000000 
_pdbx_struct_oper_list.vector[3]            0.0000000000 
# 
_struct_conf.conf_type_id            HELX_P 
_struct_conf.id                      HELX_P1 
_struct_conf.pdbx_PDB_helix_id       AA1 
_struct_conf.beg_label_comp_id       GLY 
_struct_conf.beg_label_asym_id       A 
_struct_conf.beg_label_seq_id        1 
_struct_conf.pdbx_beg_PDB_ins_code   ? 
_struct_conf.end_label_comp_id       PHE 
_struct_conf.end_label_asym_id       A 
_struct_conf.end_label_seq_id        13 
_struct_conf.pdbx_end_PDB_ins_code   ? 
_struct_conf.beg_auth_comp_id        GLY 
_struct_conf.beg_auth_asym_id        A 
_struct_conf.beg_auth_seq_id         1 
_struct_conf.end_auth_comp_id        PHE 
_struct_conf.end_auth_asym_id        A 
_struct_conf.end_auth_seq_id         13 
_struct_conf.pdbx_PDB_helix_class    1 
_struct_conf.details                 ? 
_struct_conf.pdbx_PDB_helix_length   13 
# 
_struct_conf_type.id          HELX_P 
_struct_conf_type.criteria    ? 
_struct_conf_type.reference   ? 
# 
_struct_conn.id                            covale1 
_struct_conn.conn_type_id                  covale 
_struct_conn.pdbx_leaving_atom_flag        both 
_struct_conn.pdbx_PDB_id                   ? 
_struct_conn.ptnr1_label_asym_id           A 
_struct_conn.ptnr1_label_comp_id           PHE 
_struct_conn.ptnr1_label_seq_id            13 
_struct_conn.ptnr1_label_atom_id           C 
_struct_conn.pdbx_ptnr1_label_alt_id       ? 
_struct_conn.pdbx_ptnr1_PDB_ins_code       ? 
_struct_conn.pdbx_ptnr1_standard_comp_id   ? 
_struct_conn.ptnr1_symmetry                1_555 
_struct_conn.ptnr2_label_asym_id           A 
_struct_conn.ptnr2_label_comp_id           NH2 
_struct_conn.ptnr2_label_seq_id            14 
_struct_conn.ptnr2_label_atom_id           N 
_struct_conn.pdbx_ptnr2_label_alt_id       ? 
_struct_conn.pdbx_ptnr2_PDB_ins_code       ? 
_struct_conn.ptnr1_auth_asym_id            A 
_struct_conn.ptnr1_auth_comp_id            PHE 
_struct_conn.ptnr1_auth_seq_id             13 
_struct_conn.ptnr2_auth_asym_id            A 
_struct_conn.ptnr2_auth_comp_id            NH2 
_struct_conn.ptnr2_auth_seq_id             14 
_struct_conn.ptnr2_symmetry                1_555 
_struct_conn.pdbx_ptnr3_label_atom_id      ? 
_struct_conn.pdbx_ptnr3_label_seq_id       ? 
_struct_conn.pdbx_ptnr3_label_comp_id      ? 
_struct_conn.pdbx_ptnr3_label_asym_id      ? 
_struct_conn.pdbx_ptnr3_label_alt_id       ? 
_struct_conn.pdbx_ptnr3_PDB_ins_code       ? 
_struct_conn.details                       ? 
_struct_conn.pdbx_dist_value               1.323 
_struct_conn.pdbx_value_order              ? 
_struct_conn.pdbx_role                     ? 
# 
_struct_conn_type.id          covale 
_struct_conn_type.criteria    ? 
_struct_conn_type.reference   ? 
# 
_pdbx_modification_feature.ordinal                            1 
_pdbx_modification_feature.label_comp_id                      NH2 
_pdbx_modification_feature.label_asym_id                      A 
_pdbx_modification_feature.label_seq_id                       14 
_pdbx_modification_feature.label_alt_id                       ? 
_pdbx_modification_feature.modified_residue_label_comp_id     PHE 
_pdbx_modification_feature.modified_residue_label_asym_id     A 
_pdbx_modification_feature.modified_residue_label_seq_id      13 
_pdbx_modification_feature.modified_residue_label_alt_id      ? 
_pdbx_modification_feature.auth_comp_id                       NH2 
_pdbx_modification_feature.auth_asym_id                       A 
_pdbx_modification_feature.auth_seq_id                        14 
_pdbx_modification_feature.PDB_ins_code                       ? 
_pdbx_modification_feature.symmetry                           1_555 
_pdbx_modification_feature.modified_residue_auth_comp_id      PHE 
_pdbx_modification_feature.modified_residue_auth_asym_id      A 
_pdbx_modification_feature.modified_residue_auth_seq_id       13 
_pdbx_modification_feature.modified_residue_PDB_ins_code      ? 
_pdbx_modification_feature.modified_residue_symmetry          1_555 
_pdbx_modification_feature.comp_id_linking_atom               . 
_pdbx_modification_feature.modified_residue_id_linking_atom   . 
_pdbx_modification_feature.modified_residue_id                PHE 
_pdbx_modification_feature.ref_pcm_id                         15 
_pdbx_modification_feature.ref_comp_id                        NH2 
_pdbx_modification_feature.type                               None 
_pdbx_modification_feature.category                           'Terminal amidation' 
# 
_pdbx_entry_details.entry_id                   7M79 
_pdbx_entry_details.has_ligand_of_interest     N 
_pdbx_entry_details.compound_details           ? 
_pdbx_entry_details.source_details             ? 
_pdbx_entry_details.nonpolymer_details         ? 
_pdbx_entry_details.sequence_details           ? 
_pdbx_entry_details.has_protein_modification   Y 
# 
loop_
_pdbx_validate_close_contact.id 
_pdbx_validate_close_contact.PDB_model_num 
_pdbx_validate_close_contact.auth_atom_id_1 
_pdbx_validate_close_contact.auth_asym_id_1 
_pdbx_validate_close_contact.auth_comp_id_1 
_pdbx_validate_close_contact.auth_seq_id_1 
_pdbx_validate_close_contact.PDB_ins_code_1 
_pdbx_validate_close_contact.label_alt_id_1 
_pdbx_validate_close_contact.auth_atom_id_2 
_pdbx_validate_close_contact.auth_asym_id_2 
_pdbx_validate_close_contact.auth_comp_id_2 
_pdbx_validate_close_contact.auth_seq_id_2 
_pdbx_validate_close_contact.PDB_ins_code_2 
_pdbx_validate_close_contact.label_alt_id_2 
_pdbx_validate_close_contact.dist 
1 1 H3 A GLY 1 ? ? OD2 A ASP 4 ? ? 1.60 
2 7 H2 A GLY 1 ? ? OD2 A ASP 4 ? ? 1.58 
# 
_pdbx_nmr_ensemble.entry_id                                      7M79 
_pdbx_nmr_ensemble.conformers_calculated_total_number            40 
_pdbx_nmr_ensemble.conformers_submitted_total_number             10 
_pdbx_nmr_ensemble.conformer_selection_criteria                  'structures with the lowest energy' 
_pdbx_nmr_ensemble.representative_conformer                      ? 
_pdbx_nmr_ensemble.average_constraints_per_residue               ? 
_pdbx_nmr_ensemble.average_constraint_violations_per_residue     ? 
_pdbx_nmr_ensemble.maximum_distance_constraint_violation         ? 
_pdbx_nmr_ensemble.average_distance_constraint_violation         ? 
_pdbx_nmr_ensemble.maximum_upper_distance_constraint_violation   ? 
_pdbx_nmr_ensemble.maximum_lower_distance_constraint_violation   ? 
_pdbx_nmr_ensemble.distance_constraint_violation_method          ? 
_pdbx_nmr_ensemble.maximum_torsion_angle_constraint_violation    ? 
_pdbx_nmr_ensemble.average_torsion_angle_constraint_violation    ? 
_pdbx_nmr_ensemble.torsion_angle_constraint_violation_method     ? 
# 
_pdbx_nmr_representative.entry_id             7M79 
_pdbx_nmr_representative.conformer_id         1 
_pdbx_nmr_representative.selection_criteria   'lowest energy' 
# 
_pdbx_nmr_sample_details.solution_id      1 
_pdbx_nmr_sample_details.contents         '90 % Buffer, 0.5 % DSS, 2 mM peptide, 200 mM DPC, 90% H2O/10% D2O' 
_pdbx_nmr_sample_details.solvent_system   '90% H2O/10% D2O' 
_pdbx_nmr_sample_details.label            1H_sample 
_pdbx_nmr_sample_details.type             solution 
_pdbx_nmr_sample_details.details          ? 
# 
loop_
_pdbx_nmr_exptl_sample.solution_id 
_pdbx_nmr_exptl_sample.component 
_pdbx_nmr_exptl_sample.concentration 
_pdbx_nmr_exptl_sample.concentration_range 
_pdbx_nmr_exptl_sample.concentration_units 
_pdbx_nmr_exptl_sample.isotopic_labeling 
1 Buffer  90  ? %  'natural abundance' 
1 DSS     0.5 ? %  'natural abundance' 
1 peptide 2   ? mM 'natural abundance' 
1 DPC     200 ? mM 'natural abundance' 
# 
_pdbx_nmr_exptl_sample_conditions.conditions_id          1 
_pdbx_nmr_exptl_sample_conditions.temperature            300 
_pdbx_nmr_exptl_sample_conditions.pressure_units         atm 
_pdbx_nmr_exptl_sample_conditions.pressure               1 
_pdbx_nmr_exptl_sample_conditions.pH                     6.2 
_pdbx_nmr_exptl_sample_conditions.ionic_strength         50 
_pdbx_nmr_exptl_sample_conditions.details                ? 
_pdbx_nmr_exptl_sample_conditions.ionic_strength_err     ? 
_pdbx_nmr_exptl_sample_conditions.ionic_strength_units   mM 
_pdbx_nmr_exptl_sample_conditions.label                  conditions_1 
_pdbx_nmr_exptl_sample_conditions.pH_err                 ? 
_pdbx_nmr_exptl_sample_conditions.pH_units               pH 
_pdbx_nmr_exptl_sample_conditions.pressure_err           ? 
_pdbx_nmr_exptl_sample_conditions.temperature_err        ? 
_pdbx_nmr_exptl_sample_conditions.temperature_units      K 
# 
loop_
_pdbx_nmr_exptl.experiment_id 
_pdbx_nmr_exptl.conditions_id 
_pdbx_nmr_exptl.solution_id 
_pdbx_nmr_exptl.type 
_pdbx_nmr_exptl.spectrometer_id 
_pdbx_nmr_exptl.sample_state 
1 1 1 '2D 1H-1H TOCSY' 1 isotropic 
2 1 1 '2D 1H-1H NOESY' 1 isotropic 
3 1 1 '2D 1H-13C HSQC' 1 isotropic 
# 
_pdbx_nmr_refine.entry_id           7M79 
_pdbx_nmr_refine.method             'simulated annealing' 
_pdbx_nmr_refine.details            ? 
_pdbx_nmr_refine.software_ordinal   4 
# 
loop_
_pdbx_nmr_software.ordinal 
_pdbx_nmr_software.classification 
_pdbx_nmr_software.name 
_pdbx_nmr_software.version 
_pdbx_nmr_software.authors 
1 processing              TopSpin           ? 'Bruker Biospin'                               
2 'data analysis'         'CcpNmr Analysis' ? CCPN                                           
3 'structure calculation' ARIA              ? 
;Linge, O'Donoghue and Nilges
;
4 refinement              CNS               ? 'Brunger, Adams, Clore, Gros, Nilges and Read' 
# 
loop_
_chem_comp_atom.comp_id 
_chem_comp_atom.atom_id 
_chem_comp_atom.type_symbol 
_chem_comp_atom.pdbx_aromatic_flag 
_chem_comp_atom.pdbx_stereo_config 
_chem_comp_atom.pdbx_ordinal 
ASN N    N N N 1   
ASN CA   C N S 2   
ASN C    C N N 3   
ASN O    O N N 4   
ASN CB   C N N 5   
ASN CG   C N N 6   
ASN OD1  O N N 7   
ASN ND2  N N N 8   
ASN OXT  O N N 9   
ASN H    H N N 10  
ASN H2   H N N 11  
ASN HA   H N N 12  
ASN HB2  H N N 13  
ASN HB3  H N N 14  
ASN HD21 H N N 15  
ASN HD22 H N N 16  
ASN HXT  H N N 17  
ASP N    N N N 18  
ASP CA   C N S 19  
ASP C    C N N 20  
ASP O    O N N 21  
ASP CB   C N N 22  
ASP CG   C N N 23  
ASP OD1  O N N 24  
ASP OD2  O N N 25  
ASP OXT  O N N 26  
ASP H    H N N 27  
ASP H2   H N N 28  
ASP HA   H N N 29  
ASP HB2  H N N 30  
ASP HB3  H N N 31  
ASP HD2  H N N 32  
ASP HXT  H N N 33  
GLY N    N N N 34  
GLY CA   C N N 35  
GLY C    C N N 36  
GLY O    O N N 37  
GLY OXT  O N N 38  
GLY H    H N N 39  
GLY H2   H N N 40  
GLY HA2  H N N 41  
GLY HA3  H N N 42  
GLY HXT  H N N 43  
ILE N    N N N 44  
ILE CA   C N S 45  
ILE C    C N N 46  
ILE O    O N N 47  
ILE CB   C N S 48  
ILE CG1  C N N 49  
ILE CG2  C N N 50  
ILE CD1  C N N 51  
ILE OXT  O N N 52  
ILE H    H N N 53  
ILE H2   H N N 54  
ILE HA   H N N 55  
ILE HB   H N N 56  
ILE HG12 H N N 57  
ILE HG13 H N N 58  
ILE HG21 H N N 59  
ILE HG22 H N N 60  
ILE HG23 H N N 61  
ILE HD11 H N N 62  
ILE HD12 H N N 63  
ILE HD13 H N N 64  
ILE HXT  H N N 65  
LEU N    N N N 66  
LEU CA   C N S 67  
LEU C    C N N 68  
LEU O    O N N 69  
LEU CB   C N N 70  
LEU CG   C N N 71  
LEU CD1  C N N 72  
LEU CD2  C N N 73  
LEU OXT  O N N 74  
LEU H    H N N 75  
LEU H2   H N N 76  
LEU HA   H N N 77  
LEU HB2  H N N 78  
LEU HB3  H N N 79  
LEU HG   H N N 80  
LEU HD11 H N N 81  
LEU HD12 H N N 82  
LEU HD13 H N N 83  
LEU HD21 H N N 84  
LEU HD22 H N N 85  
LEU HD23 H N N 86  
LEU HXT  H N N 87  
LYS N    N N N 88  
LYS CA   C N S 89  
LYS C    C N N 90  
LYS O    O N N 91  
LYS CB   C N N 92  
LYS CG   C N N 93  
LYS CD   C N N 94  
LYS CE   C N N 95  
LYS NZ   N N N 96  
LYS OXT  O N N 97  
LYS H    H N N 98  
LYS H2   H N N 99  
LYS HA   H N N 100 
LYS HB2  H N N 101 
LYS HB3  H N N 102 
LYS HG2  H N N 103 
LYS HG3  H N N 104 
LYS HD2  H N N 105 
LYS HD3  H N N 106 
LYS HE2  H N N 107 
LYS HE3  H N N 108 
LYS HZ1  H N N 109 
LYS HZ2  H N N 110 
LYS HZ3  H N N 111 
LYS HXT  H N N 112 
NH2 N    N N N 113 
NH2 HN1  H N N 114 
NH2 HN2  H N N 115 
PHE N    N N N 116 
PHE CA   C N S 117 
PHE C    C N N 118 
PHE O    O N N 119 
PHE CB   C N N 120 
PHE CG   C Y N 121 
PHE CD1  C Y N 122 
PHE CD2  C Y N 123 
PHE CE1  C Y N 124 
PHE CE2  C Y N 125 
PHE CZ   C Y N 126 
PHE OXT  O N N 127 
PHE H    H N N 128 
PHE H2   H N N 129 
PHE HA   H N N 130 
PHE HB2  H N N 131 
PHE HB3  H N N 132 
PHE HD1  H N N 133 
PHE HD2  H N N 134 
PHE HE1  H N N 135 
PHE HE2  H N N 136 
PHE HZ   H N N 137 
PHE HXT  H N N 138 
SER N    N N N 139 
SER CA   C N S 140 
SER C    C N N 141 
SER O    O N N 142 
SER CB   C N N 143 
SER OG   O N N 144 
SER OXT  O N N 145 
SER H    H N N 146 
SER H2   H N N 147 
SER HA   H N N 148 
SER HB2  H N N 149 
SER HB3  H N N 150 
SER HG   H N N 151 
SER HXT  H N N 152 
VAL N    N N N 153 
VAL CA   C N S 154 
VAL C    C N N 155 
VAL O    O N N 156 
VAL CB   C N N 157 
VAL CG1  C N N 158 
VAL CG2  C N N 159 
VAL OXT  O N N 160 
VAL H    H N N 161 
VAL H2   H N N 162 
VAL HA   H N N 163 
VAL HB   H N N 164 
VAL HG11 H N N 165 
VAL HG12 H N N 166 
VAL HG13 H N N 167 
VAL HG21 H N N 168 
VAL HG22 H N N 169 
VAL HG23 H N N 170 
VAL HXT  H N N 171 
# 
loop_
_chem_comp_bond.comp_id 
_chem_comp_bond.atom_id_1 
_chem_comp_bond.atom_id_2 
_chem_comp_bond.value_order 
_chem_comp_bond.pdbx_aromatic_flag 
_chem_comp_bond.pdbx_stereo_config 
_chem_comp_bond.pdbx_ordinal 
ASN N   CA   sing N N 1   
ASN N   H    sing N N 2   
ASN N   H2   sing N N 3   
ASN CA  C    sing N N 4   
ASN CA  CB   sing N N 5   
ASN CA  HA   sing N N 6   
ASN C   O    doub N N 7   
ASN C   OXT  sing N N 8   
ASN CB  CG   sing N N 9   
ASN CB  HB2  sing N N 10  
ASN CB  HB3  sing N N 11  
ASN CG  OD1  doub N N 12  
ASN CG  ND2  sing N N 13  
ASN ND2 HD21 sing N N 14  
ASN ND2 HD22 sing N N 15  
ASN OXT HXT  sing N N 16  
ASP N   CA   sing N N 17  
ASP N   H    sing N N 18  
ASP N   H2   sing N N 19  
ASP CA  C    sing N N 20  
ASP CA  CB   sing N N 21  
ASP CA  HA   sing N N 22  
ASP C   O    doub N N 23  
ASP C   OXT  sing N N 24  
ASP CB  CG   sing N N 25  
ASP CB  HB2  sing N N 26  
ASP CB  HB3  sing N N 27  
ASP CG  OD1  doub N N 28  
ASP CG  OD2  sing N N 29  
ASP OD2 HD2  sing N N 30  
ASP OXT HXT  sing N N 31  
GLY N   CA   sing N N 32  
GLY N   H    sing N N 33  
GLY N   H2   sing N N 34  
GLY CA  C    sing N N 35  
GLY CA  HA2  sing N N 36  
GLY CA  HA3  sing N N 37  
GLY C   O    doub N N 38  
GLY C   OXT  sing N N 39  
GLY OXT HXT  sing N N 40  
ILE N   CA   sing N N 41  
ILE N   H    sing N N 42  
ILE N   H2   sing N N 43  
ILE CA  C    sing N N 44  
ILE CA  CB   sing N N 45  
ILE CA  HA   sing N N 46  
ILE C   O    doub N N 47  
ILE C   OXT  sing N N 48  
ILE CB  CG1  sing N N 49  
ILE CB  CG2  sing N N 50  
ILE CB  HB   sing N N 51  
ILE CG1 CD1  sing N N 52  
ILE CG1 HG12 sing N N 53  
ILE CG1 HG13 sing N N 54  
ILE CG2 HG21 sing N N 55  
ILE CG2 HG22 sing N N 56  
ILE CG2 HG23 sing N N 57  
ILE CD1 HD11 sing N N 58  
ILE CD1 HD12 sing N N 59  
ILE CD1 HD13 sing N N 60  
ILE OXT HXT  sing N N 61  
LEU N   CA   sing N N 62  
LEU N   H    sing N N 63  
LEU N   H2   sing N N 64  
LEU CA  C    sing N N 65  
LEU CA  CB   sing N N 66  
LEU CA  HA   sing N N 67  
LEU C   O    doub N N 68  
LEU C   OXT  sing N N 69  
LEU CB  CG   sing N N 70  
LEU CB  HB2  sing N N 71  
LEU CB  HB3  sing N N 72  
LEU CG  CD1  sing N N 73  
LEU CG  CD2  sing N N 74  
LEU CG  HG   sing N N 75  
LEU CD1 HD11 sing N N 76  
LEU CD1 HD12 sing N N 77  
LEU CD1 HD13 sing N N 78  
LEU CD2 HD21 sing N N 79  
LEU CD2 HD22 sing N N 80  
LEU CD2 HD23 sing N N 81  
LEU OXT HXT  sing N N 82  
LYS N   CA   sing N N 83  
LYS N   H    sing N N 84  
LYS N   H2   sing N N 85  
LYS CA  C    sing N N 86  
LYS CA  CB   sing N N 87  
LYS CA  HA   sing N N 88  
LYS C   O    doub N N 89  
LYS C   OXT  sing N N 90  
LYS CB  CG   sing N N 91  
LYS CB  HB2  sing N N 92  
LYS CB  HB3  sing N N 93  
LYS CG  CD   sing N N 94  
LYS CG  HG2  sing N N 95  
LYS CG  HG3  sing N N 96  
LYS CD  CE   sing N N 97  
LYS CD  HD2  sing N N 98  
LYS CD  HD3  sing N N 99  
LYS CE  NZ   sing N N 100 
LYS CE  HE2  sing N N 101 
LYS CE  HE3  sing N N 102 
LYS NZ  HZ1  sing N N 103 
LYS NZ  HZ2  sing N N 104 
LYS NZ  HZ3  sing N N 105 
LYS OXT HXT  sing N N 106 
NH2 N   HN1  sing N N 107 
NH2 N   HN2  sing N N 108 
PHE N   CA   sing N N 109 
PHE N   H    sing N N 110 
PHE N   H2   sing N N 111 
PHE CA  C    sing N N 112 
PHE CA  CB   sing N N 113 
PHE CA  HA   sing N N 114 
PHE C   O    doub N N 115 
PHE C   OXT  sing N N 116 
PHE CB  CG   sing N N 117 
PHE CB  HB2  sing N N 118 
PHE CB  HB3  sing N N 119 
PHE CG  CD1  doub Y N 120 
PHE CG  CD2  sing Y N 121 
PHE CD1 CE1  sing Y N 122 
PHE CD1 HD1  sing N N 123 
PHE CD2 CE2  doub Y N 124 
PHE CD2 HD2  sing N N 125 
PHE CE1 CZ   doub Y N 126 
PHE CE1 HE1  sing N N 127 
PHE CE2 CZ   sing Y N 128 
PHE CE2 HE2  sing N N 129 
PHE CZ  HZ   sing N N 130 
PHE OXT HXT  sing N N 131 
SER N   CA   sing N N 132 
SER N   H    sing N N 133 
SER N   H2   sing N N 134 
SER CA  C    sing N N 135 
SER CA  CB   sing N N 136 
SER CA  HA   sing N N 137 
SER C   O    doub N N 138 
SER C   OXT  sing N N 139 
SER CB  OG   sing N N 140 
SER CB  HB2  sing N N 141 
SER CB  HB3  sing N N 142 
SER OG  HG   sing N N 143 
SER OXT HXT  sing N N 144 
VAL N   CA   sing N N 145 
VAL N   H    sing N N 146 
VAL N   H2   sing N N 147 
VAL CA  C    sing N N 148 
VAL CA  CB   sing N N 149 
VAL CA  HA   sing N N 150 
VAL C   O    doub N N 151 
VAL C   OXT  sing N N 152 
VAL CB  CG1  sing N N 153 
VAL CB  CG2  sing N N 154 
VAL CB  HB   sing N N 155 
VAL CG1 HG11 sing N N 156 
VAL CG1 HG12 sing N N 157 
VAL CG1 HG13 sing N N 158 
VAL CG2 HG21 sing N N 159 
VAL CG2 HG22 sing N N 160 
VAL CG2 HG23 sing N N 161 
VAL OXT HXT  sing N N 162 
# 
_pdbx_audit_support.funding_organization   'Coordination for the Improvement of Higher Education Personnel' 
_pdbx_audit_support.country                Brazil 
_pdbx_audit_support.grant_number           88882.349264/2019-01 
_pdbx_audit_support.ordinal                1 
# 
_pdbx_nmr_spectrometer.spectrometer_id   1 
_pdbx_nmr_spectrometer.model             'AVANCE III' 
_pdbx_nmr_spectrometer.type              ? 
_pdbx_nmr_spectrometer.manufacturer      Bruker 
_pdbx_nmr_spectrometer.field_strength    500 
_pdbx_nmr_spectrometer.details           ? 
# 
_atom_sites.entry_id                    7M79 
_atom_sites.Cartn_transf_matrix[1][1]   ? 
_atom_sites.Cartn_transf_matrix[1][2]   ? 
_atom_sites.Cartn_transf_matrix[1][3]   ? 
_atom_sites.Cartn_transf_matrix[2][1]   ? 
_atom_sites.Cartn_transf_matrix[2][2]   ? 
_atom_sites.Cartn_transf_matrix[2][3]   ? 
_atom_sites.Cartn_transf_matrix[3][1]   ? 
_atom_sites.Cartn_transf_matrix[3][2]   ? 
_atom_sites.Cartn_transf_matrix[3][3]   ? 
_atom_sites.Cartn_transf_vector[1]      ? 
_atom_sites.Cartn_transf_vector[2]      ? 
_atom_sites.Cartn_transf_vector[3]      ? 
_atom_sites.fract_transf_matrix[1][1]   1.000000 
_atom_sites.fract_transf_matrix[1][2]   0.000000 
_atom_sites.fract_transf_matrix[1][3]   0.000000 
_atom_sites.fract_transf_matrix[2][1]   0.000000 
_atom_sites.fract_transf_matrix[2][2]   1.000000 
_atom_sites.fract_transf_matrix[2][3]   0.000000 
_atom_sites.fract_transf_matrix[3][1]   0.000000 
_atom_sites.fract_transf_matrix[3][2]   0.000000 
_atom_sites.fract_transf_matrix[3][3]   1.000000 
_atom_sites.fract_transf_vector[1]      0.00000 
_atom_sites.fract_transf_vector[2]      0.00000 
_atom_sites.fract_transf_vector[3]      0.00000 
_atom_sites.solution_primary            ? 
_atom_sites.solution_secondary          ? 
_atom_sites.solution_hydrogens          ? 
_atom_sites.special_details             ? 
# 
loop_
_atom_type.symbol 
C 
H 
N 
O 
# 
loop_
_atom_site.group_PDB 
_atom_site.id 
_atom_site.type_symbol 
_atom_site.label_atom_id 
_atom_site.label_alt_id 
_atom_site.label_comp_id 
_atom_site.label_asym_id 
_atom_site.label_entity_id 
_atom_site.label_seq_id 
_atom_site.pdbx_PDB_ins_code 
_atom_site.Cartn_x 
_atom_site.Cartn_y 
_atom_site.Cartn_z 
_atom_site.occupancy 
_atom_site.B_iso_or_equiv 
_atom_site.pdbx_formal_charge 
_atom_site.auth_seq_id 
_atom_site.auth_comp_id 
_atom_site.auth_asym_id 
_atom_site.auth_atom_id 
_atom_site.pdbx_PDB_model_num 
ATOM   1    N N    . GLY A 1 1  ? -8.432  -1.021 4.052  1.00 0.00 ? 1  GLY A N    1  
ATOM   2    C CA   . GLY A 1 1  ? -8.160  -2.478 4.104  1.00 0.00 ? 1  GLY A CA   1  
ATOM   3    C C    . GLY A 1 1  ? -6.709  -2.791 3.816  1.00 0.00 ? 1  GLY A C    1  
ATOM   4    O O    . GLY A 1 1  ? -5.907  -1.883 3.594  1.00 0.00 ? 1  GLY A O    1  
ATOM   5    H H1   . GLY A 1 1  ? -7.830  -0.518 4.735  1.00 0.00 ? 1  GLY A H1   1  
ATOM   6    H H2   . GLY A 1 1  ? -9.427  -0.835 4.280  1.00 0.00 ? 1  GLY A H2   1  
ATOM   7    H H3   . GLY A 1 1  ? -8.234  -0.653 3.095  1.00 0.00 ? 1  GLY A H3   1  
ATOM   8    H HA2  . GLY A 1 1  ? -8.411  -2.846 5.088  1.00 0.00 ? 1  GLY A HA2  1  
ATOM   9    H HA3  . GLY A 1 1  ? -8.779  -2.978 3.374  1.00 0.00 ? 1  GLY A HA3  1  
ATOM   10   N N    . ILE A 1 2  ? -6.367  -4.075 3.801  1.00 0.00 ? 2  ILE A N    1  
ATOM   11   C CA   . ILE A 1 2  ? -4.987  -4.498 3.582  1.00 0.00 ? 2  ILE A CA   1  
ATOM   12   C C    . ILE A 1 2  ? -4.510  -4.084 2.190  1.00 0.00 ? 2  ILE A C    1  
ATOM   13   O O    . ILE A 1 2  ? -3.342  -3.739 2.003  1.00 0.00 ? 2  ILE A O    1  
ATOM   14   C CB   . ILE A 1 2  ? -4.827  -6.026 3.752  1.00 0.00 ? 2  ILE A CB   1  
ATOM   15   C CG1  . ILE A 1 2  ? -5.314  -6.471 5.136  1.00 0.00 ? 2  ILE A CG1  1  
ATOM   16   C CG2  . ILE A 1 2  ? -3.377  -6.445 3.540  1.00 0.00 ? 2  ILE A CG2  1  
ATOM   17   C CD1  . ILE A 1 2  ? -4.550  -5.853 6.289  1.00 0.00 ? 2  ILE A CD1  1  
ATOM   18   H H    . ILE A 1 2  ? -7.062  -4.757 3.939  1.00 0.00 ? 2  ILE A H    1  
ATOM   19   H HA   . ILE A 1 2  ? -4.370  -4.008 4.320  1.00 0.00 ? 2  ILE A HA   1  
ATOM   20   H HB   . ILE A 1 2  ? -5.426  -6.512 2.998  1.00 0.00 ? 2  ILE A HB   1  
ATOM   21   H HG12 . ILE A 1 2  ? -6.352  -6.201 5.247  1.00 0.00 ? 2  ILE A HG12 1  
ATOM   22   H HG13 . ILE A 1 2  ? -5.218  -7.546 5.214  1.00 0.00 ? 2  ILE A HG13 1  
ATOM   23   H HG21 . ILE A 1 2  ? -3.068  -6.179 2.539  1.00 0.00 ? 2  ILE A HG21 1  
ATOM   24   H HG22 . ILE A 1 2  ? -3.288  -7.513 3.673  1.00 0.00 ? 2  ILE A HG22 1  
ATOM   25   H HG23 . ILE A 1 2  ? -2.748  -5.939 4.257  1.00 0.00 ? 2  ILE A HG23 1  
ATOM   26   H HD11 . ILE A 1 2  ? -4.934  -6.237 7.223  1.00 0.00 ? 2  ILE A HD11 1  
ATOM   27   H HD12 . ILE A 1 2  ? -4.670  -4.780 6.266  1.00 0.00 ? 2  ILE A HD12 1  
ATOM   28   H HD13 . ILE A 1 2  ? -3.503  -6.100 6.201  1.00 0.00 ? 2  ILE A HD13 1  
ATOM   29   N N    . LEU A 1 3  ? -5.424  -4.097 1.225  1.00 0.00 ? 3  LEU A N    1  
ATOM   30   C CA   . LEU A 1 3  ? -5.102  -3.684 -0.137 1.00 0.00 ? 3  LEU A CA   1  
ATOM   31   C C    . LEU A 1 3  ? -4.661  -2.222 -0.165 1.00 0.00 ? 3  LEU A C    1  
ATOM   32   O O    . LEU A 1 3  ? -3.826  -1.833 -0.982 1.00 0.00 ? 3  LEU A O    1  
ATOM   33   C CB   . LEU A 1 3  ? -6.292  -3.898 -1.092 1.00 0.00 ? 3  LEU A CB   1  
ATOM   34   C CG   . LEU A 1 3  ? -7.478  -2.933 -0.938 1.00 0.00 ? 3  LEU A CG   1  
ATOM   35   C CD1  . LEU A 1 3  ? -8.389  -3.024 -2.151 1.00 0.00 ? 3  LEU A CD1  1  
ATOM   36   C CD2  . LEU A 1 3  ? -8.271  -3.233 0.325  1.00 0.00 ? 3  LEU A CD2  1  
ATOM   37   H H    . LEU A 1 3  ? -6.333  -4.407 1.431  1.00 0.00 ? 3  LEU A H    1  
ATOM   38   H HA   . LEU A 1 3  ? -4.276  -4.294 -0.472 1.00 0.00 ? 3  LEU A HA   1  
ATOM   39   H HB2  . LEU A 1 3  ? -5.925  -3.815 -2.103 1.00 0.00 ? 3  LEU A HB2  1  
ATOM   40   H HB3  . LEU A 1 3  ? -6.658  -4.903 -0.946 1.00 0.00 ? 3  LEU A HB3  1  
ATOM   41   H HG   . LEU A 1 3  ? -7.106  -1.920 -0.871 1.00 0.00 ? 3  LEU A HG   1  
ATOM   42   H HD11 . LEU A 1 3  ? -7.834  -2.766 -3.041 1.00 0.00 ? 3  LEU A HD11 1  
ATOM   43   H HD12 . LEU A 1 3  ? -9.216  -2.339 -2.032 1.00 0.00 ? 3  LEU A HD12 1  
ATOM   44   H HD13 . LEU A 1 3  ? -8.768  -4.032 -2.242 1.00 0.00 ? 3  LEU A HD13 1  
ATOM   45   H HD21 . LEU A 1 3  ? -8.659  -4.239 0.275  1.00 0.00 ? 3  LEU A HD21 1  
ATOM   46   H HD22 . LEU A 1 3  ? -9.090  -2.536 0.409  1.00 0.00 ? 3  LEU A HD22 1  
ATOM   47   H HD23 . LEU A 1 3  ? -7.627  -3.138 1.187  1.00 0.00 ? 3  LEU A HD23 1  
ATOM   48   N N    . ASP A 1 4  ? -5.214  -1.423 0.746  1.00 0.00 ? 4  ASP A N    1  
ATOM   49   C CA   . ASP A 1 4  ? -4.860  -0.009 0.851  1.00 0.00 ? 4  ASP A CA   1  
ATOM   50   C C    . ASP A 1 4  ? -3.471  0.137  1.443  1.00 0.00 ? 4  ASP A C    1  
ATOM   51   O O    . ASP A 1 4  ? -2.707  1.021  1.054  1.00 0.00 ? 4  ASP A O    1  
ATOM   52   C CB   . ASP A 1 4  ? -5.866  0.749  1.722  1.00 0.00 ? 4  ASP A CB   1  
ATOM   53   C CG   . ASP A 1 4  ? -7.272  0.706  1.169  1.00 0.00 ? 4  ASP A CG   1  
ATOM   54   O OD1  . ASP A 1 4  ? -7.612  1.560  0.324  1.00 0.00 ? 4  ASP A OD1  1  
ATOM   55   O OD2  . ASP A 1 4  ? -8.046  -0.183 1.578  1.00 0.00 ? 4  ASP A OD2  1  
ATOM   56   H H    . ASP A 1 4  ? -5.874  -1.794 1.367  1.00 0.00 ? 4  ASP A H    1  
ATOM   57   H HA   . ASP A 1 4  ? -4.864  0.410  -0.144 1.00 0.00 ? 4  ASP A HA   1  
ATOM   58   H HB2  . ASP A 1 4  ? -5.877  0.313  2.709  1.00 0.00 ? 4  ASP A HB2  1  
ATOM   59   H HB3  . ASP A 1 4  ? -5.559  1.783  1.794  1.00 0.00 ? 4  ASP A HB3  1  
ATOM   60   N N    . ILE A 1 5  ? -3.156  -0.736 2.389  1.00 0.00 ? 5  ILE A N    1  
ATOM   61   C CA   . ILE A 1 5  ? -1.837  -0.759 3.005  1.00 0.00 ? 5  ILE A CA   1  
ATOM   62   C C    . ILE A 1 5  ? -0.791  -1.174 1.976  1.00 0.00 ? 5  ILE A C    1  
ATOM   63   O O    . ILE A 1 5  ? 0.266   -0.551 1.862  1.00 0.00 ? 5  ILE A O    1  
ATOM   64   C CB   . ILE A 1 5  ? -1.795  -1.729 4.208  1.00 0.00 ? 5  ILE A CB   1  
ATOM   65   C CG1  . ILE A 1 5  ? -2.857  -1.336 5.241  1.00 0.00 ? 5  ILE A CG1  1  
ATOM   66   C CG2  . ILE A 1 5  ? -0.408  -1.740 4.839  1.00 0.00 ? 5  ILE A CG2  1  
ATOM   67   C CD1  . ILE A 1 5  ? -2.926  -2.268 6.432  1.00 0.00 ? 5  ILE A CD1  1  
ATOM   68   H H    . ILE A 1 5  ? -3.832  -1.384 2.684  1.00 0.00 ? 5  ILE A H    1  
ATOM   69   H HA   . ILE A 1 5  ? -1.613  0.238  3.357  1.00 0.00 ? 5  ILE A HA   1  
ATOM   70   H HB   . ILE A 1 5  ? -2.007  -2.723 3.846  1.00 0.00 ? 5  ILE A HB   1  
ATOM   71   H HG12 . ILE A 1 5  ? -2.640  -0.344 5.610  1.00 0.00 ? 5  ILE A HG12 1  
ATOM   72   H HG13 . ILE A 1 5  ? -3.826  -1.333 4.764  1.00 0.00 ? 5  ILE A HG13 1  
ATOM   73   H HG21 . ILE A 1 5  ? -0.156  -0.744 5.173  1.00 0.00 ? 5  ILE A HG21 1  
ATOM   74   H HG22 . ILE A 1 5  ? 0.317   -2.069 4.111  1.00 0.00 ? 5  ILE A HG22 1  
ATOM   75   H HG23 . ILE A 1 5  ? -0.402  -2.414 5.683  1.00 0.00 ? 5  ILE A HG23 1  
ATOM   76   H HD11 . ILE A 1 5  ? -1.985  -2.246 6.962  1.00 0.00 ? 5  ILE A HD11 1  
ATOM   77   H HD12 . ILE A 1 5  ? -3.123  -3.274 6.091  1.00 0.00 ? 5  ILE A HD12 1  
ATOM   78   H HD13 . ILE A 1 5  ? -3.719  -1.950 7.093  1.00 0.00 ? 5  ILE A HD13 1  
ATOM   79   N N    . LEU A 1 6  ? -1.102  -2.216 1.215  1.00 0.00 ? 6  LEU A N    1  
ATOM   80   C CA   . LEU A 1 6  ? -0.227  -2.673 0.145  1.00 0.00 ? 6  LEU A CA   1  
ATOM   81   C C    . LEU A 1 6  ? -0.051  -1.578 -0.902 1.00 0.00 ? 6  LEU A C    1  
ATOM   82   O O    . LEU A 1 6  ? 1.045   -1.372 -1.427 1.00 0.00 ? 6  LEU A O    1  
ATOM   83   C CB   . LEU A 1 6  ? -0.789  -3.933 -0.503 1.00 0.00 ? 6  LEU A CB   1  
ATOM   84   C CG   . LEU A 1 6  ? 0.103   -4.556 -1.575 1.00 0.00 ? 6  LEU A CG   1  
ATOM   85   C CD1  . LEU A 1 6  ? 1.467   -4.916 -1.003 1.00 0.00 ? 6  LEU A CD1  1  
ATOM   86   C CD2  . LEU A 1 6  ? -0.564  -5.784 -2.153 1.00 0.00 ? 6  LEU A CD2  1  
ATOM   87   H H    . LEU A 1 6  ? -1.945  -2.698 1.384  1.00 0.00 ? 6  LEU A H    1  
ATOM   88   H HA   . LEU A 1 6  ? 0.735   -2.905 0.573  1.00 0.00 ? 6  LEU A HA   1  
ATOM   89   H HB2  . LEU A 1 6  ? -0.955  -4.667 0.272  1.00 0.00 ? 6  LEU A HB2  1  
ATOM   90   H HB3  . LEU A 1 6  ? -1.740  -3.688 -0.954 1.00 0.00 ? 6  LEU A HB3  1  
ATOM   91   H HG   . LEU A 1 6  ? 0.250   -3.845 -2.374 1.00 0.00 ? 6  LEU A HG   1  
ATOM   92   H HD11 . LEU A 1 6  ? 1.339   -5.585 -0.165 1.00 0.00 ? 6  LEU A HD11 1  
ATOM   93   H HD12 . LEU A 1 6  ? 1.967   -4.018 -0.674 1.00 0.00 ? 6  LEU A HD12 1  
ATOM   94   H HD13 . LEU A 1 6  ? 2.059   -5.401 -1.764 1.00 0.00 ? 6  LEU A HD13 1  
ATOM   95   H HD21 . LEU A 1 6  ? 0.061   -6.203 -2.924 1.00 0.00 ? 6  LEU A HD21 1  
ATOM   96   H HD22 . LEU A 1 6  ? -1.521  -5.510 -2.568 1.00 0.00 ? 6  LEU A HD22 1  
ATOM   97   H HD23 . LEU A 1 6  ? -0.705  -6.510 -1.368 1.00 0.00 ? 6  LEU A HD23 1  
ATOM   98   N N    . ASN A 1 7  ? -1.140  -0.874 -1.190 1.00 0.00 ? 7  ASN A N    1  
ATOM   99   C CA   . ASN A 1 7  ? -1.114  0.257  -2.111 1.00 0.00 ? 7  ASN A CA   1  
ATOM   100  C C    . ASN A 1 7  ? -0.147  1.315  -1.609 1.00 0.00 ? 7  ASN A C    1  
ATOM   101  O O    . ASN A 1 7  ? 0.723   1.780  -2.342 1.00 0.00 ? 7  ASN A O    1  
ATOM   102  C CB   . ASN A 1 7  ? -2.510  0.863  -2.239 1.00 0.00 ? 7  ASN A CB   1  
ATOM   103  C CG   . ASN A 1 7  ? -2.587  1.949  -3.297 1.00 0.00 ? 7  ASN A CG   1  
ATOM   104  O OD1  . ASN A 1 7  ? -2.423  3.134  -3.005 1.00 0.00 ? 7  ASN A OD1  1  
ATOM   105  N ND2  . ASN A 1 7  ? -2.838  1.554  -4.535 1.00 0.00 ? 7  ASN A ND2  1  
ATOM   106  H H    . ASN A 1 7  ? -1.994  -1.127 -0.775 1.00 0.00 ? 7  ASN A H    1  
ATOM   107  H HA   . ASN A 1 7  ? -0.785  -0.097 -3.077 1.00 0.00 ? 7  ASN A HA   1  
ATOM   108  H HB2  . ASN A 1 7  ? -3.208  0.086  -2.494 1.00 0.00 ? 7  ASN A HB2  1  
ATOM   109  H HB3  . ASN A 1 7  ? -2.794  1.293  -1.291 1.00 0.00 ? 7  ASN A HB3  1  
ATOM   110  H HD21 . ASN A 1 7  ? -2.961  0.593  -4.701 1.00 0.00 ? 7  ASN A HD21 1  
ATOM   111  H HD22 . ASN A 1 7  ? -2.892  2.237  -5.238 1.00 0.00 ? 7  ASN A HD22 1  
ATOM   112  N N    . LYS A 1 8  ? -0.316  1.675  -0.345 1.00 0.00 ? 8  LYS A N    1  
ATOM   113  C CA   . LYS A 1 8  ? 0.563   2.624  0.323  1.00 0.00 ? 8  LYS A CA   1  
ATOM   114  C C    . LYS A 1 8  ? 2.023   2.203  0.182  1.00 0.00 ? 8  LYS A C    1  
ATOM   115  O O    . LYS A 1 8  ? 2.856   2.972  -0.295 1.00 0.00 ? 8  LYS A O    1  
ATOM   116  C CB   . LYS A 1 8  ? 0.197   2.705  1.804  1.00 0.00 ? 8  LYS A CB   1  
ATOM   117  C CG   . LYS A 1 8  ? 0.478   4.053  2.441  1.00 0.00 ? 8  LYS A CG   1  
ATOM   118  C CD   . LYS A 1 8  ? -0.757  4.945  2.422  1.00 0.00 ? 8  LYS A CD   1  
ATOM   119  C CE   . LYS A 1 8  ? -1.136  5.387  1.018  1.00 0.00 ? 8  LYS A CE   1  
ATOM   120  N NZ   . LYS A 1 8  ? -2.409  6.156  1.001  1.00 0.00 ? 8  LYS A NZ   1  
ATOM   121  H H    . LYS A 1 8  ? -1.079  1.302  0.155  1.00 0.00 ? 8  LYS A H    1  
ATOM   122  H HA   . LYS A 1 8  ? 0.428   3.591  -0.133 1.00 0.00 ? 8  LYS A HA   1  
ATOM   123  H HB2  . LYS A 1 8  ? -0.857  2.495  1.913  1.00 0.00 ? 8  LYS A HB2  1  
ATOM   124  H HB3  . LYS A 1 8  ? 0.759   1.954  2.342  1.00 0.00 ? 8  LYS A HB3  1  
ATOM   125  H HG2  . LYS A 1 8  ? 0.787   3.899  3.464  1.00 0.00 ? 8  LYS A HG2  1  
ATOM   126  H HG3  . LYS A 1 8  ? 1.271   4.538  1.892  1.00 0.00 ? 8  LYS A HG3  1  
ATOM   127  H HD2  . LYS A 1 8  ? -1.583  4.392  2.840  1.00 0.00 ? 8  LYS A HD2  1  
ATOM   128  H HD3  . LYS A 1 8  ? -0.566  5.819  3.027  1.00 0.00 ? 8  LYS A HD3  1  
ATOM   129  H HE2  . LYS A 1 8  ? -0.346  6.005  0.623  1.00 0.00 ? 8  LYS A HE2  1  
ATOM   130  H HE3  . LYS A 1 8  ? -1.248  4.510  0.398  1.00 0.00 ? 8  LYS A HE3  1  
ATOM   131  H HZ1  . LYS A 1 8  ? -3.203  5.539  1.273  1.00 0.00 ? 8  LYS A HZ1  1  
ATOM   132  H HZ2  . LYS A 1 8  ? -2.589  6.527  0.047  1.00 0.00 ? 8  LYS A HZ2  1  
ATOM   133  H HZ3  . LYS A 1 8  ? -2.361  6.953  1.668  1.00 0.00 ? 8  LYS A HZ3  1  
ATOM   134  N N    . VAL A 1 9  ? 2.314   0.974  0.590  1.00 0.00 ? 9  VAL A N    1  
ATOM   135  C CA   . VAL A 1 9  ? 3.666   0.427  0.524  1.00 0.00 ? 9  VAL A CA   1  
ATOM   136  C C    . VAL A 1 9  ? 4.228   0.490  -0.897 1.00 0.00 ? 9  VAL A C    1  
ATOM   137  O O    . VAL A 1 9  ? 5.301   1.046  -1.121 1.00 0.00 ? 9  VAL A O    1  
ATOM   138  C CB   . VAL A 1 9  ? 3.699   -1.035 1.029  1.00 0.00 ? 9  VAL A CB   1  
ATOM   139  C CG1  . VAL A 1 9  ? 5.075   -1.657 0.839  1.00 0.00 ? 9  VAL A CG1  1  
ATOM   140  C CG2  . VAL A 1 9  ? 3.292   -1.099 2.491  1.00 0.00 ? 9  VAL A CG2  1  
ATOM   141  H H    . VAL A 1 9  ? 1.592   0.415  0.960  1.00 0.00 ? 9  VAL A H    1  
ATOM   142  H HA   . VAL A 1 9  ? 4.294   1.021  1.171  1.00 0.00 ? 9  VAL A HA   1  
ATOM   143  H HB   . VAL A 1 9  ? 2.986   -1.609 0.456  1.00 0.00 ? 9  VAL A HB   1  
ATOM   144  H HG11 . VAL A 1 9  ? 5.054   -2.683 1.175  1.00 0.00 ? 9  VAL A HG11 1  
ATOM   145  H HG12 . VAL A 1 9  ? 5.803   -1.106 1.415  1.00 0.00 ? 9  VAL A HG12 1  
ATOM   146  H HG13 . VAL A 1 9  ? 5.344   -1.626 -0.207 1.00 0.00 ? 9  VAL A HG13 1  
ATOM   147  H HG21 . VAL A 1 9  ? 3.971   -0.500 3.081  1.00 0.00 ? 9  VAL A HG21 1  
ATOM   148  H HG22 . VAL A 1 9  ? 3.329   -2.124 2.830  1.00 0.00 ? 9  VAL A HG22 1  
ATOM   149  H HG23 . VAL A 1 9  ? 2.287   -0.719 2.602  1.00 0.00 ? 9  VAL A HG23 1  
ATOM   150  N N    . SER A 1 10 ? 3.489   -0.051 -1.857 1.00 0.00 ? 10 SER A N    1  
ATOM   151  C CA   . SER A 1 10 ? 3.962   -0.115 -3.236 1.00 0.00 ? 10 SER A CA   1  
ATOM   152  C C    . SER A 1 10 ? 4.096   1.280  -3.851 1.00 0.00 ? 10 SER A C    1  
ATOM   153  O O    . SER A 1 10 ? 4.875   1.485  -4.785 1.00 0.00 ? 10 SER A O    1  
ATOM   154  C CB   . SER A 1 10 ? 3.027   -0.994 -4.075 1.00 0.00 ? 10 SER A CB   1  
ATOM   155  O OG   . SER A 1 10 ? 1.669   -0.597 -3.933 1.00 0.00 ? 10 SER A OG   1  
ATOM   156  H H    . SER A 1 10 ? 2.606   -0.417 -1.634 1.00 0.00 ? 10 SER A H    1  
ATOM   157  H HA   . SER A 1 10 ? 4.939   -0.572 -3.220 1.00 0.00 ? 10 SER A HA   1  
ATOM   158  H HB2  . SER A 1 10 ? 3.302   -0.916 -5.115 1.00 0.00 ? 10 SER A HB2  1  
ATOM   159  H HB3  . SER A 1 10 ? 3.122   -2.020 -3.755 1.00 0.00 ? 10 SER A HB3  1  
ATOM   160  H HG   . SER A 1 10 ? 1.362   -0.818 -3.041 1.00 0.00 ? 10 SER A HG   1  
ATOM   161  N N    . ASN A 1 11 ? 3.347   2.237  -3.320 1.00 0.00 ? 11 ASN A N    1  
ATOM   162  C CA   . ASN A 1 11 ? 3.417   3.616  -3.789 1.00 0.00 ? 11 ASN A CA   1  
ATOM   163  C C    . ASN A 1 11 ? 4.659   4.295  -3.230 1.00 0.00 ? 11 ASN A C    1  
ATOM   164  O O    . ASN A 1 11 ? 5.392   4.970  -3.953 1.00 0.00 ? 11 ASN A O    1  
ATOM   165  C CB   . ASN A 1 11 ? 2.168   4.389  -3.352 1.00 0.00 ? 11 ASN A CB   1  
ATOM   166  C CG   . ASN A 1 11 ? 1.951   5.698  -4.107 1.00 0.00 ? 11 ASN A CG   1  
ATOM   167  O OD1  . ASN A 1 11 ? 0.813   6.103  -4.343 1.00 0.00 ? 11 ASN A OD1  1  
ATOM   168  N ND2  . ASN A 1 11 ? 3.023   6.382  -4.478 1.00 0.00 ? 11 ASN A ND2  1  
ATOM   169  H H    . ASN A 1 11 ? 2.719   2.007  -2.599 1.00 0.00 ? 11 ASN A H    1  
ATOM   170  H HA   . ASN A 1 11 ? 3.473   3.605  -4.867 1.00 0.00 ? 11 ASN A HA   1  
ATOM   171  H HB2  . ASN A 1 11 ? 1.306   3.765  -3.501 1.00 0.00 ? 11 ASN A HB2  1  
ATOM   172  H HB3  . ASN A 1 11 ? 2.255   4.619  -2.299 1.00 0.00 ? 11 ASN A HB3  1  
ATOM   173  H HD21 . ASN A 1 11 ? 3.910   6.022  -4.254 1.00 0.00 ? 11 ASN A HD21 1  
ATOM   174  H HD22 . ASN A 1 11 ? 2.890   7.227  -4.964 1.00 0.00 ? 11 ASN A HD22 1  
ATOM   175  N N    . LEU A 1 12 ? 4.887   4.113  -1.939 1.00 0.00 ? 12 LEU A N    1  
ATOM   176  C CA   . LEU A 1 12 ? 6.008   4.753  -1.265 1.00 0.00 ? 12 LEU A CA   1  
ATOM   177  C C    . LEU A 1 12 ? 7.333   4.128  -1.694 1.00 0.00 ? 12 LEU A C    1  
ATOM   178  O O    . LEU A 1 12 ? 8.361   4.802  -1.741 1.00 0.00 ? 12 LEU A O    1  
ATOM   179  C CB   . LEU A 1 12 ? 5.834   4.661  0.251  1.00 0.00 ? 12 LEU A CB   1  
ATOM   180  C CG   . LEU A 1 12 ? 4.573   5.339  0.798  1.00 0.00 ? 12 LEU A CG   1  
ATOM   181  C CD1  . LEU A 1 12 ? 4.440   5.100  2.292  1.00 0.00 ? 12 LEU A CD1  1  
ATOM   182  C CD2  . LEU A 1 12 ? 4.592   6.831  0.501  1.00 0.00 ? 12 LEU A CD2  1  
ATOM   183  H H    . LEU A 1 12 ? 4.280   3.534  -1.421 1.00 0.00 ? 12 LEU A H    1  
ATOM   184  H HA   . LEU A 1 12 ? 6.012   5.793  -1.553 1.00 0.00 ? 12 LEU A HA   1  
ATOM   185  H HB2  . LEU A 1 12 ? 5.805   3.615  0.526  1.00 0.00 ? 12 LEU A HB2  1  
ATOM   186  H HB3  . LEU A 1 12 ? 6.693   5.115  0.720  1.00 0.00 ? 12 LEU A HB3  1  
ATOM   187  H HG   . LEU A 1 12 ? 3.706   4.913  0.315  1.00 0.00 ? 12 LEU A HG   1  
ATOM   188  H HD11 . LEU A 1 12 ? 3.551   5.592  2.658  1.00 0.00 ? 12 LEU A HD11 1  
ATOM   189  H HD12 . LEU A 1 12 ? 5.306   5.497  2.799  1.00 0.00 ? 12 LEU A HD12 1  
ATOM   190  H HD13 . LEU A 1 12 ? 4.366   4.039  2.481  1.00 0.00 ? 12 LEU A HD13 1  
ATOM   191  H HD21 . LEU A 1 12 ? 4.613   6.986  -0.568 1.00 0.00 ? 12 LEU A HD21 1  
ATOM   192  H HD22 . LEU A 1 12 ? 5.470   7.276  0.945  1.00 0.00 ? 12 LEU A HD22 1  
ATOM   193  H HD23 . LEU A 1 12 ? 3.707   7.293  0.914  1.00 0.00 ? 12 LEU A HD23 1  
ATOM   194  N N    . PHE A 1 13 ? 7.306   2.843  -2.012 1.00 0.00 ? 13 PHE A N    1  
ATOM   195  C CA   . PHE A 1 13 ? 8.493   2.156  -2.498 1.00 0.00 ? 13 PHE A CA   1  
ATOM   196  C C    . PHE A 1 13 ? 8.418   1.987  -4.010 1.00 0.00 ? 13 PHE A C    1  
ATOM   197  O O    . PHE A 1 13 ? 9.260   1.305  -4.596 1.00 0.00 ? 13 PHE A O    1  
ATOM   198  C CB   . PHE A 1 13 ? 8.645   0.791  -1.822 1.00 0.00 ? 13 PHE A CB   1  
ATOM   199  C CG   . PHE A 1 13 ? 8.825   0.875  -0.334 1.00 0.00 ? 13 PHE A CG   1  
ATOM   200  C CD1  . PHE A 1 13 ? 10.023  1.307  0.210  1.00 0.00 ? 13 PHE A CD1  1  
ATOM   201  C CD2  . PHE A 1 13 ? 7.794   0.524  0.518  1.00 0.00 ? 13 PHE A CD2  1  
ATOM   202  C CE1  . PHE A 1 13 ? 10.185  1.388  1.579  1.00 0.00 ? 13 PHE A CE1  1  
ATOM   203  C CE2  . PHE A 1 13 ? 7.951   0.602  1.886  1.00 0.00 ? 13 PHE A CE2  1  
ATOM   204  C CZ   . PHE A 1 13 ? 9.146   1.035  2.417  1.00 0.00 ? 13 PHE A CZ   1  
ATOM   205  H H    . PHE A 1 13 ? 6.466   2.341  -1.914 1.00 0.00 ? 13 PHE A H    1  
ATOM   206  H HA   . PHE A 1 13 ? 9.351   2.766  -2.258 1.00 0.00 ? 13 PHE A HA   1  
ATOM   207  H HB2  . PHE A 1 13 ? 7.764   0.200  -2.016 1.00 0.00 ? 13 PHE A HB2  1  
ATOM   208  H HB3  . PHE A 1 13 ? 9.508   0.288  -2.233 1.00 0.00 ? 13 PHE A HB3  1  
ATOM   209  H HD1  . PHE A 1 13 ? 10.835  1.583  -0.446 1.00 0.00 ? 13 PHE A HD1  1  
ATOM   210  H HD2  . PHE A 1 13 ? 6.857   0.185  0.102  1.00 0.00 ? 13 PHE A HD2  1  
ATOM   211  H HE1  . PHE A 1 13 ? 11.122  1.726  1.992  1.00 0.00 ? 13 PHE A HE1  1  
ATOM   212  H HE2  . PHE A 1 13 ? 7.137   0.324  2.541  1.00 0.00 ? 13 PHE A HE2  1  
ATOM   213  H HZ   . PHE A 1 13 ? 9.267   1.101  3.485  1.00 0.00 ? 13 PHE A HZ   1  
HETATM 214  N N    . NH2 A 1 14 ? 7.437   2.583  -4.665 1.00 0.00 ? 14 NH2 A N    1  
HETATM 215  H HN1  . NH2 A 1 14 ? 6.616   2.066  -4.821 1.00 0.00 ? 14 NH2 A HN1  1  
HETATM 216  H HN2  . NH2 A 1 14 ? 7.468   3.562  -4.726 1.00 0.00 ? 14 NH2 A HN2  1  
ATOM   217  N N    . GLY A 1 1  ? -8.144  -0.740 4.054  1.00 0.00 ? 1  GLY A N    2  
ATOM   218  C CA   . GLY A 1 1  ? -7.904  -2.151 4.440  1.00 0.00 ? 1  GLY A CA   2  
ATOM   219  C C    . GLY A 1 1  ? -6.566  -2.652 3.942  1.00 0.00 ? 1  GLY A C    2  
ATOM   220  O O    . GLY A 1 1  ? -5.655  -1.859 3.697  1.00 0.00 ? 1  GLY A O    2  
ATOM   221  H H1   . GLY A 1 1  ? -8.138  -0.652 3.020  1.00 0.00 ? 1  GLY A H1   2  
ATOM   222  H H2   . GLY A 1 1  ? -7.399  -0.132 4.446  1.00 0.00 ? 1  GLY A H2   2  
ATOM   223  H H3   . GLY A 1 1  ? -9.065  -0.420 4.413  1.00 0.00 ? 1  GLY A H3   2  
ATOM   224  H HA2  . GLY A 1 1  ? -7.928  -2.228 5.517  1.00 0.00 ? 1  GLY A HA2  2  
ATOM   225  H HA3  . GLY A 1 1  ? -8.690  -2.767 4.027  1.00 0.00 ? 1  GLY A HA3  2  
ATOM   226  N N    . ILE A 1 2  ? -6.459  -3.967 3.767  1.00 0.00 ? 2  ILE A N    2  
ATOM   227  C CA   . ILE A 1 2  ? -5.214  -4.606 3.344  1.00 0.00 ? 2  ILE A CA   2  
ATOM   228  C C    . ILE A 1 2  ? -4.713  -4.044 2.015  1.00 0.00 ? 2  ILE A C    2  
ATOM   229  O O    . ILE A 1 2  ? -3.552  -3.650 1.903  1.00 0.00 ? 2  ILE A O    2  
ATOM   230  C CB   . ILE A 1 2  ? -5.390  -6.135 3.216  1.00 0.00 ? 2  ILE A CB   2  
ATOM   231  C CG1  . ILE A 1 2  ? -5.755  -6.736 4.573  1.00 0.00 ? 2  ILE A CG1  2  
ATOM   232  C CG2  . ILE A 1 2  ? -4.126  -6.786 2.668  1.00 0.00 ? 2  ILE A CG2  2  
ATOM   233  C CD1  . ILE A 1 2  ? -6.045  -8.217 4.523  1.00 0.00 ? 2  ILE A CD1  2  
ATOM   234  H H    . ILE A 1 2  ? -7.250  -4.529 3.922  1.00 0.00 ? 2  ILE A H    2  
ATOM   235  H HA   . ILE A 1 2  ? -4.471  -4.417 4.105  1.00 0.00 ? 2  ILE A HA   2  
ATOM   236  H HB   . ILE A 1 2  ? -6.193  -6.327 2.520  1.00 0.00 ? 2  ILE A HB   2  
ATOM   237  H HG12 . ILE A 1 2  ? -4.936  -6.584 5.258  1.00 0.00 ? 2  ILE A HG12 2  
ATOM   238  H HG13 . ILE A 1 2  ? -6.632  -6.238 4.952  1.00 0.00 ? 2  ILE A HG13 2  
ATOM   239  H HG21 . ILE A 1 2  ? -3.298  -6.571 3.326  1.00 0.00 ? 2  ILE A HG21 2  
ATOM   240  H HG22 . ILE A 1 2  ? -3.916  -6.389 1.684  1.00 0.00 ? 2  ILE A HG22 2  
ATOM   241  H HG23 . ILE A 1 2  ? -4.267  -7.854 2.604  1.00 0.00 ? 2  ILE A HG23 2  
ATOM   242  H HD11 . ILE A 1 2  ? -6.871  -8.401 3.852  1.00 0.00 ? 2  ILE A HD11 2  
ATOM   243  H HD12 . ILE A 1 2  ? -6.301  -8.566 5.511  1.00 0.00 ? 2  ILE A HD12 2  
ATOM   244  H HD13 . ILE A 1 2  ? -5.171  -8.745 4.170  1.00 0.00 ? 2  ILE A HD13 2  
ATOM   245  N N    . LEU A 1 3  ? -5.593  -3.986 1.022  1.00 0.00 ? 3  LEU A N    2  
ATOM   246  C CA   . LEU A 1 3  ? -5.216  -3.508 -0.307 1.00 0.00 ? 3  LEU A CA   2  
ATOM   247  C C    . LEU A 1 3  ? -4.678  -2.086 -0.240 1.00 0.00 ? 3  LEU A C    2  
ATOM   248  O O    . LEU A 1 3  ? -3.730  -1.740 -0.936 1.00 0.00 ? 3  LEU A O    2  
ATOM   249  C CB   . LEU A 1 3  ? -6.401  -3.569 -1.281 1.00 0.00 ? 3  LEU A CB   2  
ATOM   250  C CG   . LEU A 1 3  ? -6.768  -4.959 -1.820 1.00 0.00 ? 3  LEU A CG   2  
ATOM   251  C CD1  . LEU A 1 3  ? -5.566  -5.615 -2.483 1.00 0.00 ? 3  LEU A CD1  2  
ATOM   252  C CD2  . LEU A 1 3  ? -7.322  -5.849 -0.720 1.00 0.00 ? 3  LEU A CD2  2  
ATOM   253  H H    . LEU A 1 3  ? -6.522  -4.260 1.187  1.00 0.00 ? 3  LEU A H    2  
ATOM   254  H HA   . LEU A 1 3  ? -4.431  -4.153 -0.673 1.00 0.00 ? 3  LEU A HA   2  
ATOM   255  H HB2  . LEU A 1 3  ? -7.266  -3.164 -0.778 1.00 0.00 ? 3  LEU A HB2  2  
ATOM   256  H HB3  . LEU A 1 3  ? -6.169  -2.934 -2.122 1.00 0.00 ? 3  LEU A HB3  2  
ATOM   257  H HG   . LEU A 1 3  ? -7.532  -4.848 -2.573 1.00 0.00 ? 3  LEU A HG   2  
ATOM   258  H HD11 . LEU A 1 3  ? -4.787  -5.766 -1.750 1.00 0.00 ? 3  LEU A HD11 2  
ATOM   259  H HD12 . LEU A 1 3  ? -5.198  -4.979 -3.272 1.00 0.00 ? 3  LEU A HD12 2  
ATOM   260  H HD13 . LEU A 1 3  ? -5.862  -6.570 -2.897 1.00 0.00 ? 3  LEU A HD13 2  
ATOM   261  H HD21 . LEU A 1 3  ? -6.589  -5.949 0.066  1.00 0.00 ? 3  LEU A HD21 2  
ATOM   262  H HD22 . LEU A 1 3  ? -7.552  -6.822 -1.125 1.00 0.00 ? 3  LEU A HD22 2  
ATOM   263  H HD23 . LEU A 1 3  ? -8.221  -5.405 -0.319 1.00 0.00 ? 3  LEU A HD23 2  
ATOM   264  N N    . ASP A 1 4  ? -5.281  -1.277 0.621  1.00 0.00 ? 4  ASP A N    2  
ATOM   265  C CA   . ASP A 1 4  ? -4.860  0.107  0.796  1.00 0.00 ? 4  ASP A CA   2  
ATOM   266  C C    . ASP A 1 4  ? -3.473  0.178  1.420  1.00 0.00 ? 4  ASP A C    2  
ATOM   267  O O    . ASP A 1 4  ? -2.648  0.993  1.020  1.00 0.00 ? 4  ASP A O    2  
ATOM   268  C CB   . ASP A 1 4  ? -5.863  0.867  1.666  1.00 0.00 ? 4  ASP A CB   2  
ATOM   269  C CG   . ASP A 1 4  ? -5.438  2.298  1.931  1.00 0.00 ? 4  ASP A CG   2  
ATOM   270  O OD1  . ASP A 1 4  ? -5.007  2.597  3.064  1.00 0.00 ? 4  ASP A OD1  2  
ATOM   271  O OD2  . ASP A 1 4  ? -5.535  3.133  1.008  1.00 0.00 ? 4  ASP A OD2  2  
ATOM   272  H H    . ASP A 1 4  ? -6.029  -1.621 1.152  1.00 0.00 ? 4  ASP A H    2  
ATOM   273  H HA   . ASP A 1 4  ? -4.825  0.566  -0.182 1.00 0.00 ? 4  ASP A HA   2  
ATOM   274  H HB2  . ASP A 1 4  ? -6.821  0.884  1.170  1.00 0.00 ? 4  ASP A HB2  2  
ATOM   275  H HB3  . ASP A 1 4  ? -5.961  0.358  2.614  1.00 0.00 ? 4  ASP A HB3  2  
ATOM   276  N N    . ILE A 1 5  ? -3.222  -0.691 2.393  1.00 0.00 ? 5  ILE A N    2  
ATOM   277  C CA   . ILE A 1 5  ? -1.924  -0.740 3.056  1.00 0.00 ? 5  ILE A CA   2  
ATOM   278  C C    . ILE A 1 5  ? -0.845  -1.195 2.080  1.00 0.00 ? 5  ILE A C    2  
ATOM   279  O O    . ILE A 1 5  ? 0.231   -0.599 2.003  1.00 0.00 ? 5  ILE A O    2  
ATOM   280  C CB   . ILE A 1 5  ? -1.945  -1.686 4.279  1.00 0.00 ? 5  ILE A CB   2  
ATOM   281  C CG1  . ILE A 1 5  ? -3.025  -1.247 5.274  1.00 0.00 ? 5  ILE A CG1  2  
ATOM   282  C CG2  . ILE A 1 5  ? -0.580  -1.714 4.956  1.00 0.00 ? 5  ILE A CG2  2  
ATOM   283  C CD1  . ILE A 1 5  ? -3.184  -2.180 6.456  1.00 0.00 ? 5  ILE A CD1  2  
ATOM   284  H H    . ILE A 1 5  ? -3.928  -1.315 2.672  1.00 0.00 ? 5  ILE A H    2  
ATOM   285  H HA   . ILE A 1 5  ? -1.690  0.255  3.399  1.00 0.00 ? 5  ILE A HA   2  
ATOM   286  H HB   . ILE A 1 5  ? -2.170  -2.683 3.933  1.00 0.00 ? 5  ILE A HB   2  
ATOM   287  H HG12 . ILE A 1 5  ? -2.772  -0.271 5.657  1.00 0.00 ? 5  ILE A HG12 2  
ATOM   288  H HG13 . ILE A 1 5  ? -3.974  -1.195 4.762  1.00 0.00 ? 5  ILE A HG13 2  
ATOM   289  H HG21 . ILE A 1 5  ? -0.324  -0.720 5.292  1.00 0.00 ? 5  ILE A HG21 2  
ATOM   290  H HG22 . ILE A 1 5  ? 0.164   -2.060 4.253  1.00 0.00 ? 5  ILE A HG22 2  
ATOM   291  H HG23 . ILE A 1 5  ? -0.612  -2.383 5.805  1.00 0.00 ? 5  ILE A HG23 2  
ATOM   292  H HD11 . ILE A 1 5  ? -3.455  -3.164 6.104  1.00 0.00 ? 5  ILE A HD11 2  
ATOM   293  H HD12 . ILE A 1 5  ? -3.959  -1.805 7.109  1.00 0.00 ? 5  ILE A HD12 2  
ATOM   294  H HD13 . ILE A 1 5  ? -2.252  -2.237 6.997  1.00 0.00 ? 5  ILE A HD13 2  
ATOM   295  N N    . LEU A 1 6  ? -1.144  -2.241 1.319  1.00 0.00 ? 6  LEU A N    2  
ATOM   296  C CA   . LEU A 1 6  ? -0.202  -2.769 0.342  1.00 0.00 ? 6  LEU A CA   2  
ATOM   297  C C    . LEU A 1 6  ? 0.043   -1.764 -0.776 1.00 0.00 ? 6  LEU A C    2  
ATOM   298  O O    . LEU A 1 6  ? 1.177   -1.591 -1.225 1.00 0.00 ? 6  LEU A O    2  
ATOM   299  C CB   . LEU A 1 6  ? -0.699  -4.097 -0.235 1.00 0.00 ? 6  LEU A CB   2  
ATOM   300  C CG   . LEU A 1 6  ? -0.347  -5.355 0.570  1.00 0.00 ? 6  LEU A CG   2  
ATOM   301  C CD1  . LEU A 1 6  ? 1.158   -5.546 0.641  1.00 0.00 ? 6  LEU A CD1  2  
ATOM   302  C CD2  . LEU A 1 6  ? -0.933  -5.298 1.969  1.00 0.00 ? 6  LEU A CD2  2  
ATOM   303  H H    . LEU A 1 6  ? -2.025  -2.670 1.422  1.00 0.00 ? 6  LEU A H    2  
ATOM   304  H HA   . LEU A 1 6  ? 0.727   -2.945 0.853  1.00 0.00 ? 6  LEU A HA   2  
ATOM   305  H HB2  . LEU A 1 6  ? -1.771  -4.040 -0.317 1.00 0.00 ? 6  LEU A HB2  2  
ATOM   306  H HB3  . LEU A 1 6  ? -0.289  -4.206 -1.227 1.00 0.00 ? 6  LEU A HB3  2  
ATOM   307  H HG   . LEU A 1 6  ? -0.763  -6.218 0.069  1.00 0.00 ? 6  LEU A HG   2  
ATOM   308  H HD11 . LEU A 1 6  ? 1.381   -6.449 1.190  1.00 0.00 ? 6  LEU A HD11 2  
ATOM   309  H HD12 . LEU A 1 6  ? 1.606   -4.702 1.142  1.00 0.00 ? 6  LEU A HD12 2  
ATOM   310  H HD13 . LEU A 1 6  ? 1.558   -5.626 -0.359 1.00 0.00 ? 6  LEU A HD13 2  
ATOM   311  H HD21 . LEU A 1 6  ? -2.006  -5.199 1.907  1.00 0.00 ? 6  LEU A HD21 2  
ATOM   312  H HD22 . LEU A 1 6  ? -0.523  -4.450 2.497  1.00 0.00 ? 6  LEU A HD22 2  
ATOM   313  H HD23 . LEU A 1 6  ? -0.686  -6.206 2.502  1.00 0.00 ? 6  LEU A HD23 2  
ATOM   314  N N    . ASN A 1 7  ? -1.020  -1.099 -1.215 1.00 0.00 ? 7  ASN A N    2  
ATOM   315  C CA   . ASN A 1 7  ? -0.907  -0.046 -2.220 1.00 0.00 ? 7  ASN A CA   2  
ATOM   316  C C    . ASN A 1 7  ? -0.025  1.068  -1.683 1.00 0.00 ? 7  ASN A C    2  
ATOM   317  O O    . ASN A 1 7  ? 0.879   1.543  -2.364 1.00 0.00 ? 7  ASN A O    2  
ATOM   318  C CB   . ASN A 1 7  ? -2.287  0.521  -2.558 1.00 0.00 ? 7  ASN A CB   2  
ATOM   319  C CG   . ASN A 1 7  ? -2.303  1.320  -3.851 1.00 0.00 ? 7  ASN A CG   2  
ATOM   320  O OD1  . ASN A 1 7  ? -1.303  1.913  -4.255 1.00 0.00 ? 7  ASN A OD1  2  
ATOM   321  N ND2  . ASN A 1 7  ? -3.453  1.349  -4.506 1.00 0.00 ? 7  ASN A ND2  2  
ATOM   322  H H    . ASN A 1 7  ? -1.909  -1.328 -0.858 1.00 0.00 ? 7  ASN A H    2  
ATOM   323  H HA   . ASN A 1 7  ? -0.457  -0.465 -3.105 1.00 0.00 ? 7  ASN A HA   2  
ATOM   324  H HB2  . ASN A 1 7  ? -2.986  -0.294 -2.650 1.00 0.00 ? 7  ASN A HB2  2  
ATOM   325  H HB3  . ASN A 1 7  ? -2.605  1.169  -1.756 1.00 0.00 ? 7  ASN A HB3  2  
ATOM   326  H HD21 . ASN A 1 7  ? -4.216  0.865  -4.127 1.00 0.00 ? 7  ASN A HD21 2  
ATOM   327  H HD22 . ASN A 1 7  ? -3.493  1.845  -5.352 1.00 0.00 ? 7  ASN A HD22 2  
ATOM   328  N N    . LYS A 1 8  ? -0.301  1.458  -0.445 1.00 0.00 ? 8  LYS A N    2  
ATOM   329  C CA   . LYS A 1 8  ? 0.463   2.486  0.249  1.00 0.00 ? 8  LYS A CA   2  
ATOM   330  C C    . LYS A 1 8  ? 1.955   2.168  0.211  1.00 0.00 ? 8  LYS A C    2  
ATOM   331  O O    . LYS A 1 8  ? 2.762   2.975  -0.251 1.00 0.00 ? 8  LYS A O    2  
ATOM   332  C CB   . LYS A 1 8  ? 0.001   2.566  1.701  1.00 0.00 ? 8  LYS A CB   2  
ATOM   333  C CG   . LYS A 1 8  ? 0.071   3.957  2.301  1.00 0.00 ? 8  LYS A CG   2  
ATOM   334  C CD   . LYS A 1 8  ? -0.904  4.916  1.628  1.00 0.00 ? 8  LYS A CD   2  
ATOM   335  C CE   . LYS A 1 8  ? -2.340  4.403  1.679  1.00 0.00 ? 8  LYS A CE   2  
ATOM   336  N NZ   . LYS A 1 8  ? -2.791  4.138  3.071  1.00 0.00 ? 8  LYS A NZ   2  
ATOM   337  H H    . LYS A 1 8  ? -1.065  1.046  0.017  1.00 0.00 ? 8  LYS A H    2  
ATOM   338  H HA   . LYS A 1 8  ? 0.286   3.433  -0.240 1.00 0.00 ? 8  LYS A HA   2  
ATOM   339  H HB2  . LYS A 1 8  ? -1.022  2.225  1.759  1.00 0.00 ? 8  LYS A HB2  2  
ATOM   340  H HB3  . LYS A 1 8  ? 0.620   1.910  2.295  1.00 0.00 ? 8  LYS A HB3  2  
ATOM   341  H HG2  . LYS A 1 8  ? -0.168  3.895  3.351  1.00 0.00 ? 8  LYS A HG2  2  
ATOM   342  H HG3  . LYS A 1 8  ? 1.075   4.336  2.180  1.00 0.00 ? 8  LYS A HG3  2  
ATOM   343  H HD2  . LYS A 1 8  ? -0.858  5.870  2.132  1.00 0.00 ? 8  LYS A HD2  2  
ATOM   344  H HD3  . LYS A 1 8  ? -0.614  5.038  0.597  1.00 0.00 ? 8  LYS A HD3  2  
ATOM   345  H HE2  . LYS A 1 8  ? -2.987  5.147  1.238  1.00 0.00 ? 8  LYS A HE2  2  
ATOM   346  H HE3  . LYS A 1 8  ? -2.406  3.490  1.106  1.00 0.00 ? 8  LYS A HE3  2  
ATOM   347  H HZ1  . LYS A 1 8  ? -2.117  3.513  3.555  1.00 0.00 ? 8  LYS A HZ1  2  
ATOM   348  H HZ2  . LYS A 1 8  ? -3.727  3.673  3.062  1.00 0.00 ? 8  LYS A HZ2  2  
ATOM   349  H HZ3  . LYS A 1 8  ? -2.865  5.030  3.601  1.00 0.00 ? 8  LYS A HZ3  2  
ATOM   350  N N    . VAL A 1 9  ? 2.302   0.981  0.693  1.00 0.00 ? 9  VAL A N    2  
ATOM   351  C CA   . VAL A 1 9  ? 3.687   0.519  0.706  1.00 0.00 ? 9  VAL A CA   2  
ATOM   352  C C    . VAL A 1 9  ? 4.273   0.506  -0.706 1.00 0.00 ? 9  VAL A C    2  
ATOM   353  O O    . VAL A 1 9  ? 5.381   0.992  -0.931 1.00 0.00 ? 9  VAL A O    2  
ATOM   354  C CB   . VAL A 1 9  ? 3.801   -0.893 1.328  1.00 0.00 ? 9  VAL A CB   2  
ATOM   355  C CG1  . VAL A 1 9  ? 5.240   -1.374 1.324  1.00 0.00 ? 9  VAL A CG1  2  
ATOM   356  C CG2  . VAL A 1 9  ? 3.245   -0.898 2.744  1.00 0.00 ? 9  VAL A CG2  2  
ATOM   357  H H    . VAL A 1 9  ? 1.601   0.399  1.068  1.00 0.00 ? 9  VAL A H    2  
ATOM   358  H HA   . VAL A 1 9  ? 4.259   1.205  1.314  1.00 0.00 ? 9  VAL A HA   2  
ATOM   359  H HB   . VAL A 1 9  ? 3.212   -1.576 0.731  1.00 0.00 ? 9  VAL A HB   2  
ATOM   360  H HG11 . VAL A 1 9  ? 5.601   -1.427 0.307  1.00 0.00 ? 9  VAL A HG11 2  
ATOM   361  H HG12 . VAL A 1 9  ? 5.293   -2.354 1.777  1.00 0.00 ? 9  VAL A HG12 2  
ATOM   362  H HG13 . VAL A 1 9  ? 5.849   -0.683 1.888  1.00 0.00 ? 9  VAL A HG13 2  
ATOM   363  H HG21 . VAL A 1 9  ? 3.805   -0.201 3.352  1.00 0.00 ? 9  VAL A HG21 2  
ATOM   364  H HG22 . VAL A 1 9  ? 3.333   -1.890 3.160  1.00 0.00 ? 9  VAL A HG22 2  
ATOM   365  H HG23 . VAL A 1 9  ? 2.206   -0.605 2.725  1.00 0.00 ? 9  VAL A HG23 2  
ATOM   366  N N    . SER A 1 10 ? 3.512   -0.020 -1.658 1.00 0.00 ? 10 SER A N    2  
ATOM   367  C CA   . SER A 1 10 ? 3.961   -0.102 -3.043 1.00 0.00 ? 10 SER A CA   2  
ATOM   368  C C    . SER A 1 10 ? 4.149   1.296  -3.630 1.00 0.00 ? 10 SER A C    2  
ATOM   369  O O    . SER A 1 10 ? 4.992   1.510  -4.503 1.00 0.00 ? 10 SER A O    2  
ATOM   370  C CB   . SER A 1 10 ? 2.952   -0.899 -3.876 1.00 0.00 ? 10 SER A CB   2  
ATOM   371  O OG   . SER A 1 10 ? 3.456   -1.191 -5.171 1.00 0.00 ? 10 SER A OG   2  
ATOM   372  H H    . SER A 1 10 ? 2.621   -0.364 -1.424 1.00 0.00 ? 10 SER A H    2  
ATOM   373  H HA   . SER A 1 10 ? 4.911   -0.616 -3.054 1.00 0.00 ? 10 SER A HA   2  
ATOM   374  H HB2  . SER A 1 10 ? 2.731   -1.830 -3.375 1.00 0.00 ? 10 SER A HB2  2  
ATOM   375  H HB3  . SER A 1 10 ? 2.043   -0.324 -3.980 1.00 0.00 ? 10 SER A HB3  2  
ATOM   376  H HG   . SER A 1 10 ? 4.348   -0.832 -5.255 1.00 0.00 ? 10 SER A HG   2  
ATOM   377  N N    . ASN A 1 11 ? 3.361   2.246  -3.141 1.00 0.00 ? 11 ASN A N    2  
ATOM   378  C CA   . ASN A 1 11 ? 3.439   3.623  -3.605 1.00 0.00 ? 11 ASN A CA   2  
ATOM   379  C C    . ASN A 1 11 ? 4.667   4.302  -3.027 1.00 0.00 ? 11 ASN A C    2  
ATOM   380  O O    . ASN A 1 11 ? 5.370   5.036  -3.722 1.00 0.00 ? 11 ASN A O    2  
ATOM   381  C CB   . ASN A 1 11 ? 2.190   4.396  -3.189 1.00 0.00 ? 11 ASN A CB   2  
ATOM   382  C CG   . ASN A 1 11 ? 2.038   5.713  -3.934 1.00 0.00 ? 11 ASN A CG   2  
ATOM   383  O OD1  . ASN A 1 11 ? 1.511   6.685  -3.394 1.00 0.00 ? 11 ASN A OD1  2  
ATOM   384  N ND2  . ASN A 1 11 ? 2.486   5.755  -5.179 1.00 0.00 ? 11 ASN A ND2  2  
ATOM   385  H H    . ASN A 1 11 ? 2.698   2.009  -2.453 1.00 0.00 ? 11 ASN A H    2  
ATOM   386  H HA   . ASN A 1 11 ? 3.511   3.611  -4.679 1.00 0.00 ? 11 ASN A HA   2  
ATOM   387  H HB2  . ASN A 1 11 ? 1.323   3.788  -3.380 1.00 0.00 ? 11 ASN A HB2  2  
ATOM   388  H HB3  . ASN A 1 11 ? 2.244   4.609  -2.134 1.00 0.00 ? 11 ASN A HB3  2  
ATOM   389  H HD21 . ASN A 1 11 ? 2.892   4.945  -5.558 1.00 0.00 ? 11 ASN A HD21 2  
ATOM   390  H HD22 . ASN A 1 11 ? 2.390   6.593  -5.679 1.00 0.00 ? 11 ASN A HD22 2  
ATOM   391  N N    . LEU A 1 12 ? 4.916   4.051  -1.747 1.00 0.00 ? 12 LEU A N    2  
ATOM   392  C CA   . LEU A 1 12 ? 6.086   4.591  -1.066 1.00 0.00 ? 12 LEU A CA   2  
ATOM   393  C C    . LEU A 1 12 ? 7.358   4.155  -1.783 1.00 0.00 ? 12 LEU A C    2  
ATOM   394  O O    . LEU A 1 12 ? 8.319   4.917  -1.888 1.00 0.00 ? 12 LEU A O    2  
ATOM   395  C CB   . LEU A 1 12 ? 6.113   4.139  0.395  1.00 0.00 ? 12 LEU A CB   2  
ATOM   396  C CG   . LEU A 1 12 ? 4.946   4.645  1.249  1.00 0.00 ? 12 LEU A CG   2  
ATOM   397  C CD1  . LEU A 1 12 ? 5.015   4.059  2.647  1.00 0.00 ? 12 LEU A CD1  2  
ATOM   398  C CD2  . LEU A 1 12 ? 4.945   6.165  1.310  1.00 0.00 ? 12 LEU A CD2  2  
ATOM   399  H H    . LEU A 1 12 ? 4.283   3.488  -1.243 1.00 0.00 ? 12 LEU A H    2  
ATOM   400  H HA   . LEU A 1 12 ? 6.020   5.667  -1.102 1.00 0.00 ? 12 LEU A HA   2  
ATOM   401  H HB2  . LEU A 1 12 ? 6.110   3.059  0.417  1.00 0.00 ? 12 LEU A HB2  2  
ATOM   402  H HB3  . LEU A 1 12 ? 7.032   4.489  0.839  1.00 0.00 ? 12 LEU A HB3  2  
ATOM   403  H HG   . LEU A 1 12 ? 4.015   4.326  0.801  1.00 0.00 ? 12 LEU A HG   2  
ATOM   404  H HD11 . LEU A 1 12 ? 4.953   2.983  2.591  1.00 0.00 ? 12 LEU A HD11 2  
ATOM   405  H HD12 . LEU A 1 12 ? 4.193   4.437  3.237  1.00 0.00 ? 12 LEU A HD12 2  
ATOM   406  H HD13 . LEU A 1 12 ? 5.949   4.343  3.110  1.00 0.00 ? 12 LEU A HD13 2  
ATOM   407  H HD21 . LEU A 1 12 ? 4.807   6.566  0.317  1.00 0.00 ? 12 LEU A HD21 2  
ATOM   408  H HD22 . LEU A 1 12 ? 5.890   6.508  1.706  1.00 0.00 ? 12 LEU A HD22 2  
ATOM   409  H HD23 . LEU A 1 12 ? 4.143   6.500  1.949  1.00 0.00 ? 12 LEU A HD23 2  
ATOM   410  N N    . PHE A 1 13 ? 7.352   2.927  -2.276 1.00 0.00 ? 13 PHE A N    2  
ATOM   411  C CA   . PHE A 1 13 ? 8.444   2.431  -3.097 1.00 0.00 ? 13 PHE A CA   2  
ATOM   412  C C    . PHE A 1 13 ? 8.078   2.566  -4.571 1.00 0.00 ? 13 PHE A C    2  
ATOM   413  O O    . PHE A 1 13 ? 8.087   1.581  -5.306 1.00 0.00 ? 13 PHE A O    2  
ATOM   414  C CB   . PHE A 1 13 ? 8.761   0.973  -2.755 1.00 0.00 ? 13 PHE A CB   2  
ATOM   415  C CG   . PHE A 1 13 ? 9.059   0.756  -1.299 1.00 0.00 ? 13 PHE A CG   2  
ATOM   416  C CD1  . PHE A 1 13 ? 8.235   -0.041 -0.523 1.00 0.00 ? 13 PHE A CD1  2  
ATOM   417  C CD2  . PHE A 1 13 ? 10.154  1.359  -0.704 1.00 0.00 ? 13 PHE A CD2  2  
ATOM   418  C CE1  . PHE A 1 13 ? 8.495   -0.231 0.817  1.00 0.00 ? 13 PHE A CE1  2  
ATOM   419  C CE2  . PHE A 1 13 ? 10.421  1.170  0.638  1.00 0.00 ? 13 PHE A CE2  2  
ATOM   420  C CZ   . PHE A 1 13 ? 9.589   0.374  1.400  1.00 0.00 ? 13 PHE A CZ   2  
ATOM   421  H H    . PHE A 1 13 ? 6.594   2.333  -2.080 1.00 0.00 ? 13 PHE A H    2  
ATOM   422  H HA   . PHE A 1 13 ? 9.311   3.040  -2.897 1.00 0.00 ? 13 PHE A HA   2  
ATOM   423  H HB2  . PHE A 1 13 ? 7.915   0.355  -3.016 1.00 0.00 ? 13 PHE A HB2  2  
ATOM   424  H HB3  . PHE A 1 13 ? 9.623   0.655  -3.322 1.00 0.00 ? 13 PHE A HB3  2  
ATOM   425  H HD1  . PHE A 1 13 ? 7.378   -0.516 -0.977 1.00 0.00 ? 13 PHE A HD1  2  
ATOM   426  H HD2  . PHE A 1 13 ? 10.805  1.982  -1.301 1.00 0.00 ? 13 PHE A HD2  2  
ATOM   427  H HE1  . PHE A 1 13 ? 7.844   -0.853 1.412  1.00 0.00 ? 13 PHE A HE1  2  
ATOM   428  H HE2  . PHE A 1 13 ? 11.277  1.644  1.090  1.00 0.00 ? 13 PHE A HE2  2  
ATOM   429  H HZ   . PHE A 1 13 ? 9.791   0.227  2.448  1.00 0.00 ? 13 PHE A HZ   2  
HETATM 430  N N    . NH2 A 1 14 ? 7.732   3.758  -5.027 1.00 0.00 ? 14 NH2 A N    2  
HETATM 431  H HN1  . NH2 A 1 14 ? 8.413   4.276  -5.506 1.00 0.00 ? 14 NH2 A HN1  2  
HETATM 432  H HN2  . NH2 A 1 14 ? 6.910   4.161  -4.669 1.00 0.00 ? 14 NH2 A HN2  2  
ATOM   433  N N    . GLY A 1 1  ? -7.381  -0.808 5.183  1.00 0.00 ? 1  GLY A N    3  
ATOM   434  C CA   . GLY A 1 1  ? -7.078  -2.251 5.347  1.00 0.00 ? 1  GLY A CA   3  
ATOM   435  C C    . GLY A 1 1  ? -5.814  -2.651 4.617  1.00 0.00 ? 1  GLY A C    3  
ATOM   436  O O    . GLY A 1 1  ? -5.102  -1.795 4.092  1.00 0.00 ? 1  GLY A O    3  
ATOM   437  H H1   . GLY A 1 1  ? -6.580  -0.237 5.519  1.00 0.00 ? 1  GLY A H1   3  
ATOM   438  H H2   . GLY A 1 1  ? -8.226  -0.556 5.730  1.00 0.00 ? 1  GLY A H2   3  
ATOM   439  H H3   . GLY A 1 1  ? -7.552  -0.587 4.177  1.00 0.00 ? 1  GLY A H3   3  
ATOM   440  H HA2  . GLY A 1 1  ? -6.961  -2.468 6.398  1.00 0.00 ? 1  GLY A HA2  3  
ATOM   441  H HA3  . GLY A 1 1  ? -7.902  -2.827 4.958  1.00 0.00 ? 1  GLY A HA3  3  
ATOM   442  N N    . ILE A 1 2  ? -5.544  -3.953 4.563  1.00 0.00 ? 2  ILE A N    3  
ATOM   443  C CA   . ILE A 1 2  ? -4.313  -4.465 3.962  1.00 0.00 ? 2  ILE A CA   3  
ATOM   444  C C    . ILE A 1 2  ? -4.214  -4.083 2.484  1.00 0.00 ? 2  ILE A C    3  
ATOM   445  O O    . ILE A 1 2  ? -3.149  -3.687 2.012  1.00 0.00 ? 2  ILE A O    3  
ATOM   446  C CB   . ILE A 1 2  ? -4.202  -6.000 4.105  1.00 0.00 ? 2  ILE A CB   3  
ATOM   447  C CG1  . ILE A 1 2  ? -4.289  -6.413 5.580  1.00 0.00 ? 2  ILE A CG1  3  
ATOM   448  C CG2  . ILE A 1 2  ? -2.906  -6.513 3.485  1.00 0.00 ? 2  ILE A CG2  3  
ATOM   449  C CD1  . ILE A 1 2  ? -3.188  -5.831 6.444  1.00 0.00 ? 2  ILE A CD1  3  
ATOM   450  H H    . ILE A 1 2  ? -6.191  -4.588 4.941  1.00 0.00 ? 2  ILE A H    3  
ATOM   451  H HA   . ILE A 1 2  ? -3.482  -4.017 4.489  1.00 0.00 ? 2  ILE A HA   3  
ATOM   452  H HB   . ILE A 1 2  ? -5.025  -6.447 3.569  1.00 0.00 ? 2  ILE A HB   3  
ATOM   453  H HG12 . ILE A 1 2  ? -5.233  -6.081 5.985  1.00 0.00 ? 2  ILE A HG12 3  
ATOM   454  H HG13 . ILE A 1 2  ? -4.231  -7.489 5.650  1.00 0.00 ? 2  ILE A HG13 3  
ATOM   455  H HG21 . ILE A 1 2  ? -2.851  -7.585 3.603  1.00 0.00 ? 2  ILE A HG21 3  
ATOM   456  H HG22 . ILE A 1 2  ? -2.066  -6.050 3.980  1.00 0.00 ? 2  ILE A HG22 3  
ATOM   457  H HG23 . ILE A 1 2  ? -2.888  -6.265 2.434  1.00 0.00 ? 2  ILE A HG23 3  
ATOM   458  H HD11 . ILE A 1 2  ? -2.230  -6.145 6.061  1.00 0.00 ? 2  ILE A HD11 3  
ATOM   459  H HD12 . ILE A 1 2  ? -3.305  -6.183 7.457  1.00 0.00 ? 2  ILE A HD12 3  
ATOM   460  H HD13 . ILE A 1 2  ? -3.250  -4.753 6.428  1.00 0.00 ? 2  ILE A HD13 3  
ATOM   461  N N    . LEU A 1 3  ? -5.328  -4.182 1.763  1.00 0.00 ? 3  LEU A N    3  
ATOM   462  C CA   . LEU A 1 3  ? -5.352  -3.826 0.343  1.00 0.00 ? 3  LEU A CA   3  
ATOM   463  C C    . LEU A 1 3  ? -4.972  -2.359 0.141  1.00 0.00 ? 3  LEU A C    3  
ATOM   464  O O    . LEU A 1 3  ? -4.386  -1.990 -0.879 1.00 0.00 ? 3  LEU A O    3  
ATOM   465  C CB   . LEU A 1 3  ? -6.731  -4.097 -0.282 1.00 0.00 ? 3  LEU A CB   3  
ATOM   466  C CG   . LEU A 1 3  ? -7.877  -3.183 0.175  1.00 0.00 ? 3  LEU A CG   3  
ATOM   467  C CD1  . LEU A 1 3  ? -9.018  -3.228 -0.829 1.00 0.00 ? 3  LEU A CD1  3  
ATOM   468  C CD2  . LEU A 1 3  ? -8.385  -3.589 1.549  1.00 0.00 ? 3  LEU A CD2  3  
ATOM   469  H H    . LEU A 1 3  ? -6.146  -4.514 2.189  1.00 0.00 ? 3  LEU A H    3  
ATOM   470  H HA   . LEU A 1 3  ? -4.619  -4.440 -0.159 1.00 0.00 ? 3  LEU A HA   3  
ATOM   471  H HB2  . LEU A 1 3  ? -6.636  -4.006 -1.353 1.00 0.00 ? 3  LEU A HB2  3  
ATOM   472  H HB3  . LEU A 1 3  ? -7.005  -5.118 -0.053 1.00 0.00 ? 3  LEU A HB3  3  
ATOM   473  H HG   . LEU A 1 3  ? -7.520  -2.165 0.233  1.00 0.00 ? 3  LEU A HG   3  
ATOM   474  H HD11 . LEU A 1 3  ? -9.810  -2.571 -0.500 1.00 0.00 ? 3  LEU A HD11 3  
ATOM   475  H HD12 . LEU A 1 3  ? -9.393  -4.237 -0.902 1.00 0.00 ? 3  LEU A HD12 3  
ATOM   476  H HD13 . LEU A 1 3  ? -8.659  -2.904 -1.795 1.00 0.00 ? 3  LEU A HD13 3  
ATOM   477  H HD21 . LEU A 1 3  ? -9.209  -2.950 1.833  1.00 0.00 ? 3  LEU A HD21 3  
ATOM   478  H HD22 . LEU A 1 3  ? -7.588  -3.489 2.272  1.00 0.00 ? 3  LEU A HD22 3  
ATOM   479  H HD23 . LEU A 1 3  ? -8.719  -4.615 1.522  1.00 0.00 ? 3  LEU A HD23 3  
ATOM   480  N N    . ASP A 1 4  ? -5.302  -1.529 1.124  1.00 0.00 ? 4  ASP A N    3  
ATOM   481  C CA   . ASP A 1 4  ? -4.982  -0.108 1.070  1.00 0.00 ? 4  ASP A CA   3  
ATOM   482  C C    . ASP A 1 4  ? -3.508  0.099  1.390  1.00 0.00 ? 4  ASP A C    3  
ATOM   483  O O    . ASP A 1 4  ? -2.816  0.873  0.726  1.00 0.00 ? 4  ASP A O    3  
ATOM   484  C CB   . ASP A 1 4  ? -5.839  0.679  2.066  1.00 0.00 ? 4  ASP A CB   3  
ATOM   485  C CG   . ASP A 1 4  ? -7.326  0.453  1.881  1.00 0.00 ? 4  ASP A CG   3  
ATOM   486  O OD1  . ASP A 1 4  ? -7.951  1.172  1.070  1.00 0.00 ? 4  ASP A OD1  3  
ATOM   487  O OD2  . ASP A 1 4  ? -7.879  -0.446 2.553  1.00 0.00 ? 4  ASP A OD2  3  
ATOM   488  H H    . ASP A 1 4  ? -5.768  -1.882 1.911  1.00 0.00 ? 4  ASP A H    3  
ATOM   489  H HA   . ASP A 1 4  ? -5.180  0.246  0.070  1.00 0.00 ? 4  ASP A HA   3  
ATOM   490  H HB2  . ASP A 1 4  ? -5.575  0.382  3.070  1.00 0.00 ? 4  ASP A HB2  3  
ATOM   491  H HB3  . ASP A 1 4  ? -5.638  1.735  1.947  1.00 0.00 ? 4  ASP A HB3  3  
ATOM   492  N N    . ILE A 1 5  ? -3.038  -0.614 2.405  1.00 0.00 ? 5  ILE A N    3  
ATOM   493  C CA   . ILE A 1 5  ? -1.642  -0.545 2.818  1.00 0.00 ? 5  ILE A CA   3  
ATOM   494  C C    . ILE A 1 5  ? -0.728  -1.072 1.715  1.00 0.00 ? 5  ILE A C    3  
ATOM   495  O O    . ILE A 1 5  ? 0.345   -0.528 1.480  1.00 0.00 ? 5  ILE A O    3  
ATOM   496  C CB   . ILE A 1 5  ? -1.400  -1.341 4.121  1.00 0.00 ? 5  ILE A CB   3  
ATOM   497  C CG1  . ILE A 1 5  ? -2.283  -0.800 5.252  1.00 0.00 ? 5  ILE A CG1  3  
ATOM   498  C CG2  . ILE A 1 5  ? 0.068   -1.291 4.526  1.00 0.00 ? 5  ILE A CG2  3  
ATOM   499  C CD1  . ILE A 1 5  ? -2.068  0.670  5.552  1.00 0.00 ? 5  ILE A CD1  3  
ATOM   500  H H    . ILE A 1 5  ? -3.652  -1.199 2.899  1.00 0.00 ? 5  ILE A H    3  
ATOM   501  H HA   . ILE A 1 5  ? -1.401  0.492  3.002  1.00 0.00 ? 5  ILE A HA   3  
ATOM   502  H HB   . ILE A 1 5  ? -1.660  -2.372 3.937  1.00 0.00 ? 5  ILE A HB   3  
ATOM   503  H HG12 . ILE A 1 5  ? -3.321  -0.932 4.982  1.00 0.00 ? 5  ILE A HG12 3  
ATOM   504  H HG13 . ILE A 1 5  ? -2.079  -1.357 6.155  1.00 0.00 ? 5  ILE A HG13 3  
ATOM   505  H HG21 . ILE A 1 5  ? 0.366   -0.263 4.670  1.00 0.00 ? 5  ILE A HG21 3  
ATOM   506  H HG22 . ILE A 1 5  ? 0.672   -1.736 3.749  1.00 0.00 ? 5  ILE A HG22 3  
ATOM   507  H HG23 . ILE A 1 5  ? 0.205   -1.838 5.448  1.00 0.00 ? 5  ILE A HG23 3  
ATOM   508  H HD11 . ILE A 1 5  ? -2.697  0.965  6.378  1.00 0.00 ? 5  ILE A HD11 3  
ATOM   509  H HD12 . ILE A 1 5  ? -2.321  1.257  4.681  1.00 0.00 ? 5  ILE A HD12 3  
ATOM   510  H HD13 . ILE A 1 5  ? -1.034  0.837  5.811  1.00 0.00 ? 5  ILE A HD13 3  
ATOM   511  N N    . LEU A 1 6  ? -1.171  -2.124 1.032  1.00 0.00 ? 6  LEU A N    3  
ATOM   512  C CA   . LEU A 1 6  ? -0.414  -2.704 -0.073 1.00 0.00 ? 6  LEU A CA   3  
ATOM   513  C C    . LEU A 1 6  ? -0.183  -1.651 -1.153 1.00 0.00 ? 6  LEU A C    3  
ATOM   514  O O    . LEU A 1 6  ? 0.912   -1.550 -1.717 1.00 0.00 ? 6  LEU A O    3  
ATOM   515  C CB   . LEU A 1 6  ? -1.170  -3.918 -0.635 1.00 0.00 ? 6  LEU A CB   3  
ATOM   516  C CG   . LEU A 1 6  ? -0.366  -4.855 -1.546 1.00 0.00 ? 6  LEU A CG   3  
ATOM   517  C CD1  . LEU A 1 6  ? -1.010  -6.230 -1.577 1.00 0.00 ? 6  LEU A CD1  3  
ATOM   518  C CD2  . LEU A 1 6  ? -0.264  -4.302 -2.961 1.00 0.00 ? 6  LEU A CD2  3  
ATOM   519  H H    . LEU A 1 6  ? -2.028  -2.532 1.290  1.00 0.00 ? 6  LEU A H    3  
ATOM   520  H HA   . LEU A 1 6  ? 0.542   -3.026 0.311  1.00 0.00 ? 6  LEU A HA   3  
ATOM   521  H HB2  . LEU A 1 6  ? -1.539  -4.497 0.198  1.00 0.00 ? 6  LEU A HB2  3  
ATOM   522  H HB3  . LEU A 1 6  ? -2.018  -3.554 -1.197 1.00 0.00 ? 6  LEU A HB3  3  
ATOM   523  H HG   . LEU A 1 6  ? 0.634   -4.962 -1.153 1.00 0.00 ? 6  LEU A HG   3  
ATOM   524  H HD11 . LEU A 1 6  ? -0.441  -6.880 -2.223 1.00 0.00 ? 6  LEU A HD11 3  
ATOM   525  H HD12 . LEU A 1 6  ? -2.020  -6.145 -1.947 1.00 0.00 ? 6  LEU A HD12 3  
ATOM   526  H HD13 . LEU A 1 6  ? -1.024  -6.639 -0.578 1.00 0.00 ? 6  LEU A HD13 3  
ATOM   527  H HD21 . LEU A 1 6  ? 0.330   -4.971 -3.567 1.00 0.00 ? 6  LEU A HD21 3  
ATOM   528  H HD22 . LEU A 1 6  ? 0.203   -3.329 -2.934 1.00 0.00 ? 6  LEU A HD22 3  
ATOM   529  H HD23 . LEU A 1 6  ? -1.253  -4.215 -3.386 1.00 0.00 ? 6  LEU A HD23 3  
ATOM   530  N N    . ASN A 1 7  ? -1.213  -0.857 -1.419 1.00 0.00 ? 7  ASN A N    3  
ATOM   531  C CA   . ASN A 1 7  ? -1.106  0.255  -2.355 1.00 0.00 ? 7  ASN A CA   3  
ATOM   532  C C    . ASN A 1 7  ? -0.077  1.247  -1.852 1.00 0.00 ? 7  ASN A C    3  
ATOM   533  O O    . ASN A 1 7  ? 0.848   1.626  -2.567 1.00 0.00 ? 7  ASN A O    3  
ATOM   534  C CB   . ASN A 1 7  ? -2.454  0.955  -2.507 1.00 0.00 ? 7  ASN A CB   3  
ATOM   535  C CG   . ASN A 1 7  ? -2.397  2.122  -3.474 1.00 0.00 ? 7  ASN A CG   3  
ATOM   536  O OD1  . ASN A 1 7  ? -2.162  3.264  -3.076 1.00 0.00 ? 7  ASN A OD1  3  
ATOM   537  N ND2  . ASN A 1 7  ? -2.607  1.844  -4.749 1.00 0.00 ? 7  ASN A ND2  3  
ATOM   538  H H    . ASN A 1 7  ? -2.068  -1.019 -0.968 1.00 0.00 ? 7  ASN A H    3  
ATOM   539  H HA   . ASN A 1 7  ? -0.791  -0.134 -3.312 1.00 0.00 ? 7  ASN A HA   3  
ATOM   540  H HB2  . ASN A 1 7  ? -3.180  0.248  -2.860 1.00 0.00 ? 7  ASN A HB2  3  
ATOM   541  H HB3  . ASN A 1 7  ? -2.767  1.329  -1.542 1.00 0.00 ? 7  ASN A HB3  3  
ATOM   542  H HD21 . ASN A 1 7  ? -2.788  0.912  -4.998 1.00 0.00 ? 7  ASN A HD21 3  
ATOM   543  H HD22 . ASN A 1 7  ? -2.570  2.579  -5.397 1.00 0.00 ? 7  ASN A HD22 3  
ATOM   544  N N    . LYS A 1 8  ? -0.264  1.659  -0.608 1.00 0.00 ? 8  LYS A N    3  
ATOM   545  C CA   . LYS A 1 8  ? 0.651   2.568  0.063  1.00 0.00 ? 8  LYS A CA   3  
ATOM   546  C C    . LYS A 1 8  ? 2.102   2.093  -0.027 1.00 0.00 ? 8  LYS A C    3  
ATOM   547  O O    . LYS A 1 8  ? 2.973   2.847  -0.449 1.00 0.00 ? 8  LYS A O    3  
ATOM   548  C CB   . LYS A 1 8  ? 0.243   2.703  1.529  1.00 0.00 ? 8  LYS A CB   3  
ATOM   549  C CG   . LYS A 1 8  ? 0.645   4.019  2.166  1.00 0.00 ? 8  LYS A CG   3  
ATOM   550  C CD   . LYS A 1 8  ? -0.437  5.080  2.001  1.00 0.00 ? 8  LYS A CD   3  
ATOM   551  C CE   . LYS A 1 8  ? -0.613  5.517  0.554  1.00 0.00 ? 8  LYS A CE   3  
ATOM   552  N NZ   . LYS A 1 8  ? -1.579  6.639  0.425  1.00 0.00 ? 8  LYS A NZ   3  
ATOM   553  H H    . LYS A 1 8  ? -1.074  1.367  -0.132 1.00 0.00 ? 8  LYS A H    3  
ATOM   554  H HA   . LYS A 1 8  ? 0.574   3.529  -0.413 1.00 0.00 ? 8  LYS A HA   3  
ATOM   555  H HB2  . LYS A 1 8  ? -0.830  2.611  1.600  1.00 0.00 ? 8  LYS A HB2  3  
ATOM   556  H HB3  . LYS A 1 8  ? 0.700   1.901  2.091  1.00 0.00 ? 8  LYS A HB3  3  
ATOM   557  H HG2  . LYS A 1 8  ? 0.821   3.858  3.219  1.00 0.00 ? 8  LYS A HG2  3  
ATOM   558  H HG3  . LYS A 1 8  ? 1.554   4.366  1.697  1.00 0.00 ? 8  LYS A HG3  3  
ATOM   559  H HD2  . LYS A 1 8  ? -1.373  4.666  2.344  1.00 0.00 ? 8  LYS A HD2  3  
ATOM   560  H HD3  . LYS A 1 8  ? -0.181  5.940  2.599  1.00 0.00 ? 8  LYS A HD3  3  
ATOM   561  H HE2  . LYS A 1 8  ? 0.344   5.831  0.164  1.00 0.00 ? 8  LYS A HE2  3  
ATOM   562  H HE3  . LYS A 1 8  ? -0.981  4.676  -0.018 1.00 0.00 ? 8  LYS A HE3  3  
ATOM   563  H HZ1  . LYS A 1 8  ? -1.256  7.458  0.981  1.00 0.00 ? 8  LYS A HZ1  3  
ATOM   564  H HZ2  . LYS A 1 8  ? -2.513  6.348  0.767  1.00 0.00 ? 8  LYS A HZ2  3  
ATOM   565  H HZ3  . LYS A 1 8  ? -1.659  6.926  -0.572 1.00 0.00 ? 8  LYS A HZ3  3  
ATOM   566  N N    . VAL A 1 9  ? 2.352   0.849  0.364  1.00 0.00 ? 9  VAL A N    3  
ATOM   567  C CA   . VAL A 1 9  ? 3.707   0.299  0.370  1.00 0.00 ? 9  VAL A CA   3  
ATOM   568  C C    . VAL A 1 9  ? 4.331   0.319  -1.027 1.00 0.00 ? 9  VAL A C    3  
ATOM   569  O O    . VAL A 1 9  ? 5.497   0.685  -1.191 1.00 0.00 ? 9  VAL A O    3  
ATOM   570  C CB   . VAL A 1 9  ? 3.733   -1.144 0.925  1.00 0.00 ? 9  VAL A CB   3  
ATOM   571  C CG1  . VAL A 1 9  ? 5.133   -1.733 0.852  1.00 0.00 ? 9  VAL A CG1  3  
ATOM   572  C CG2  . VAL A 1 9  ? 3.229   -1.172 2.359  1.00 0.00 ? 9  VAL A CG2  3  
ATOM   573  H H    . VAL A 1 9  ? 1.603   0.284  0.668  1.00 0.00 ? 9  VAL A H    3  
ATOM   574  H HA   . VAL A 1 9  ? 4.307   0.918  1.020  1.00 0.00 ? 9  VAL A HA   3  
ATOM   575  H HB   . VAL A 1 9  ? 3.075   -1.754 0.323  1.00 0.00 ? 9  VAL A HB   3  
ATOM   576  H HG11 . VAL A 1 9  ? 5.121   -2.739 1.245  1.00 0.00 ? 9  VAL A HG11 3  
ATOM   577  H HG12 . VAL A 1 9  ? 5.808   -1.127 1.436  1.00 0.00 ? 9  VAL A HG12 3  
ATOM   578  H HG13 . VAL A 1 9  ? 5.462   -1.754 -0.175 1.00 0.00 ? 9  VAL A HG13 3  
ATOM   579  H HG21 . VAL A 1 9  ? 3.852   -0.540 2.972  1.00 0.00 ? 9  VAL A HG21 3  
ATOM   580  H HG22 . VAL A 1 9  ? 3.264   -2.185 2.733  1.00 0.00 ? 9  VAL A HG22 3  
ATOM   581  H HG23 . VAL A 1 9  ? 2.211   -0.812 2.390  1.00 0.00 ? 9  VAL A HG23 3  
ATOM   582  N N    . SER A 1 10 ? 3.557   -0.053 -2.035 1.00 0.00 ? 10 SER A N    3  
ATOM   583  C CA   . SER A 1 10 ? 4.061   -0.075 -3.403 1.00 0.00 ? 10 SER A CA   3  
ATOM   584  C C    . SER A 1 10 ? 4.208   1.342  -3.957 1.00 0.00 ? 10 SER A C    3  
ATOM   585  O O    . SER A 1 10 ? 4.986   1.582  -4.881 1.00 0.00 ? 10 SER A O    3  
ATOM   586  C CB   . SER A 1 10 ? 3.145   -0.918 -4.291 1.00 0.00 ? 10 SER A CB   3  
ATOM   587  O OG   . SER A 1 10 ? 1.780   -0.588 -4.090 1.00 0.00 ? 10 SER A OG   3  
ATOM   588  H H    . SER A 1 10 ? 2.628   -0.316 -1.858 1.00 0.00 ? 10 SER A H    3  
ATOM   589  H HA   . SER A 1 10 ? 5.038   -0.535 -3.379 1.00 0.00 ? 10 SER A HA   3  
ATOM   590  H HB2  . SER A 1 10 ? 3.395   -0.742 -5.326 1.00 0.00 ? 10 SER A HB2  3  
ATOM   591  H HB3  . SER A 1 10 ? 3.289   -1.962 -4.059 1.00 0.00 ? 10 SER A HB3  3  
ATOM   592  H HG   . SER A 1 10 ? 1.457   -1.035 -3.294 1.00 0.00 ? 10 SER A HG   3  
ATOM   593  N N    . ASN A 1 11 ? 3.464   2.270  -3.375 1.00 0.00 ? 11 ASN A N    3  
ATOM   594  C CA   . ASN A 1 11 ? 3.530   3.673  -3.765 1.00 0.00 ? 11 ASN A CA   3  
ATOM   595  C C    . ASN A 1 11 ? 4.748   4.338  -3.145 1.00 0.00 ? 11 ASN A C    3  
ATOM   596  O O    . ASN A 1 11 ? 5.566   4.942  -3.836 1.00 0.00 ? 11 ASN A O    3  
ATOM   597  C CB   . ASN A 1 11 ? 2.266   4.403  -3.309 1.00 0.00 ? 11 ASN A CB   3  
ATOM   598  C CG   . ASN A 1 11 ? 2.225   5.847  -3.765 1.00 0.00 ? 11 ASN A CG   3  
ATOM   599  O OD1  . ASN A 1 11 ? 2.704   6.744  -3.072 1.00 0.00 ? 11 ASN A OD1  3  
ATOM   600  N ND2  . ASN A 1 11 ? 1.645   6.084  -4.929 1.00 0.00 ? 11 ASN A ND2  3  
ATOM   601  H H    . ASN A 1 11 ? 2.842   2.004  -2.666 1.00 0.00 ? 11 ASN A H    3  
ATOM   602  H HA   . ASN A 1 11 ? 3.604   3.726  -4.841 1.00 0.00 ? 11 ASN A HA   3  
ATOM   603  H HB2  . ASN A 1 11 ? 1.405   3.894  -3.700 1.00 0.00 ? 11 ASN A HB2  3  
ATOM   604  H HB3  . ASN A 1 11 ? 2.224   4.388  -2.229 1.00 0.00 ? 11 ASN A HB3  3  
ATOM   605  H HD21 . ASN A 1 11 ? 1.278   5.323  -5.427 1.00 0.00 ? 11 ASN A HD21 3  
ATOM   606  H HD22 . ASN A 1 11 ? 1.607   7.012  -5.248 1.00 0.00 ? 11 ASN A HD22 3  
ATOM   607  N N    . LEU A 1 12 ? 4.855   4.209  -1.827 1.00 0.00 ? 12 LEU A N    3  
ATOM   608  C CA   . LEU A 1 12 ? 5.959   4.794  -1.073 1.00 0.00 ? 12 LEU A CA   3  
ATOM   609  C C    . LEU A 1 12 ? 7.294   4.236  -1.548 1.00 0.00 ? 12 LEU A C    3  
ATOM   610  O O    . LEU A 1 12 ? 8.256   4.979  -1.737 1.00 0.00 ? 12 LEU A O    3  
ATOM   611  C CB   . LEU A 1 12 ? 5.790   4.517  0.425  1.00 0.00 ? 12 LEU A CB   3  
ATOM   612  C CG   . LEU A 1 12 ? 4.523   5.089  1.063  1.00 0.00 ? 12 LEU A CG   3  
ATOM   613  C CD1  . LEU A 1 12 ? 4.415   4.652  2.515  1.00 0.00 ? 12 LEU A CD1  3  
ATOM   614  C CD2  . LEU A 1 12 ? 4.509   6.609  0.964  1.00 0.00 ? 12 LEU A CD2  3  
ATOM   615  H H    . LEU A 1 12 ? 4.157   3.706  -1.345 1.00 0.00 ? 12 LEU A H    3  
ATOM   616  H HA   . LEU A 1 12 ? 5.947   5.860  -1.238 1.00 0.00 ? 12 LEU A HA   3  
ATOM   617  H HB2  . LEU A 1 12 ? 5.787   3.446  0.572  1.00 0.00 ? 12 LEU A HB2  3  
ATOM   618  H HB3  . LEU A 1 12 ? 6.644   4.929  0.943  1.00 0.00 ? 12 LEU A HB3  3  
ATOM   619  H HG   . LEU A 1 12 ? 3.659   4.711  0.535  1.00 0.00 ? 12 LEU A HG   3  
ATOM   620  H HD11 . LEU A 1 12 ? 5.284   4.991  3.059  1.00 0.00 ? 12 LEU A HD11 3  
ATOM   621  H HD12 . LEU A 1 12 ? 4.359   3.574  2.563  1.00 0.00 ? 12 LEU A HD12 3  
ATOM   622  H HD13 . LEU A 1 12 ? 3.526   5.078  2.954  1.00 0.00 ? 12 LEU A HD13 3  
ATOM   623  H HD21 . LEU A 1 12 ? 4.510   6.901  -0.075 1.00 0.00 ? 12 LEU A HD21 3  
ATOM   624  H HD22 . LEU A 1 12 ? 5.384   7.009  1.453  1.00 0.00 ? 12 LEU A HD22 3  
ATOM   625  H HD23 . LEU A 1 12 ? 3.621   6.993  1.444  1.00 0.00 ? 12 LEU A HD23 3  
ATOM   626  N N    . PHE A 1 13 ? 7.340   2.926  -1.744 1.00 0.00 ? 13 PHE A N    3  
ATOM   627  C CA   . PHE A 1 13 ? 8.557   2.262  -2.183 1.00 0.00 ? 13 PHE A CA   3  
ATOM   628  C C    . PHE A 1 13 ? 8.414   1.826  -3.636 1.00 0.00 ? 13 PHE A C    3  
ATOM   629  O O    . PHE A 1 13 ? 9.065   0.873  -4.061 1.00 0.00 ? 13 PHE A O    3  
ATOM   630  C CB   . PHE A 1 13 ? 8.854   1.052  -1.297 1.00 0.00 ? 13 PHE A CB   3  
ATOM   631  C CG   . PHE A 1 13 ? 8.862   1.363  0.174  1.00 0.00 ? 13 PHE A CG   3  
ATOM   632  C CD1  . PHE A 1 13 ? 7.764   1.056  0.962  1.00 0.00 ? 13 PHE A CD1  3  
ATOM   633  C CD2  . PHE A 1 13 ? 9.960   1.961  0.765  1.00 0.00 ? 13 PHE A CD2  3  
ATOM   634  C CE1  . PHE A 1 13 ? 7.763   1.339  2.314  1.00 0.00 ? 13 PHE A CE1  3  
ATOM   635  C CE2  . PHE A 1 13 ? 9.966   2.246  2.118  1.00 0.00 ? 13 PHE A CE2  3  
ATOM   636  C CZ   . PHE A 1 13 ? 8.867   1.936  2.892  1.00 0.00 ? 13 PHE A CZ   3  
ATOM   637  H H    . PHE A 1 13 ? 6.531   2.390  -1.594 1.00 0.00 ? 13 PHE A H    3  
ATOM   638  H HA   . PHE A 1 13 ? 9.368   2.970  -2.106 1.00 0.00 ? 13 PHE A HA   3  
ATOM   639  H HB2  . PHE A 1 13 ? 8.105   0.297  -1.470 1.00 0.00 ? 13 PHE A HB2  3  
ATOM   640  H HB3  . PHE A 1 13 ? 9.824   0.654  -1.558 1.00 0.00 ? 13 PHE A HB3  3  
ATOM   641  H HD1  . PHE A 1 13 ? 6.902   0.589  0.510  1.00 0.00 ? 13 PHE A HD1  3  
ATOM   642  H HD2  . PHE A 1 13 ? 10.822  2.205  0.160  1.00 0.00 ? 13 PHE A HD2  3  
ATOM   643  H HE1  . PHE A 1 13 ? 6.902   1.096  2.916  1.00 0.00 ? 13 PHE A HE1  3  
ATOM   644  H HE2  . PHE A 1 13 ? 10.829  2.713  2.569  1.00 0.00 ? 13 PHE A HE2  3  
ATOM   645  H HZ   . PHE A 1 13 ? 8.868   2.158  3.949  1.00 0.00 ? 13 PHE A HZ   3  
HETATM 646  N N    . NH2 A 1 14 ? 7.580   2.488  -4.418 1.00 0.00 ? 14 NH2 A N    3  
HETATM 647  H HN1  . NH2 A 1 14 ? 6.674   2.123  -4.542 1.00 0.00 ? 14 NH2 A HN1  3  
HETATM 648  H HN2  . NH2 A 1 14 ? 7.825   3.405  -4.669 1.00 0.00 ? 14 NH2 A HN2  3  
ATOM   649  N N    . GLY A 1 1  ? -8.512  -2.079 3.766  1.00 0.00 ? 1  GLY A N    4  
ATOM   650  C CA   . GLY A 1 1  ? -7.369  -2.048 4.708  1.00 0.00 ? 1  GLY A CA   4  
ATOM   651  C C    . GLY A 1 1  ? -6.124  -2.680 4.121  1.00 0.00 ? 1  GLY A C    4  
ATOM   652  O O    . GLY A 1 1  ? -5.154  -1.989 3.826  1.00 0.00 ? 1  GLY A O    4  
ATOM   653  H H1   . GLY A 1 1  ? -9.350  -1.652 4.206  1.00 0.00 ? 1  GLY A H1   4  
ATOM   654  H H2   . GLY A 1 1  ? -8.734  -3.060 3.506  1.00 0.00 ? 1  GLY A H2   4  
ATOM   655  H H3   . GLY A 1 1  ? -8.277  -1.544 2.897  1.00 0.00 ? 1  GLY A H3   4  
ATOM   656  H HA2  . GLY A 1 1  ? -7.153  -1.022 4.958  1.00 0.00 ? 1  GLY A HA2  4  
ATOM   657  H HA3  . GLY A 1 1  ? -7.643  -2.579 5.606  1.00 0.00 ? 1  GLY A HA3  4  
ATOM   658  N N    . ILE A 1 2  ? -6.159  -3.998 3.941  1.00 0.00 ? 2  ILE A N    4  
ATOM   659  C CA   . ILE A 1 2  ? -5.012  -4.745 3.426  1.00 0.00 ? 2  ILE A CA   4  
ATOM   660  C C    . ILE A 1 2  ? -4.529  -4.184 2.088  1.00 0.00 ? 2  ILE A C    4  
ATOM   661  O O    . ILE A 1 2  ? -3.365  -3.810 1.943  1.00 0.00 ? 2  ILE A O    4  
ATOM   662  C CB   . ILE A 1 2  ? -5.350  -6.241 3.258  1.00 0.00 ? 2  ILE A CB   4  
ATOM   663  C CG1  . ILE A 1 2  ? -5.807  -6.830 4.594  1.00 0.00 ? 2  ILE A CG1  4  
ATOM   664  C CG2  . ILE A 1 2  ? -4.148  -7.007 2.717  1.00 0.00 ? 2  ILE A CG2  4  
ATOM   665  C CD1  . ILE A 1 2  ? -6.276  -8.266 4.499  1.00 0.00 ? 2  ILE A CD1  4  
ATOM   666  H H    . ILE A 1 2  ? -6.980  -4.487 4.166  1.00 0.00 ? 2  ILE A H    4  
ATOM   667  H HA   . ILE A 1 2  ? -4.211  -4.660 4.148  1.00 0.00 ? 2  ILE A HA   4  
ATOM   668  H HB   . ILE A 1 2  ? -6.154  -6.327 2.541  1.00 0.00 ? 2  ILE A HB   4  
ATOM   669  H HG12 . ILE A 1 2  ? -4.986  -6.799 5.293  1.00 0.00 ? 2  ILE A HG12 4  
ATOM   670  H HG13 . ILE A 1 2  ? -6.624  -6.240 4.980  1.00 0.00 ? 2  ILE A HG13 4  
ATOM   671  H HG21 . ILE A 1 2  ? -3.323  -6.914 3.408  1.00 0.00 ? 2  ILE A HG21 4  
ATOM   672  H HG22 . ILE A 1 2  ? -3.861  -6.597 1.761  1.00 0.00 ? 2  ILE A HG22 4  
ATOM   673  H HG23 . ILE A 1 2  ? -4.406  -8.049 2.600  1.00 0.00 ? 2  ILE A HG23 4  
ATOM   674  H HD11 . ILE A 1 2  ? -7.114  -8.328 3.822  1.00 0.00 ? 2  ILE A HD11 4  
ATOM   675  H HD12 . ILE A 1 2  ? -6.576  -8.612 5.478  1.00 0.00 ? 2  ILE A HD12 4  
ATOM   676  H HD13 . ILE A 1 2  ? -5.470  -8.884 4.131  1.00 0.00 ? 2  ILE A HD13 4  
ATOM   677  N N    . LEU A 1 3  ? -5.435  -4.103 1.123  1.00 0.00 ? 3  LEU A N    4  
ATOM   678  C CA   . LEU A 1 3  ? -5.098  -3.606 -0.206 1.00 0.00 ? 3  LEU A CA   4  
ATOM   679  C C    . LEU A 1 3  ? -4.683  -2.142 -0.145 1.00 0.00 ? 3  LEU A C    4  
ATOM   680  O O    . LEU A 1 3  ? -3.862  -1.690 -0.940 1.00 0.00 ? 3  LEU A O    4  
ATOM   681  C CB   . LEU A 1 3  ? -6.272  -3.778 -1.179 1.00 0.00 ? 3  LEU A CB   4  
ATOM   682  C CG   . LEU A 1 3  ? -6.495  -5.198 -1.717 1.00 0.00 ? 3  LEU A CG   4  
ATOM   683  C CD1  . LEU A 1 3  ? -6.955  -6.145 -0.615 1.00 0.00 ? 3  LEU A CD1  4  
ATOM   684  C CD2  . LEU A 1 3  ? -7.500  -5.178 -2.857 1.00 0.00 ? 3  LEU A CD2  4  
ATOM   685  H H    . LEU A 1 3  ? -6.358  -4.382 1.308  1.00 0.00 ? 3  LEU A H    4  
ATOM   686  H HA   . LEU A 1 3  ? -4.262  -4.184 -0.567 1.00 0.00 ? 3  LEU A HA   4  
ATOM   687  H HB2  . LEU A 1 3  ? -7.175  -3.463 -0.677 1.00 0.00 ? 3  LEU A HB2  4  
ATOM   688  H HB3  . LEU A 1 3  ? -6.106  -3.125 -2.022 1.00 0.00 ? 3  LEU A HB3  4  
ATOM   689  H HG   . LEU A 1 3  ? -5.561  -5.577 -2.105 1.00 0.00 ? 3  LEU A HG   4  
ATOM   690  H HD11 . LEU A 1 3  ? -6.225  -6.151 0.180  1.00 0.00 ? 3  LEU A HD11 4  
ATOM   691  H HD12 . LEU A 1 3  ? -7.058  -7.142 -1.016 1.00 0.00 ? 3  LEU A HD12 4  
ATOM   692  H HD13 . LEU A 1 3  ? -7.907  -5.811 -0.229 1.00 0.00 ? 3  LEU A HD13 4  
ATOM   693  H HD21 . LEU A 1 3  ? -7.632  -6.178 -3.239 1.00 0.00 ? 3  LEU A HD21 4  
ATOM   694  H HD22 . LEU A 1 3  ? -7.137  -4.535 -3.646 1.00 0.00 ? 3  LEU A HD22 4  
ATOM   695  H HD23 . LEU A 1 3  ? -8.447  -4.803 -2.496 1.00 0.00 ? 3  LEU A HD23 4  
ATOM   696  N N    . ASP A 1 4  ? -5.243  -1.417 0.815  1.00 0.00 ? 4  ASP A N    4  
ATOM   697  C CA   . ASP A 1 4  ? -4.918  -0.008 1.014  1.00 0.00 ? 4  ASP A CA   4  
ATOM   698  C C    . ASP A 1 4  ? -3.480  0.141  1.490  1.00 0.00 ? 4  ASP A C    4  
ATOM   699  O O    . ASP A 1 4  ? -2.723  0.969  0.976  1.00 0.00 ? 4  ASP A O    4  
ATOM   700  C CB   . ASP A 1 4  ? -5.864  0.620  2.044  1.00 0.00 ? 4  ASP A CB   4  
ATOM   701  C CG   . ASP A 1 4  ? -7.321  0.557  1.631  1.00 0.00 ? 4  ASP A CG   4  
ATOM   702  O OD1  . ASP A 1 4  ? -7.883  1.604  1.244  1.00 0.00 ? 4  ASP A OD1  4  
ATOM   703  O OD2  . ASP A 1 4  ? -7.914  -0.539 1.701  1.00 0.00 ? 4  ASP A OD2  4  
ATOM   704  H H    . ASP A 1 4  ? -5.897  -1.841 1.407  1.00 0.00 ? 4  ASP A H    4  
ATOM   705  H HA   . ASP A 1 4  ? -5.032  0.501  0.069  1.00 0.00 ? 4  ASP A HA   4  
ATOM   706  H HB2  . ASP A 1 4  ? -5.756  0.102  2.984  1.00 0.00 ? 4  ASP A HB2  4  
ATOM   707  H HB3  . ASP A 1 4  ? -5.594  1.658  2.180  1.00 0.00 ? 4  ASP A HB3  4  
ATOM   708  N N    . ILE A 1 5  ? -3.106  -0.675 2.471  1.00 0.00 ? 5  ILE A N    4  
ATOM   709  C CA   . ILE A 1 5  ? -1.753  -0.666 3.012  1.00 0.00 ? 5  ILE A CA   4  
ATOM   710  C C    . ILE A 1 5  ? -0.744  -1.083 1.950  1.00 0.00 ? 5  ILE A C    4  
ATOM   711  O O    . ILE A 1 5  ? 0.252   -0.400 1.729  1.00 0.00 ? 5  ILE A O    4  
ATOM   712  C CB   . ILE A 1 5  ? -1.618  -1.604 4.235  1.00 0.00 ? 5  ILE A CB   4  
ATOM   713  C CG1  . ILE A 1 5  ? -2.549  -1.157 5.369  1.00 0.00 ? 5  ILE A CG1  4  
ATOM   714  C CG2  . ILE A 1 5  ? -0.175  -1.653 4.721  1.00 0.00 ? 5  ILE A CG2  4  
ATOM   715  C CD1  . ILE A 1 5  ? -2.241  0.224  5.914  1.00 0.00 ? 5  ILE A CD1  4  
ATOM   716  H H    . ILE A 1 5  ? -3.767  -1.298 2.848  1.00 0.00 ? 5  ILE A H    4  
ATOM   717  H HA   . ILE A 1 5  ? -1.528  0.342  3.331  1.00 0.00 ? 5  ILE A HA   4  
ATOM   718  H HB   . ILE A 1 5  ? -1.898  -2.599 3.926  1.00 0.00 ? 5  ILE A HB   4  
ATOM   719  H HG12 . ILE A 1 5  ? -3.566  -1.148 5.008  1.00 0.00 ? 5  ILE A HG12 4  
ATOM   720  H HG13 . ILE A 1 5  ? -2.469  -1.859 6.187  1.00 0.00 ? 5  ILE A HG13 4  
ATOM   721  H HG21 . ILE A 1 5  ? 0.149   -0.658 4.986  1.00 0.00 ? 5  ILE A HG21 4  
ATOM   722  H HG22 . ILE A 1 5  ? 0.458   -2.042 3.935  1.00 0.00 ? 5  ILE A HG22 4  
ATOM   723  H HG23 . ILE A 1 5  ? -0.107  -2.294 5.586  1.00 0.00 ? 5  ILE A HG23 4  
ATOM   724  H HD11 . ILE A 1 5  ? -1.227  0.247  6.285  1.00 0.00 ? 5  ILE A HD11 4  
ATOM   725  H HD12 . ILE A 1 5  ? -2.923  0.454  6.717  1.00 0.00 ? 5  ILE A HD12 4  
ATOM   726  H HD13 . ILE A 1 5  ? -2.352  0.954  5.126  1.00 0.00 ? 5  ILE A HD13 4  
ATOM   727  N N    . LEU A 1 6  ? -1.018  -2.194 1.279  1.00 0.00 ? 6  LEU A N    4  
ATOM   728  C CA   . LEU A 1 6  ? -0.119  -2.706 0.250  1.00 0.00 ? 6  LEU A CA   4  
ATOM   729  C C    . LEU A 1 6  ? -0.015  -1.731 -0.919 1.00 0.00 ? 6  LEU A C    4  
ATOM   730  O O    . LEU A 1 6  ? 1.030   -1.634 -1.569 1.00 0.00 ? 6  LEU A O    4  
ATOM   731  C CB   . LEU A 1 6  ? -0.571  -4.084 -0.232 1.00 0.00 ? 6  LEU A CB   4  
ATOM   732  C CG   . LEU A 1 6  ? -0.072  -5.274 0.600  1.00 0.00 ? 6  LEU A CG   4  
ATOM   733  C CD1  . LEU A 1 6  ? 1.445   -5.360 0.563  1.00 0.00 ? 6  LEU A CD1  4  
ATOM   734  C CD2  . LEU A 1 6  ? -0.559  -5.184 2.040  1.00 0.00 ? 6  LEU A CD2  4  
ATOM   735  H H    . LEU A 1 6  ? -1.847  -2.684 1.481  1.00 0.00 ? 6  LEU A H    4  
ATOM   736  H HA   . LEU A 1 6  ? 0.855   -2.801 0.696  1.00 0.00 ? 6  LEU A HA   4  
ATOM   737  H HB2  . LEU A 1 6  ? -1.647  -4.098 -0.229 1.00 0.00 ? 6  LEU A HB2  4  
ATOM   738  H HB3  . LEU A 1 6  ? -0.229  -4.217 -1.245 1.00 0.00 ? 6  LEU A HB3  4  
ATOM   739  H HG   . LEU A 1 6  ? -0.465  -6.186 0.176  1.00 0.00 ? 6  LEU A HG   4  
ATOM   740  H HD11 . LEU A 1 6  ? 1.868   -4.477 1.017  1.00 0.00 ? 6  LEU A HD11 4  
ATOM   741  H HD12 . LEU A 1 6  ? 1.774   -5.429 -0.462 1.00 0.00 ? 6  LEU A HD12 4  
ATOM   742  H HD13 . LEU A 1 6  ? 1.770   -6.235 1.105  1.00 0.00 ? 6  LEU A HD13 4  
ATOM   743  H HD21 . LEU A 1 6  ? -1.638  -5.234 2.059  1.00 0.00 ? 6  LEU A HD21 4  
ATOM   744  H HD22 . LEU A 1 6  ? -0.235  -4.247 2.470  1.00 0.00 ? 6  LEU A HD22 4  
ATOM   745  H HD23 . LEU A 1 6  ? -0.150  -6.002 2.612  1.00 0.00 ? 6  LEU A HD23 4  
ATOM   746  N N    . ASN A 1 7  ? -1.099  -1.011 -1.177 1.00 0.00 ? 7  ASN A N    4  
ATOM   747  C CA   . ASN A 1 7  ? -1.085  0.072  -2.152 1.00 0.00 ? 7  ASN A CA   4  
ATOM   748  C C    . ASN A 1 7  ? -0.091  1.130  -1.717 1.00 0.00 ? 7  ASN A C    4  
ATOM   749  O O    . ASN A 1 7  ? 0.831   1.481  -2.452 1.00 0.00 ? 7  ASN A O    4  
ATOM   750  C CB   . ASN A 1 7  ? -2.476  0.700  -2.262 1.00 0.00 ? 7  ASN A CB   4  
ATOM   751  C CG   . ASN A 1 7  ? -2.507  1.901  -3.186 1.00 0.00 ? 7  ASN A CG   4  
ATOM   752  O OD1  . ASN A 1 7  ? -2.288  3.036  -2.755 1.00 0.00 ? 7  ASN A OD1  4  
ATOM   753  N ND2  . ASN A 1 7  ? -2.788  1.670  -4.458 1.00 0.00 ? 7  ASN A ND2  4  
ATOM   754  H H    . ASN A 1 7  ? -1.933  -1.214 -0.700 1.00 0.00 ? 7  ASN A H    4  
ATOM   755  H HA   . ASN A 1 7  ? -0.791  -0.329 -3.109 1.00 0.00 ? 7  ASN A HA   4  
ATOM   756  H HB2  . ASN A 1 7  ? -3.166  -0.036 -2.633 1.00 0.00 ? 7  ASN A HB2  4  
ATOM   757  H HB3  . ASN A 1 7  ? -2.794  1.018  -1.279 1.00 0.00 ? 7  ASN A HB3  4  
ATOM   758  H HD21 . ASN A 1 7  ? -2.961  0.744  -4.735 1.00 0.00 ? 7  ASN A HD21 4  
ATOM   759  H HD22 . ASN A 1 7  ? -2.817  2.435  -5.070 1.00 0.00 ? 7  ASN A HD22 4  
ATOM   760  N N    . LYS A 1 8  ? -0.299  1.623  -0.505 1.00 0.00 ? 8  LYS A N    4  
ATOM   761  C CA   . LYS A 1 8  ? 0.569   2.616  0.106  1.00 0.00 ? 8  LYS A CA   4  
ATOM   762  C C    . LYS A 1 8  ? 2.033   2.182  0.051  1.00 0.00 ? 8  LYS A C    4  
ATOM   763  O O    . LYS A 1 8  ? 2.899   2.952  -0.361 1.00 0.00 ? 8  LYS A O    4  
ATOM   764  C CB   . LYS A 1 8  ? 0.145   2.841  1.556  1.00 0.00 ? 8  LYS A CB   4  
ATOM   765  C CG   . LYS A 1 8  ? 0.506   4.212  2.094  1.00 0.00 ? 8  LYS A CG   4  
ATOM   766  C CD   . LYS A 1 8  ? -0.212  5.324  1.339  1.00 0.00 ? 8  LYS A CD   4  
ATOM   767  C CE   . LYS A 1 8  ? -1.729  5.211  1.451  1.00 0.00 ? 8  LYS A CE   4  
ATOM   768  N NZ   . LYS A 1 8  ? -2.201  5.339  2.854  1.00 0.00 ? 8  LYS A NZ   4  
ATOM   769  H H    . LYS A 1 8  ? -1.090  1.317  -0.004 1.00 0.00 ? 8  LYS A H    4  
ATOM   770  H HA   . LYS A 1 8  ? 0.456   3.535  -0.443 1.00 0.00 ? 8  LYS A HA   4  
ATOM   771  H HB2  . LYS A 1 8  ? -0.925  2.717  1.632  1.00 0.00 ? 8  LYS A HB2  4  
ATOM   772  H HB3  . LYS A 1 8  ? 0.626   2.099  2.176  1.00 0.00 ? 8  LYS A HB3  4  
ATOM   773  H HG2  . LYS A 1 8  ? 0.233   4.262  3.138  1.00 0.00 ? 8  LYS A HG2  4  
ATOM   774  H HG3  . LYS A 1 8  ? 1.574   4.350  1.994  1.00 0.00 ? 8  LYS A HG3  4  
ATOM   775  H HD2  . LYS A 1 8  ? 0.094   6.276  1.742  1.00 0.00 ? 8  LYS A HD2  4  
ATOM   776  H HD3  . LYS A 1 8  ? 0.063   5.273  0.296  1.00 0.00 ? 8  LYS A HD3  4  
ATOM   777  H HE2  . LYS A 1 8  ? -2.178  5.993  0.860  1.00 0.00 ? 8  LYS A HE2  4  
ATOM   778  H HE3  . LYS A 1 8  ? -2.035  4.249  1.061  1.00 0.00 ? 8  LYS A HE3  4  
ATOM   779  H HZ1  . LYS A 1 8  ? -3.230  5.184  2.901  1.00 0.00 ? 8  LYS A HZ1  4  
ATOM   780  H HZ2  . LYS A 1 8  ? -1.992  6.291  3.218  1.00 0.00 ? 8  LYS A HZ2  4  
ATOM   781  H HZ3  . LYS A 1 8  ? -1.728  4.640  3.461  1.00 0.00 ? 8  LYS A HZ3  4  
ATOM   782  N N    . VAL A 1 9  ? 2.293   0.949  0.471  1.00 0.00 ? 9  VAL A N    4  
ATOM   783  C CA   . VAL A 1 9  ? 3.636   0.373  0.416  1.00 0.00 ? 9  VAL A CA   4  
ATOM   784  C C    . VAL A 1 9  ? 4.217   0.466  -0.994 1.00 0.00 ? 9  VAL A C    4  
ATOM   785  O O    . VAL A 1 9  ? 5.312   0.986  -1.188 1.00 0.00 ? 9  VAL A O    4  
ATOM   786  C CB   . VAL A 1 9  ? 3.640   -1.107 0.870  1.00 0.00 ? 9  VAL A CB   4  
ATOM   787  C CG1  . VAL A 1 9  ? 5.027   -1.718 0.725  1.00 0.00 ? 9  VAL A CG1  4  
ATOM   788  C CG2  . VAL A 1 9  ? 3.161   -1.229 2.307  1.00 0.00 ? 9  VAL A CG2  4  
ATOM   789  H H    . VAL A 1 9  ? 1.557   0.413  0.847  1.00 0.00 ? 9  VAL A H    4  
ATOM   790  H HA   . VAL A 1 9  ? 4.265   0.937  1.090  1.00 0.00 ? 9  VAL A HA   4  
ATOM   791  H HB   . VAL A 1 9  ? 2.959   -1.658 0.238  1.00 0.00 ? 9  VAL A HB   4  
ATOM   792  H HG11 . VAL A 1 9  ? 5.727   -1.175 1.340  1.00 0.00 ? 9  VAL A HG11 4  
ATOM   793  H HG12 . VAL A 1 9  ? 5.339   -1.664 -0.308 1.00 0.00 ? 9  VAL A HG12 4  
ATOM   794  H HG13 . VAL A 1 9  ? 5.000   -2.753 1.039  1.00 0.00 ? 9  VAL A HG13 4  
ATOM   795  H HG21 . VAL A 1 9  ? 3.203   -2.263 2.615  1.00 0.00 ? 9  VAL A HG21 4  
ATOM   796  H HG22 . VAL A 1 9  ? 2.143   -0.874 2.377  1.00 0.00 ? 9  VAL A HG22 4  
ATOM   797  H HG23 . VAL A 1 9  ? 3.794   -0.635 2.950  1.00 0.00 ? 9  VAL A HG23 4  
ATOM   798  N N    . SER A 1 10 ? 3.471   -0.023 -1.975 1.00 0.00 ? 10 SER A N    4  
ATOM   799  C CA   . SER A 1 10 ? 3.928   -0.013 -3.360 1.00 0.00 ? 10 SER A CA   4  
ATOM   800  C C    . SER A 1 10 ? 4.134   1.418  -3.855 1.00 0.00 ? 10 SER A C    4  
ATOM   801  O O    . SER A 1 10 ? 5.043   1.695  -4.637 1.00 0.00 ? 10 SER A O    4  
ATOM   802  C CB   . SER A 1 10 ? 2.919   -0.740 -4.243 1.00 0.00 ? 10 SER A CB   4  
ATOM   803  O OG   . SER A 1 10 ? 2.619   -2.025 -3.719 1.00 0.00 ? 10 SER A OG   4  
ATOM   804  H H    . SER A 1 10 ? 2.587   -0.396 -1.764 1.00 0.00 ? 10 SER A H    4  
ATOM   805  H HA   . SER A 1 10 ? 4.873   -0.537 -3.401 1.00 0.00 ? 10 SER A HA   4  
ATOM   806  H HB2  . SER A 1 10 ? 2.007   -0.164 -4.293 1.00 0.00 ? 10 SER A HB2  4  
ATOM   807  H HB3  . SER A 1 10 ? 3.328   -0.855 -5.235 1.00 0.00 ? 10 SER A HB3  4  
ATOM   808  H HG   . SER A 1 10 ? 1.944   -1.939 -3.029 1.00 0.00 ? 10 SER A HG   4  
ATOM   809  N N    . ASN A 1 11 ? 3.288   2.319  -3.375 1.00 0.00 ? 11 ASN A N    4  
ATOM   810  C CA   . ASN A 1 11 ? 3.358   3.729  -3.739 1.00 0.00 ? 11 ASN A CA   4  
ATOM   811  C C    . ASN A 1 11 ? 4.628   4.369  -3.194 1.00 0.00 ? 11 ASN A C    4  
ATOM   812  O O    . ASN A 1 11 ? 5.376   5.024  -3.921 1.00 0.00 ? 11 ASN A O    4  
ATOM   813  C CB   . ASN A 1 11 ? 2.141   4.463  -3.176 1.00 0.00 ? 11 ASN A CB   4  
ATOM   814  C CG   . ASN A 1 11 ? 2.040   5.892  -3.666 1.00 0.00 ? 11 ASN A CG   4  
ATOM   815  O OD1  . ASN A 1 11 ? 2.595   6.810  -3.063 1.00 0.00 ? 11 ASN A OD1  4  
ATOM   816  N ND2  . ASN A 1 11 ? 1.321   6.091  -4.756 1.00 0.00 ? 11 ASN A ND2  4  
ATOM   817  H H    . ASN A 1 11 ? 2.581   2.022  -2.759 1.00 0.00 ? 11 ASN A H    4  
ATOM   818  H HA   . ASN A 1 11 ? 3.354   3.802  -4.816 1.00 0.00 ? 11 ASN A HA   4  
ATOM   819  H HB2  . ASN A 1 11 ? 1.249   3.938  -3.463 1.00 0.00 ? 11 ASN A HB2  4  
ATOM   820  H HB3  . ASN A 1 11 ? 2.210   4.478  -2.098 1.00 0.00 ? 11 ASN A HB3  4  
ATOM   821  H HD21 . ASN A 1 11 ? 0.900   5.312  -5.182 1.00 0.00 ? 11 ASN A HD21 4  
ATOM   822  H HD22 . ASN A 1 11 ? 1.230   7.006  -5.094 1.00 0.00 ? 11 ASN A HD22 4  
ATOM   823  N N    . LEU A 1 12 ? 4.857   4.169  -1.906 1.00 0.00 ? 12 LEU A N    4  
ATOM   824  C CA   . LEU A 1 12 ? 6.005   4.753  -1.223 1.00 0.00 ? 12 LEU A CA   4  
ATOM   825  C C    . LEU A 1 12 ? 7.311   4.095  -1.662 1.00 0.00 ? 12 LEU A C    4  
ATOM   826  O O    . LEU A 1 12 ? 8.340   4.760  -1.797 1.00 0.00 ? 12 LEU A O    4  
ATOM   827  C CB   . LEU A 1 12 ? 5.839   4.623  0.292  1.00 0.00 ? 12 LEU A CB   4  
ATOM   828  C CG   . LEU A 1 12 ? 4.621   5.340  0.882  1.00 0.00 ? 12 LEU A CG   4  
ATOM   829  C CD1  . LEU A 1 12 ? 4.517   5.074  2.374  1.00 0.00 ? 12 LEU A CD1  4  
ATOM   830  C CD2  . LEU A 1 12 ? 4.701   6.836  0.616  1.00 0.00 ? 12 LEU A CD2  4  
ATOM   831  H H    . LEU A 1 12 ? 4.221   3.619  -1.392 1.00 0.00 ? 12 LEU A H    4  
ATOM   832  H HA   . LEU A 1 12 ? 6.044   5.801  -1.480 1.00 0.00 ? 12 LEU A HA   4  
ATOM   833  H HB2  . LEU A 1 12 ? 5.762   3.572  0.533  1.00 0.00 ? 12 LEU A HB2  4  
ATOM   834  H HB3  . LEU A 1 12 ? 6.724   5.018  0.766  1.00 0.00 ? 12 LEU A HB3  4  
ATOM   835  H HG   . LEU A 1 12 ? 3.725   4.965  0.411  1.00 0.00 ? 12 LEU A HG   4  
ATOM   836  H HD11 . LEU A 1 12 ? 3.658   5.590  2.775  1.00 0.00 ? 12 LEU A HD11 4  
ATOM   837  H HD12 . LEU A 1 12 ? 5.412   5.427  2.865  1.00 0.00 ? 12 LEU A HD12 4  
ATOM   838  H HD13 . LEU A 1 12 ? 4.410   4.011  2.543  1.00 0.00 ? 12 LEU A HD13 4  
ATOM   839  H HD21 . LEU A 1 12 ? 5.617   7.227  1.035  1.00 0.00 ? 12 LEU A HD21 4  
ATOM   840  H HD22 . LEU A 1 12 ? 3.857   7.329  1.075  1.00 0.00 ? 12 LEU A HD22 4  
ATOM   841  H HD23 . LEU A 1 12 ? 4.688   7.016  -0.448 1.00 0.00 ? 12 LEU A HD23 4  
ATOM   842  N N    . PHE A 1 13 ? 7.265   2.793  -1.886 1.00 0.00 ? 13 PHE A N    4  
ATOM   843  C CA   . PHE A 1 13 ? 8.445   2.048  -2.308 1.00 0.00 ? 13 PHE A CA   4  
ATOM   844  C C    . PHE A 1 13 ? 8.363   1.730  -3.794 1.00 0.00 ? 13 PHE A C    4  
ATOM   845  O O    . PHE A 1 13 ? 8.907   0.722  -4.241 1.00 0.00 ? 13 PHE A O    4  
ATOM   846  C CB   . PHE A 1 13 ? 8.585   0.757  -1.495 1.00 0.00 ? 13 PHE A CB   4  
ATOM   847  C CG   . PHE A 1 13 ? 8.698   0.987  -0.014 1.00 0.00 ? 13 PHE A CG   4  
ATOM   848  C CD1  . PHE A 1 13 ? 9.924   1.268  0.565  1.00 0.00 ? 13 PHE A CD1  4  
ATOM   849  C CD2  . PHE A 1 13 ? 7.577   0.922  0.796  1.00 0.00 ? 13 PHE A CD2  4  
ATOM   850  C CE1  . PHE A 1 13 ? 10.028  1.480  1.926  1.00 0.00 ? 13 PHE A CE1  4  
ATOM   851  C CE2  . PHE A 1 13 ? 7.675   1.132  2.156  1.00 0.00 ? 13 PHE A CE2  4  
ATOM   852  C CZ   . PHE A 1 13 ? 8.902   1.413  2.723  1.00 0.00 ? 13 PHE A CZ   4  
ATOM   853  H H    . PHE A 1 13 ? 6.415   2.313  -1.765 1.00 0.00 ? 13 PHE A H    4  
ATOM   854  H HA   . PHE A 1 13 ? 9.308   2.671  -2.130 1.00 0.00 ? 13 PHE A HA   4  
ATOM   855  H HB2  . PHE A 1 13 ? 7.718   0.134  -1.668 1.00 0.00 ? 13 PHE A HB2  4  
ATOM   856  H HB3  . PHE A 1 13 ? 9.471   0.229  -1.819 1.00 0.00 ? 13 PHE A HB3  4  
ATOM   857  H HD1  . PHE A 1 13 ? 10.803  1.323  -0.057 1.00 0.00 ? 13 PHE A HD1  4  
ATOM   858  H HD2  . PHE A 1 13 ? 6.616   0.703  0.353  1.00 0.00 ? 13 PHE A HD2  4  
ATOM   859  H HE1  . PHE A 1 13 ? 10.990  1.698  2.366  1.00 0.00 ? 13 PHE A HE1  4  
ATOM   860  H HE2  . PHE A 1 13 ? 6.793   1.078  2.777  1.00 0.00 ? 13 PHE A HE2  4  
ATOM   861  H HZ   . PHE A 1 13 ? 8.981   1.579  3.786  1.00 0.00 ? 13 PHE A HZ   4  
HETATM 862  N N    . NH2 A 1 14 ? 7.693   2.552  -4.581 1.00 0.00 ? 14 NH2 A N    4  
HETATM 863  H HN1  . NH2 A 1 14 ? 8.107   3.414  -4.795 1.00 0.00 ? 14 NH2 A HN1  4  
HETATM 864  H HN2  . NH2 A 1 14 ? 6.731   2.372  -4.714 1.00 0.00 ? 14 NH2 A HN2  4  
ATOM   865  N N    . GLY A 1 1  ? -8.010  -0.803 4.582  1.00 0.00 ? 1  GLY A N    5  
ATOM   866  C CA   . GLY A 1 1  ? -7.765  -2.261 4.652  1.00 0.00 ? 1  GLY A CA   5  
ATOM   867  C C    . GLY A 1 1  ? -6.366  -2.622 4.197  1.00 0.00 ? 1  GLY A C    5  
ATOM   868  O O    . GLY A 1 1  ? -5.565  -1.740 3.883  1.00 0.00 ? 1  GLY A O    5  
ATOM   869  H H1   . GLY A 1 1  ? -8.969  -0.585 4.915  1.00 0.00 ? 1  GLY A H1   5  
ATOM   870  H H2   . GLY A 1 1  ? -7.913  -0.468 3.599  1.00 0.00 ? 1  GLY A H2   5  
ATOM   871  H H3   . GLY A 1 1  ? -7.322  -0.296 5.176  1.00 0.00 ? 1  GLY A H3   5  
ATOM   872  H HA2  . GLY A 1 1  ? -7.897  -2.591 5.671  1.00 0.00 ? 1  GLY A HA2  5  
ATOM   873  H HA3  . GLY A 1 1  ? -8.480  -2.766 4.023  1.00 0.00 ? 1  GLY A HA3  5  
ATOM   874  N N    . ILE A 1 2  ? -6.076  -3.915 4.126  1.00 0.00 ? 2  ILE A N    5  
ATOM   875  C CA   . ILE A 1 2  ? -4.743  -4.385 3.808  1.00 0.00 ? 2  ILE A CA   5  
ATOM   876  C C    . ILE A 1 2  ? -4.365  -4.087 2.358  1.00 0.00 ? 2  ILE A C    5  
ATOM   877  O O    . ILE A 1 2  ? -3.190  -3.913 2.044  1.00 0.00 ? 2  ILE A O    5  
ATOM   878  C CB   . ILE A 1 2  ? -4.610  -5.892 4.085  1.00 0.00 ? 2  ILE A CB   5  
ATOM   879  C CG1  . ILE A 1 2  ? -5.649  -6.689 3.289  1.00 0.00 ? 2  ILE A CG1  5  
ATOM   880  C CG2  . ILE A 1 2  ? -4.743  -6.166 5.575  1.00 0.00 ? 2  ILE A CG2  5  
ATOM   881  C CD1  . ILE A 1 2  ? -5.572  -8.183 3.509  1.00 0.00 ? 2  ILE A CD1  5  
ATOM   882  H H    . ILE A 1 2  ? -6.779  -4.577 4.288  1.00 0.00 ? 2  ILE A H    5  
ATOM   883  H HA   . ILE A 1 2  ? -4.050  -3.865 4.457  1.00 0.00 ? 2  ILE A HA   5  
ATOM   884  H HB   . ILE A 1 2  ? -3.631  -6.195 3.780  1.00 0.00 ? 2  ILE A HB   5  
ATOM   885  H HG12 . ILE A 1 2  ? -6.637  -6.364 3.577  1.00 0.00 ? 2  ILE A HG12 5  
ATOM   886  H HG13 . ILE A 1 2  ? -5.506  -6.499 2.237  1.00 0.00 ? 2  ILE A HG13 5  
ATOM   887  H HG21 . ILE A 1 2  ? -3.960  -5.647 6.107  1.00 0.00 ? 2  ILE A HG21 5  
ATOM   888  H HG22 . ILE A 1 2  ? -4.659  -7.227 5.756  1.00 0.00 ? 2  ILE A HG22 5  
ATOM   889  H HG23 . ILE A 1 2  ? -5.706  -5.818 5.920  1.00 0.00 ? 2  ILE A HG23 5  
ATOM   890  H HD11 . ILE A 1 2  ? -6.334  -8.672 2.919  1.00 0.00 ? 2  ILE A HD11 5  
ATOM   891  H HD12 . ILE A 1 2  ? -5.728  -8.402 4.554  1.00 0.00 ? 2  ILE A HD12 5  
ATOM   892  H HD13 . ILE A 1 2  ? -4.599  -8.541 3.206  1.00 0.00 ? 2  ILE A HD13 5  
ATOM   893  N N    . LEU A 1 3  ? -5.364  -3.998 1.483  1.00 0.00 ? 3  LEU A N    5  
ATOM   894  C CA   . LEU A 1 3  ? -5.108  -3.690 0.079  1.00 0.00 ? 3  LEU A CA   5  
ATOM   895  C C    . LEU A 1 3  ? -4.710  -2.231 -0.062 1.00 0.00 ? 3  LEU A C    5  
ATOM   896  O O    . LEU A 1 3  ? -3.972  -1.861 -0.972 1.00 0.00 ? 3  LEU A O    5  
ATOM   897  C CB   . LEU A 1 3  ? -6.330  -3.980 -0.809 1.00 0.00 ? 3  LEU A CB   5  
ATOM   898  C CG   . LEU A 1 3  ? -6.770  -5.448 -0.912 1.00 0.00 ? 3  LEU A CG   5  
ATOM   899  C CD1  . LEU A 1 3  ? -5.575  -6.360 -1.149 1.00 0.00 ? 3  LEU A CD1  5  
ATOM   900  C CD2  . LEU A 1 3  ? -7.542  -5.876 0.326  1.00 0.00 ? 3  LEU A CD2  5  
ATOM   901  H H    . LEU A 1 3  ? -6.287  -4.133 1.788  1.00 0.00 ? 3  LEU A H    5  
ATOM   902  H HA   . LEU A 1 3  ? -4.283  -4.304 -0.247 1.00 0.00 ? 3  LEU A HA   5  
ATOM   903  H HB2  . LEU A 1 3  ? -7.163  -3.407 -0.433 1.00 0.00 ? 3  LEU A HB2  5  
ATOM   904  H HB3  . LEU A 1 3  ? -6.104  -3.631 -1.806 1.00 0.00 ? 3  LEU A HB3  5  
ATOM   905  H HG   . LEU A 1 3  ? -7.429  -5.552 -1.761 1.00 0.00 ? 3  LEU A HG   5  
ATOM   906  H HD11 . LEU A 1 3  ? -4.885  -6.274 -0.324 1.00 0.00 ? 3  LEU A HD11 5  
ATOM   907  H HD12 . LEU A 1 3  ? -5.078  -6.073 -2.066 1.00 0.00 ? 3  LEU A HD12 5  
ATOM   908  H HD13 . LEU A 1 3  ? -5.914  -7.383 -1.229 1.00 0.00 ? 3  LEU A HD13 5  
ATOM   909  H HD21 . LEU A 1 3  ? -8.466  -5.319 0.385  1.00 0.00 ? 3  LEU A HD21 5  
ATOM   910  H HD22 . LEU A 1 3  ? -6.950  -5.681 1.206  1.00 0.00 ? 3  LEU A HD22 5  
ATOM   911  H HD23 . LEU A 1 3  ? -7.763  -6.933 0.267  1.00 0.00 ? 3  LEU A HD23 5  
ATOM   912  N N    . ASP A 1 4  ? -5.199  -1.404 0.855  1.00 0.00 ? 4  ASP A N    5  
ATOM   913  C CA   . ASP A 1 4  ? -4.856  0.010  0.866  1.00 0.00 ? 4  ASP A CA   5  
ATOM   914  C C    . ASP A 1 4  ? -3.440  0.190  1.385  1.00 0.00 ? 4  ASP A C    5  
ATOM   915  O O    . ASP A 1 4  ? -2.675  1.002  0.867  1.00 0.00 ? 4  ASP A O    5  
ATOM   916  C CB   . ASP A 1 4  ? -5.832  0.814  1.729  1.00 0.00 ? 4  ASP A CB   5  
ATOM   917  C CG   . ASP A 1 4  ? -7.269  0.696  1.263  1.00 0.00 ? 4  ASP A CG   5  
ATOM   918  O OD1  . ASP A 1 4  ? -7.580  1.144  0.138  1.00 0.00 ? 4  ASP A OD1  5  
ATOM   919  O OD2  . ASP A 1 4  ? -8.102  0.163  2.026  1.00 0.00 ? 4  ASP A OD2  5  
ATOM   920  H H    . ASP A 1 4  ? -5.805  -1.759 1.543  1.00 0.00 ? 4  ASP A H    5  
ATOM   921  H HA   . ASP A 1 4  ? -4.902  0.371  -0.150 1.00 0.00 ? 4  ASP A HA   5  
ATOM   922  H HB2  . ASP A 1 4  ? -5.777  0.458  2.747  1.00 0.00 ? 4  ASP A HB2  5  
ATOM   923  H HB3  . ASP A 1 4  ? -5.550  1.856  1.703  1.00 0.00 ? 4  ASP A HB3  5  
ATOM   924  N N    . ILE A 1 5  ? -3.092  -0.590 2.404  1.00 0.00 ? 5  ILE A N    5  
ATOM   925  C CA   . ILE A 1 5  ? -1.746  -0.564 2.956  1.00 0.00 ? 5  ILE A CA   5  
ATOM   926  C C    . ILE A 1 5  ? -0.752  -1.097 1.931  1.00 0.00 ? 5  ILE A C    5  
ATOM   927  O O    . ILE A 1 5  ? 0.312   -0.520 1.727  1.00 0.00 ? 5  ILE A O    5  
ATOM   928  C CB   . ILE A 1 5  ? -1.640  -1.394 4.255  1.00 0.00 ? 5  ILE A CB   5  
ATOM   929  C CG1  . ILE A 1 5  ? -2.705  -0.944 5.259  1.00 0.00 ? 5  ILE A CG1  5  
ATOM   930  C CG2  . ILE A 1 5  ? -0.249  -1.254 4.861  1.00 0.00 ? 5  ILE A CG2  5  
ATOM   931  C CD1  . ILE A 1 5  ? -2.717  -1.755 6.537  1.00 0.00 ? 5  ILE A CD1  5  
ATOM   932  H H    . ILE A 1 5  ? -3.761  -1.189 2.796  1.00 0.00 ? 5  ILE A H    5  
ATOM   933  H HA   . ILE A 1 5  ? -1.496  0.462  3.183  1.00 0.00 ? 5  ILE A HA   5  
ATOM   934  H HB   . ILE A 1 5  ? -1.801  -2.433 4.010  1.00 0.00 ? 5  ILE A HB   5  
ATOM   935  H HG12 . ILE A 1 5  ? -2.526  0.087  5.524  1.00 0.00 ? 5  ILE A HG12 5  
ATOM   936  H HG13 . ILE A 1 5  ? -3.680  -1.030 4.801  1.00 0.00 ? 5  ILE A HG13 5  
ATOM   937  H HG21 . ILE A 1 5  ? 0.491   -1.568 4.142  1.00 0.00 ? 5  ILE A HG21 5  
ATOM   938  H HG22 . ILE A 1 5  ? -0.176  -1.871 5.746  1.00 0.00 ? 5  ILE A HG22 5  
ATOM   939  H HG23 . ILE A 1 5  ? -0.075  -0.222 5.130  1.00 0.00 ? 5  ILE A HG23 5  
ATOM   940  H HD11 . ILE A 1 5  ? -2.926  -2.788 6.306  1.00 0.00 ? 5  ILE A HD11 5  
ATOM   941  H HD12 . ILE A 1 5  ? -3.479  -1.373 7.199  1.00 0.00 ? 5  ILE A HD12 5  
ATOM   942  H HD13 . ILE A 1 5  ? -1.753  -1.681 7.018  1.00 0.00 ? 5  ILE A HD13 5  
ATOM   943  N N    . LEU A 1 6  ? -1.115  -2.200 1.278  1.00 0.00 ? 6  LEU A N    5  
ATOM   944  C CA   . LEU A 1 6  ? -0.291  -2.779 0.220  1.00 0.00 ? 6  LEU A CA   5  
ATOM   945  C C    . LEU A 1 6  ? -0.092  -1.761 -0.902 1.00 0.00 ? 6  LEU A C    5  
ATOM   946  O O    . LEU A 1 6  ? 1.007   -1.620 -1.446 1.00 0.00 ? 6  LEU A O    5  
ATOM   947  C CB   . LEU A 1 6  ? -0.952  -4.060 -0.312 1.00 0.00 ? 6  LEU A CB   5  
ATOM   948  C CG   . LEU A 1 6  ? -0.091  -4.941 -1.229 1.00 0.00 ? 6  LEU A CG   5  
ATOM   949  C CD1  . LEU A 1 6  ? -0.616  -6.367 -1.224 1.00 0.00 ? 6  LEU A CD1  5  
ATOM   950  C CD2  . LEU A 1 6  ? -0.074  -4.407 -2.656 1.00 0.00 ? 6  LEU A CD2  5  
ATOM   951  H H    . LEU A 1 6  ? -1.959  -2.644 1.522  1.00 0.00 ? 6  LEU A H    5  
ATOM   952  H HA   . LEU A 1 6  ? 0.671   -3.028 0.642  1.00 0.00 ? 6  LEU A HA   5  
ATOM   953  H HB2  . LEU A 1 6  ? -1.258  -4.656 0.536  1.00 0.00 ? 6  LEU A HB2  5  
ATOM   954  H HB3  . LEU A 1 6  ? -1.837  -3.774 -0.861 1.00 0.00 ? 6  LEU A HB3  5  
ATOM   955  H HG   . LEU A 1 6  ? 0.925   -4.956 -0.859 1.00 0.00 ? 6  LEU A HG   5  
ATOM   956  H HD11 . LEU A 1 6  ? -0.023  -6.973 -1.893 1.00 0.00 ? 6  LEU A HD11 5  
ATOM   957  H HD12 . LEU A 1 6  ? -1.645  -6.371 -1.551 1.00 0.00 ? 6  LEU A HD12 5  
ATOM   958  H HD13 . LEU A 1 6  ? -0.555  -6.770 -0.224 1.00 0.00 ? 6  LEU A HD13 5  
ATOM   959  H HD21 . LEU A 1 6  ? -1.078  -4.414 -3.054 1.00 0.00 ? 6  LEU A HD21 5  
ATOM   960  H HD22 . LEU A 1 6  ? 0.563   -5.028 -3.267 1.00 0.00 ? 6  LEU A HD22 5  
ATOM   961  H HD23 . LEU A 1 6  ? 0.305   -3.393 -2.653 1.00 0.00 ? 6  LEU A HD23 5  
ATOM   962  N N    . ASN A 1 7  ? -1.164  -1.052 -1.229 1.00 0.00 ? 7  ASN A N    5  
ATOM   963  C CA   . ASN A 1 7  ? -1.113  0.010  -2.225 1.00 0.00 ? 7  ASN A CA   5  
ATOM   964  C C    . ASN A 1 7  ? -0.133  1.088  -1.788 1.00 0.00 ? 7  ASN A C    5  
ATOM   965  O O    . ASN A 1 7  ? 0.760   1.474  -2.542 1.00 0.00 ? 7  ASN A O    5  
ATOM   966  C CB   . ASN A 1 7  ? -2.500  0.626  -2.407 1.00 0.00 ? 7  ASN A CB   5  
ATOM   967  C CG   . ASN A 1 7  ? -2.548  1.620  -3.547 1.00 0.00 ? 7  ASN A CG   5  
ATOM   968  O OD1  . ASN A 1 7  ? -2.283  2.808  -3.360 1.00 0.00 ? 7  ASN A OD1  5  
ATOM   969  N ND2  . ASN A 1 7  ? -2.893  1.146  -4.731 1.00 0.00 ? 7  ASN A ND2  5  
ATOM   970  H H    . ASN A 1 7  ? -2.021  -1.252 -0.791 1.00 0.00 ? 7  ASN A H    5  
ATOM   971  H HA   . ASN A 1 7  ? -0.783  -0.414 -3.160 1.00 0.00 ? 7  ASN A HA   5  
ATOM   972  H HB2  . ASN A 1 7  ? -3.209  -0.156 -2.601 1.00 0.00 ? 7  ASN A HB2  5  
ATOM   973  H HB3  . ASN A 1 7  ? -2.778  1.140  -1.497 1.00 0.00 ? 7  ASN A HB3  5  
ATOM   974  H HD21 . ASN A 1 7  ? -3.099  0.186  -4.807 1.00 0.00 ? 7  ASN A HD21 5  
ATOM   975  H HD22 . ASN A 1 7  ? -2.926  1.768  -5.488 1.00 0.00 ? 7  ASN A HD22 5  
ATOM   976  N N    . LYS A 1 8  ? -0.325  1.574  -0.566 1.00 0.00 ? 8  LYS A N    5  
ATOM   977  C CA   . LYS A 1 8  ? 0.552   2.560  0.039  1.00 0.00 ? 8  LYS A CA   5  
ATOM   978  C C    . LYS A 1 8  ? 2.017   2.126  -0.011 1.00 0.00 ? 8  LYS A C    5  
ATOM   979  O O    . LYS A 1 8  ? 2.879   2.902  -0.417 1.00 0.00 ? 8  LYS A O    5  
ATOM   980  C CB   . LYS A 1 8  ? 0.127   2.805  1.488  1.00 0.00 ? 8  LYS A CB   5  
ATOM   981  C CG   . LYS A 1 8  ? 0.624   4.122  2.057  1.00 0.00 ? 8  LYS A CG   5  
ATOM   982  C CD   . LYS A 1 8  ? 0.117   5.303  1.240  1.00 0.00 ? 8  LYS A CD   5  
ATOM   983  C CE   . LYS A 1 8  ? -1.403  5.360  1.207  1.00 0.00 ? 8  LYS A CE   5  
ATOM   984  N NZ   . LYS A 1 8  ? -1.891  6.522  0.417  1.00 0.00 ? 8  LYS A NZ   5  
ATOM   985  H H    . LYS A 1 8  ? -1.120  1.289  -0.063 1.00 0.00 ? 8  LYS A H    5  
ATOM   986  H HA   . LYS A 1 8  ? 0.445   3.472  -0.520 1.00 0.00 ? 8  LYS A HA   5  
ATOM   987  H HB2  . LYS A 1 8  ? -0.948  2.794  1.544  1.00 0.00 ? 8  LYS A HB2  5  
ATOM   988  H HB3  . LYS A 1 8  ? 0.517   2.006  2.103  1.00 0.00 ? 8  LYS A HB3  5  
ATOM   989  H HG2  . LYS A 1 8  ? 0.271   4.221  3.072  1.00 0.00 ? 8  LYS A HG2  5  
ATOM   990  H HG3  . LYS A 1 8  ? 1.703   4.123  2.045  1.00 0.00 ? 8  LYS A HG3  5  
ATOM   991  H HD2  . LYS A 1 8  ? 0.493   6.215  1.675  1.00 0.00 ? 8  LYS A HD2  5  
ATOM   992  H HD3  . LYS A 1 8  ? 0.482   5.205  0.231  1.00 0.00 ? 8  LYS A HD3  5  
ATOM   993  H HE2  . LYS A 1 8  ? -1.776  4.449  0.758  1.00 0.00 ? 8  LYS A HE2  5  
ATOM   994  H HE3  . LYS A 1 8  ? -1.771  5.442  2.220  1.00 0.00 ? 8  LYS A HE3  5  
ATOM   995  H HZ1  . LYS A 1 8  ? -1.566  7.411  0.845  1.00 0.00 ? 8  LYS A HZ1  5  
ATOM   996  H HZ2  . LYS A 1 8  ? -2.930  6.526  0.385  1.00 0.00 ? 8  LYS A HZ2  5  
ATOM   997  H HZ3  . LYS A 1 8  ? -1.528  6.470  -0.558 1.00 0.00 ? 8  LYS A HZ3  5  
ATOM   998  N N    . VAL A 1 9  ? 2.294   0.891  0.402  1.00 0.00 ? 9  VAL A N    5  
ATOM   999  C CA   . VAL A 1 9  ? 3.657   0.359  0.373  1.00 0.00 ? 9  VAL A CA   5  
ATOM   1000 C C    . VAL A 1 9  ? 4.234   0.430  -1.041 1.00 0.00 ? 9  VAL A C    5  
ATOM   1001 O O    . VAL A 1 9  ? 5.358   0.884  -1.241 1.00 0.00 ? 9  VAL A O    5  
ATOM   1002 C CB   . VAL A 1 9  ? 3.713   -1.101 0.880  1.00 0.00 ? 9  VAL A CB   5  
ATOM   1003 C CG1  . VAL A 1 9  ? 5.114   -1.676 0.739  1.00 0.00 ? 9  VAL A CG1  5  
ATOM   1004 C CG2  . VAL A 1 9  ? 3.259   -1.183 2.328  1.00 0.00 ? 9  VAL A CG2  5  
ATOM   1005 H H    . VAL A 1 9  ? 1.565   0.326  0.747  1.00 0.00 ? 9  VAL A H    5  
ATOM   1006 H HA   . VAL A 1 9  ? 4.263   0.970  1.027  1.00 0.00 ? 9  VAL A HA   5  
ATOM   1007 H HB   . VAL A 1 9  ? 3.042   -1.698 0.280  1.00 0.00 ? 9  VAL A HB   5  
ATOM   1008 H HG11 . VAL A 1 9  ? 5.117   -2.704 1.068  1.00 0.00 ? 9  VAL A HG11 5  
ATOM   1009 H HG12 . VAL A 1 9  ? 5.802   -1.102 1.342  1.00 0.00 ? 9  VAL A HG12 5  
ATOM   1010 H HG13 . VAL A 1 9  ? 5.419   -1.628 -0.297 1.00 0.00 ? 9  VAL A HG13 5  
ATOM   1011 H HG21 . VAL A 1 9  ? 3.314   -2.207 2.665  1.00 0.00 ? 9  VAL A HG21 5  
ATOM   1012 H HG22 . VAL A 1 9  ? 2.241   -0.832 2.405  1.00 0.00 ? 9  VAL A HG22 5  
ATOM   1013 H HG23 . VAL A 1 9  ? 3.899   -0.567 2.940  1.00 0.00 ? 9  VAL A HG23 5  
ATOM   1014 N N    . SER A 1 10 ? 3.444   0.009  -2.016 1.00 0.00 ? 10 SER A N    5  
ATOM   1015 C CA   . SER A 1 10 ? 3.869   0.027  -3.410 1.00 0.00 ? 10 SER A CA   5  
ATOM   1016 C C    . SER A 1 10 ? 4.078   1.463  -3.899 1.00 0.00 ? 10 SER A C    5  
ATOM   1017 O O    . SER A 1 10 ? 4.905   1.720  -4.772 1.00 0.00 ? 10 SER A O    5  
ATOM   1018 C CB   . SER A 1 10 ? 2.828   -0.681 -4.276 1.00 0.00 ? 10 SER A CB   5  
ATOM   1019 O OG   . SER A 1 10 ? 2.493   -1.951 -3.736 1.00 0.00 ? 10 SER A OG   5  
ATOM   1020 H H    . SER A 1 10 ? 2.546   -0.325 -1.795 1.00 0.00 ? 10 SER A H    5  
ATOM   1021 H HA   . SER A 1 10 ? 4.804   -0.506 -3.479 1.00 0.00 ? 10 SER A HA   5  
ATOM   1022 H HB2  . SER A 1 10 ? 1.936   -0.076 -4.323 1.00 0.00 ? 10 SER A HB2  5  
ATOM   1023 H HB3  . SER A 1 10 ? 3.225   -0.816 -5.270 1.00 0.00 ? 10 SER A HB3  5  
ATOM   1024 H HG   . SER A 1 10 ? 1.810   -1.841 -3.059 1.00 0.00 ? 10 SER A HG   5  
ATOM   1025 N N    . ASN A 1 11 ? 3.323   2.390  -3.322 1.00 0.00 ? 11 ASN A N    5  
ATOM   1026 C CA   . ASN A 1 11 ? 3.444   3.806  -3.653 1.00 0.00 ? 11 ASN A CA   5  
ATOM   1027 C C    . ASN A 1 11 ? 4.724   4.382  -3.072 1.00 0.00 ? 11 ASN A C    5  
ATOM   1028 O O    . ASN A 1 11 ? 5.532   4.980  -3.781 1.00 0.00 ? 11 ASN A O    5  
ATOM   1029 C CB   . ASN A 1 11 ? 2.244   4.580  -3.099 1.00 0.00 ? 11 ASN A CB   5  
ATOM   1030 C CG   . ASN A 1 11 ? 2.272   6.064  -3.437 1.00 0.00 ? 11 ASN A CG   5  
ATOM   1031 O OD1  . ASN A 1 11 ? 1.818   6.895  -2.649 1.00 0.00 ? 11 ASN A OD1  5  
ATOM   1032 N ND2  . ASN A 1 11 ? 2.780   6.409  -4.612 1.00 0.00 ? 11 ASN A ND2  5  
ATOM   1033 H H    . ASN A 1 11 ? 2.660   2.113  -2.655 1.00 0.00 ? 11 ASN A H    5  
ATOM   1034 H HA   . ASN A 1 11 ? 3.466   3.902  -4.726 1.00 0.00 ? 11 ASN A HA   5  
ATOM   1035 H HB2  . ASN A 1 11 ? 1.342   4.156  -3.500 1.00 0.00 ? 11 ASN A HB2  5  
ATOM   1036 H HB3  . ASN A 1 11 ? 2.232   4.479  -2.024 1.00 0.00 ? 11 ASN A HB3  5  
ATOM   1037 H HD21 . ASN A 1 11 ? 3.112   5.701  -5.204 1.00 0.00 ? 11 ASN A HD21 5  
ATOM   1038 H HD22 . ASN A 1 11 ? 2.811   7.363  -4.840 1.00 0.00 ? 11 ASN A HD22 5  
ATOM   1039 N N    . LEU A 1 12 ? 4.893   4.189  -1.775 1.00 0.00 ? 12 LEU A N    5  
ATOM   1040 C CA   . LEU A 1 12 ? 6.049   4.714  -1.056 1.00 0.00 ? 12 LEU A CA   5  
ATOM   1041 C C    . LEU A 1 12 ? 7.349   4.113  -1.582 1.00 0.00 ? 12 LEU A C    5  
ATOM   1042 O O    . LEU A 1 12 ? 8.353   4.812  -1.724 1.00 0.00 ? 12 LEU A O    5  
ATOM   1043 C CB   . LEU A 1 12 ? 5.917   4.434  0.443  1.00 0.00 ? 12 LEU A CB   5  
ATOM   1044 C CG   . LEU A 1 12 ? 4.683   5.043  1.116  1.00 0.00 ? 12 LEU A CG   5  
ATOM   1045 C CD1  . LEU A 1 12 ? 4.628   4.654  2.584  1.00 0.00 ? 12 LEU A CD1  5  
ATOM   1046 C CD2  . LEU A 1 12 ? 4.681   6.557  0.968  1.00 0.00 ? 12 LEU A CD2  5  
ATOM   1047 H H    . LEU A 1 12 ? 4.210   3.679  -1.280 1.00 0.00 ? 12 LEU A H    5  
ATOM   1048 H HA   . LEU A 1 12 ? 6.076   5.783  -1.212 1.00 0.00 ? 12 LEU A HA   5  
ATOM   1049 H HB2  . LEU A 1 12 ? 5.887   3.364  0.584  1.00 0.00 ? 12 LEU A HB2  5  
ATOM   1050 H HB3  . LEU A 1 12 ? 6.795   4.821  0.940  1.00 0.00 ? 12 LEU A HB3  5  
ATOM   1051 H HG   . LEU A 1 12 ? 3.794   4.658  0.637  1.00 0.00 ? 12 LEU A HG   5  
ATOM   1052 H HD11 . LEU A 1 12 ? 4.573   3.579  2.672  1.00 0.00 ? 12 LEU A HD11 5  
ATOM   1053 H HD12 . LEU A 1 12 ? 3.755   5.098  3.041  1.00 0.00 ? 12 LEU A HD12 5  
ATOM   1054 H HD13 . LEU A 1 12 ? 5.516   5.011  3.086  1.00 0.00 ? 12 LEU A HD13 5  
ATOM   1055 H HD21 . LEU A 1 12 ? 5.576   6.963  1.412  1.00 0.00 ? 12 LEU A HD21 5  
ATOM   1056 H HD22 . LEU A 1 12 ? 3.813   6.964  1.467  1.00 0.00 ? 12 LEU A HD22 5  
ATOM   1057 H HD23 . LEU A 1 12 ? 4.648   6.815  -0.081 1.00 0.00 ? 12 LEU A HD23 5  
ATOM   1058 N N    . PHE A 1 13 ? 7.332   2.820  -1.865 1.00 0.00 ? 13 PHE A N    5  
ATOM   1059 C CA   . PHE A 1 13 ? 8.511   2.139  -2.377 1.00 0.00 ? 13 PHE A CA   5  
ATOM   1060 C C    . PHE A 1 13 ? 8.366   1.892  -3.873 1.00 0.00 ? 13 PHE A C    5  
ATOM   1061 O O    . PHE A 1 13 ? 9.024   2.558  -4.675 1.00 0.00 ? 13 PHE A O    5  
ATOM   1062 C CB   . PHE A 1 13 ? 8.725   0.813  -1.640 1.00 0.00 ? 13 PHE A CB   5  
ATOM   1063 C CG   . PHE A 1 13 ? 8.833   0.964  -0.148 1.00 0.00 ? 13 PHE A CG   5  
ATOM   1064 C CD1  . PHE A 1 13 ? 7.702   0.902  0.648  1.00 0.00 ? 13 PHE A CD1  5  
ATOM   1065 C CD2  . PHE A 1 13 ? 10.063  1.169  0.456  1.00 0.00 ? 13 PHE A CD2  5  
ATOM   1066 C CE1  . PHE A 1 13 ? 7.793   1.045  2.019  1.00 0.00 ? 13 PHE A CE1  5  
ATOM   1067 C CE2  . PHE A 1 13 ? 10.159  1.312  1.828  1.00 0.00 ? 13 PHE A CE2  5  
ATOM   1068 C CZ   . PHE A 1 13 ? 9.022   1.250  2.609  1.00 0.00 ? 13 PHE A CZ   5  
ATOM   1069 H H    . PHE A 1 13 ? 6.504   2.307  -1.725 1.00 0.00 ? 13 PHE A H    5  
ATOM   1070 H HA   . PHE A 1 13 ? 9.363   2.779  -2.209 1.00 0.00 ? 13 PHE A HA   5  
ATOM   1071 H HB2  . PHE A 1 13 ? 7.894   0.156  -1.847 1.00 0.00 ? 13 PHE A HB2  5  
ATOM   1072 H HB3  . PHE A 1 13 ? 9.635   0.354  -1.997 1.00 0.00 ? 13 PHE A HB3  5  
ATOM   1073 H HD1  . PHE A 1 13 ? 6.735   0.744  0.185  1.00 0.00 ? 13 PHE A HD1  5  
ATOM   1074 H HD2  . PHE A 1 13 ? 10.950  1.217  -0.154 1.00 0.00 ? 13 PHE A HD2  5  
ATOM   1075 H HE1  . PHE A 1 13 ? 6.902   0.995  2.626  1.00 0.00 ? 13 PHE A HE1  5  
ATOM   1076 H HE2  . PHE A 1 13 ? 11.123  1.471  2.287  1.00 0.00 ? 13 PHE A HE2  5  
ATOM   1077 H HZ   . PHE A 1 13 ? 9.095   1.361  3.681  1.00 0.00 ? 13 PHE A HZ   5  
HETATM 1078 N N    . NH2 A 1 14 ? 7.512   0.972  -4.284 1.00 0.00 ? 14 NH2 A N    5  
HETATM 1079 H HN1  . NH2 A 1 14 ? 7.716   0.036  -4.071 1.00 0.00 ? 14 NH2 A HN1  5  
HETATM 1080 H HN2  . NH2 A 1 14 ? 6.619   1.274  -4.569 1.00 0.00 ? 14 NH2 A HN2  5  
ATOM   1081 N N    . GLY A 1 1  ? -8.535  -1.707 4.064  1.00 0.00 ? 1  GLY A N    6  
ATOM   1082 C CA   . GLY A 1 1  ? -8.088  -3.113 4.181  1.00 0.00 ? 1  GLY A CA   6  
ATOM   1083 C C    . GLY A 1 1  ? -6.608  -3.265 3.908  1.00 0.00 ? 1  GLY A C    6  
ATOM   1084 O O    . GLY A 1 1  ? -5.882  -2.274 3.824  1.00 0.00 ? 1  GLY A O    6  
ATOM   1085 H H1   . GLY A 1 1  ? -8.399  -1.368 3.085  1.00 0.00 ? 1  GLY A H1   6  
ATOM   1086 H H2   . GLY A 1 1  ? -7.984  -1.105 4.706  1.00 0.00 ? 1  GLY A H2   6  
ATOM   1087 H H3   . GLY A 1 1  ? -9.544  -1.628 4.310  1.00 0.00 ? 1  GLY A H3   6  
ATOM   1088 H HA2  . GLY A 1 1  ? -8.297  -3.464 5.180  1.00 0.00 ? 1  GLY A HA2  6  
ATOM   1089 H HA3  . GLY A 1 1  ? -8.640  -3.715 3.476  1.00 0.00 ? 1  GLY A HA3  6  
ATOM   1090 N N    . ILE A 1 2  ? -6.168  -4.506 3.756  1.00 0.00 ? 2  ILE A N    6  
ATOM   1091 C CA   . ILE A 1 2  ? -4.756  -4.810 3.549  1.00 0.00 ? 2  ILE A CA   6  
ATOM   1092 C C    . ILE A 1 2  ? -4.270  -4.284 2.201  1.00 0.00 ? 2  ILE A C    6  
ATOM   1093 O O    . ILE A 1 2  ? -3.145  -3.804 2.083  1.00 0.00 ? 2  ILE A O    6  
ATOM   1094 C CB   . ILE A 1 2  ? -4.495  -6.333 3.630  1.00 0.00 ? 2  ILE A CB   6  
ATOM   1095 C CG1  . ILE A 1 2  ? -4.982  -6.895 4.971  1.00 0.00 ? 2  ILE A CG1  6  
ATOM   1096 C CG2  . ILE A 1 2  ? -3.015  -6.641 3.428  1.00 0.00 ? 2  ILE A CG2  6  
ATOM   1097 C CD1  . ILE A 1 2  ? -4.308  -6.276 6.180  1.00 0.00 ? 2  ILE A CD1  6  
ATOM   1098 H H    . ILE A 1 2  ? -6.813  -5.244 3.784  1.00 0.00 ? 2  ILE A H    6  
ATOM   1099 H HA   . ILE A 1 2  ? -4.195  -4.328 4.334  1.00 0.00 ? 2  ILE A HA   6  
ATOM   1100 H HB   . ILE A 1 2  ? -5.044  -6.808 2.831  1.00 0.00 ? 2  ILE A HB   6  
ATOM   1101 H HG12 . ILE A 1 2  ? -6.044  -6.717 5.063  1.00 0.00 ? 2  ILE A HG12 6  
ATOM   1102 H HG13 . ILE A 1 2  ? -4.797  -7.957 4.996  1.00 0.00 ? 2  ILE A HG13 6  
ATOM   1103 H HG21 . ILE A 1 2  ? -2.437  -6.158 4.203  1.00 0.00 ? 2  ILE A HG21 6  
ATOM   1104 H HG22 . ILE A 1 2  ? -2.698  -6.275 2.463  1.00 0.00 ? 2  ILE A HG22 6  
ATOM   1105 H HG23 . ILE A 1 2  ? -2.860  -7.709 3.475  1.00 0.00 ? 2  ILE A HG23 6  
ATOM   1106 H HD11 . ILE A 1 2  ? -4.511  -5.217 6.203  1.00 0.00 ? 2  ILE A HD11 6  
ATOM   1107 H HD12 . ILE A 1 2  ? -3.241  -6.437 6.117  1.00 0.00 ? 2  ILE A HD12 6  
ATOM   1108 H HD13 . ILE A 1 2  ? -4.689  -6.738 7.079  1.00 0.00 ? 2  ILE A HD13 6  
ATOM   1109 N N    . LEU A 1 3  ? -5.131  -4.348 1.192  1.00 0.00 ? 3  LEU A N    6  
ATOM   1110 C CA   . LEU A 1 3  ? -4.766  -3.896 -0.145 1.00 0.00 ? 3  LEU A CA   6  
ATOM   1111 C C    . LEU A 1 3  ? -4.569  -2.386 -0.156 1.00 0.00 ? 3  LEU A C    6  
ATOM   1112 O O    . LEU A 1 3  ? -3.791  -1.858 -0.950 1.00 0.00 ? 3  LEU A O    6  
ATOM   1113 C CB   . LEU A 1 3  ? -5.827  -4.304 -1.169 1.00 0.00 ? 3  LEU A CB   6  
ATOM   1114 C CG   . LEU A 1 3  ? -6.118  -5.803 -1.240 1.00 0.00 ? 3  LEU A CG   6  
ATOM   1115 C CD1  . LEU A 1 3  ? -7.196  -6.090 -2.269 1.00 0.00 ? 3  LEU A CD1  6  
ATOM   1116 C CD2  . LEU A 1 3  ? -4.852  -6.579 -1.566 1.00 0.00 ? 3  LEU A CD2  6  
ATOM   1117 H H    . LEU A 1 3  ? -6.034  -4.702 1.349  1.00 0.00 ? 3  LEU A H    6  
ATOM   1118 H HA   . LEU A 1 3  ? -3.828  -4.368 -0.407 1.00 0.00 ? 3  LEU A HA   6  
ATOM   1119 H HB2  . LEU A 1 3  ? -6.746  -3.791 -0.925 1.00 0.00 ? 3  LEU A HB2  6  
ATOM   1120 H HB3  . LEU A 1 3  ? -5.501  -3.978 -2.145 1.00 0.00 ? 3  LEU A HB3  6  
ATOM   1121 H HG   . LEU A 1 3  ? -6.478  -6.139 -0.279 1.00 0.00 ? 3  LEU A HG   6  
ATOM   1122 H HD11 . LEU A 1 3  ? -6.871  -5.740 -3.238 1.00 0.00 ? 3  LEU A HD11 6  
ATOM   1123 H HD12 . LEU A 1 3  ? -8.104  -5.578 -1.989 1.00 0.00 ? 3  LEU A HD12 6  
ATOM   1124 H HD13 . LEU A 1 3  ? -7.381  -7.153 -2.312 1.00 0.00 ? 3  LEU A HD13 6  
ATOM   1125 H HD21 . LEU A 1 3  ? -4.449  -6.231 -2.504 1.00 0.00 ? 3  LEU A HD21 6  
ATOM   1126 H HD22 . LEU A 1 3  ? -5.086  -7.630 -1.645 1.00 0.00 ? 3  LEU A HD22 6  
ATOM   1127 H HD23 . LEU A 1 3  ? -4.125  -6.431 -0.783 1.00 0.00 ? 3  LEU A HD23 6  
ATOM   1128 N N    . ASP A 1 4  ? -5.267  -1.698 0.742  1.00 0.00 ? 4  ASP A N    6  
ATOM   1129 C CA   . ASP A 1 4  ? -5.106  -0.254 0.895  1.00 0.00 ? 4  ASP A CA   6  
ATOM   1130 C C    . ASP A 1 4  ? -3.732  0.052  1.471  1.00 0.00 ? 4  ASP A C    6  
ATOM   1131 O O    . ASP A 1 4  ? -3.081  1.023  1.084  1.00 0.00 ? 4  ASP A O    6  
ATOM   1132 C CB   . ASP A 1 4  ? -6.187  0.331  1.809  1.00 0.00 ? 4  ASP A CB   6  
ATOM   1133 C CG   . ASP A 1 4  ? -7.586  0.183  1.247  1.00 0.00 ? 4  ASP A CG   6  
ATOM   1134 O OD1  . ASP A 1 4  ? -8.260  -0.815 1.575  1.00 0.00 ? 4  ASP A OD1  6  
ATOM   1135 O OD2  . ASP A 1 4  ? -8.023  1.067  0.480  1.00 0.00 ? 4  ASP A OD2  6  
ATOM   1136 H H    . ASP A 1 4  ? -5.908  -2.171 1.313  1.00 0.00 ? 4  ASP A H    6  
ATOM   1137 H HA   . ASP A 1 4  ? -5.182  0.197  -0.083 1.00 0.00 ? 4  ASP A HA   6  
ATOM   1138 H HB2  . ASP A 1 4  ? -6.153  -0.175 2.763  1.00 0.00 ? 4  ASP A HB2  6  
ATOM   1139 H HB3  . ASP A 1 4  ? -5.987  1.381  1.960  1.00 0.00 ? 4  ASP A HB3  6  
ATOM   1140 N N    . ILE A 1 5  ? -3.295  -0.792 2.399  1.00 0.00 ? 5  ILE A N    6  
ATOM   1141 C CA   . ILE A 1 5  ? -1.978  -0.657 3.004  1.00 0.00 ? 5  ILE A CA   6  
ATOM   1142 C C    . ILE A 1 5  ? -0.897  -1.001 1.984  1.00 0.00 ? 5  ILE A C    6  
ATOM   1143 O O    . ILE A 1 5  ? 0.084   -0.274 1.836  1.00 0.00 ? 5  ILE A O    6  
ATOM   1144 C CB   . ILE A 1 5  ? -1.833  -1.565 4.245  1.00 0.00 ? 5  ILE A CB   6  
ATOM   1145 C CG1  . ILE A 1 5  ? -2.900  -1.210 5.288  1.00 0.00 ? 5  ILE A CG1  6  
ATOM   1146 C CG2  . ILE A 1 5  ? -0.435  -1.436 4.841  1.00 0.00 ? 5  ILE A CG2  6  
ATOM   1147 C CD1  . ILE A 1 5  ? -2.875  -2.096 6.514  1.00 0.00 ? 5  ILE A CD1  6  
ATOM   1148 H H    . ILE A 1 5  ? -3.876  -1.528 2.685  1.00 0.00 ? 5  ILE A H    6  
ATOM   1149 H HA   . ILE A 1 5  ? -1.855  0.372  3.315  1.00 0.00 ? 5  ILE A HA   6  
ATOM   1150 H HB   . ILE A 1 5  ? -1.972  -2.590 3.932  1.00 0.00 ? 5  ILE A HB   6  
ATOM   1151 H HG12 . ILE A 1 5  ? -2.749  -0.191 5.613  1.00 0.00 ? 5  ILE A HG12 6  
ATOM   1152 H HG13 . ILE A 1 5  ? -3.876  -1.296 4.834  1.00 0.00 ? 5  ILE A HG13 6  
ATOM   1153 H HG21 . ILE A 1 5  ? -0.266  -0.411 5.140  1.00 0.00 ? 5  ILE A HG21 6  
ATOM   1154 H HG22 . ILE A 1 5  ? 0.298   -1.722 4.104  1.00 0.00 ? 5  ILE A HG22 6  
ATOM   1155 H HG23 . ILE A 1 5  ? -0.351  -2.081 5.704  1.00 0.00 ? 5  ILE A HG23 6  
ATOM   1156 H HD11 . ILE A 1 5  ? -3.644  -1.779 7.201  1.00 0.00 ? 5  ILE A HD11 6  
ATOM   1157 H HD12 . ILE A 1 5  ? -1.909  -2.020 6.993  1.00 0.00 ? 5  ILE A HD12 6  
ATOM   1158 H HD13 . ILE A 1 5  ? -3.054  -3.119 6.222  1.00 0.00 ? 5  ILE A HD13 6  
ATOM   1159 N N    . LEU A 1 6  ? -1.104  -2.103 1.268  1.00 0.00 ? 6  LEU A N    6  
ATOM   1160 C CA   . LEU A 1 6  ? -0.181  -2.532 0.220  1.00 0.00 ? 6  LEU A CA   6  
ATOM   1161 C C    . LEU A 1 6  ? -0.065  -1.438 -0.838 1.00 0.00 ? 6  LEU A C    6  
ATOM   1162 O O    . LEU A 1 6  ? 1.019   -1.176 -1.361 1.00 0.00 ? 6  LEU A O    6  
ATOM   1163 C CB   . LEU A 1 6  ? -0.674  -3.854 -0.397 1.00 0.00 ? 6  LEU A CB   6  
ATOM   1164 C CG   . LEU A 1 6  ? 0.353   -4.664 -1.213 1.00 0.00 ? 6  LEU A CG   6  
ATOM   1165 C CD1  . LEU A 1 6  ? 0.639   -4.017 -2.560 1.00 0.00 ? 6  LEU A CD1  6  
ATOM   1166 C CD2  . LEU A 1 6  ? 1.645   -4.840 -0.426 1.00 0.00 ? 6  LEU A CD2  6  
ATOM   1167 H H    . LEU A 1 6  ? -1.901  -2.651 1.454  1.00 0.00 ? 6  LEU A H    6  
ATOM   1168 H HA   . LEU A 1 6  ? 0.785   -2.688 0.673  1.00 0.00 ? 6  LEU A HA   6  
ATOM   1169 H HB2  . LEU A 1 6  ? -1.032  -4.482 0.406  1.00 0.00 ? 6  LEU A HB2  6  
ATOM   1170 H HB3  . LEU A 1 6  ? -1.508  -3.627 -1.045 1.00 0.00 ? 6  LEU A HB3  6  
ATOM   1171 H HG   . LEU A 1 6  ? -0.052  -5.647 -1.401 1.00 0.00 ? 6  LEU A HG   6  
ATOM   1172 H HD11 . LEU A 1 6  ? 1.376   -4.602 -3.089 1.00 0.00 ? 6  LEU A HD11 6  
ATOM   1173 H HD12 . LEU A 1 6  ? 1.017   -3.016 -2.404 1.00 0.00 ? 6  LEU A HD12 6  
ATOM   1174 H HD13 . LEU A 1 6  ? -0.270  -3.973 -3.138 1.00 0.00 ? 6  LEU A HD13 6  
ATOM   1175 H HD21 . LEU A 1 6  ? 2.108   -3.876 -0.275 1.00 0.00 ? 6  LEU A HD21 6  
ATOM   1176 H HD22 . LEU A 1 6  ? 2.316   -5.480 -0.977 1.00 0.00 ? 6  LEU A HD22 6  
ATOM   1177 H HD23 . LEU A 1 6  ? 1.425   -5.286 0.530  1.00 0.00 ? 6  LEU A HD23 6  
ATOM   1178 N N    . ASN A 1 7  ? -1.191  -0.793 -1.130 1.00 0.00 ? 7  ASN A N    6  
ATOM   1179 C CA   . ASN A 1 7  ? -1.228  0.334  -2.060 1.00 0.00 ? 7  ASN A CA   6  
ATOM   1180 C C    . ASN A 1 7  ? -0.219  1.393  -1.645 1.00 0.00 ? 7  ASN A C    6  
ATOM   1181 O O    . ASN A 1 7  ? 0.635   1.798  -2.433 1.00 0.00 ? 7  ASN A O    6  
ATOM   1182 C CB   . ASN A 1 7  ? -2.631  0.942  -2.086 1.00 0.00 ? 7  ASN A CB   6  
ATOM   1183 C CG   . ASN A 1 7  ? -2.766  2.085  -3.075 1.00 0.00 ? 7  ASN A CG   6  
ATOM   1184 O OD1  . ASN A 1 7  ? -2.601  3.252  -2.717 1.00 0.00 ? 7  ASN A OD1  6  
ATOM   1185 N ND2  . ASN A 1 7  ? -3.066  1.759  -4.323 1.00 0.00 ? 7  ASN A ND2  6  
ATOM   1186 H H    . ASN A 1 7  ? -2.027  -1.089 -0.711 1.00 0.00 ? 7  ASN A H    6  
ATOM   1187 H HA   . ASN A 1 7  ? -0.978  -0.030 -3.046 1.00 0.00 ? 7  ASN A HA   6  
ATOM   1188 H HB2  . ASN A 1 7  ? -3.340  0.178  -2.347 1.00 0.00 ? 7  ASN A HB2  6  
ATOM   1189 H HB3  . ASN A 1 7  ? -2.869  1.317  -1.101 1.00 0.00 ? 7  ASN A HB3  6  
ATOM   1190 H HD21 . ASN A 1 7  ? -3.184  0.809  -4.540 1.00 0.00 ? 7  ASN A HD21 6  
ATOM   1191 H HD22 . ASN A 1 7  ? -3.154  2.481  -4.983 1.00 0.00 ? 7  ASN A HD22 6  
ATOM   1192 N N    . LYS A 1 8  ? -0.336  1.833  -0.397 1.00 0.00 ? 8  LYS A N    6  
ATOM   1193 C CA   . LYS A 1 8  ? 0.603   2.769  0.197  1.00 0.00 ? 8  LYS A CA   6  
ATOM   1194 C C    . LYS A 1 8  ? 2.046   2.280  0.072  1.00 0.00 ? 8  LYS A C    6  
ATOM   1195 O O    . LYS A 1 8  ? 2.920   3.018  -0.384 1.00 0.00 ? 8  LYS A O    6  
ATOM   1196 C CB   . LYS A 1 8  ? 0.260   2.967  1.674  1.00 0.00 ? 8  LYS A CB   6  
ATOM   1197 C CG   . LYS A 1 8  ? 0.825   4.244  2.263  1.00 0.00 ? 8  LYS A CG   6  
ATOM   1198 C CD   . LYS A 1 8  ? 0.281   5.466  1.548  1.00 0.00 ? 8  LYS A CD   6  
ATOM   1199 C CE   . LYS A 1 8  ? -1.232  5.544  1.650  1.00 0.00 ? 8  LYS A CE   6  
ATOM   1200 N NZ   . LYS A 1 8  ? -1.770  6.771  1.011  1.00 0.00 ? 8  LYS A NZ   6  
ATOM   1201 H H    . LYS A 1 8  ? -1.108  1.546  0.132  1.00 0.00 ? 8  LYS A H    6  
ATOM   1202 H HA   . LYS A 1 8  ? 0.505   3.706  -0.318 1.00 0.00 ? 8  LYS A HA   6  
ATOM   1203 H HB2  . LYS A 1 8  ? -0.813  2.983  1.785  1.00 0.00 ? 8  LYS A HB2  6  
ATOM   1204 H HB3  . LYS A 1 8  ? 0.656   2.133  2.235  1.00 0.00 ? 8  LYS A HB3  6  
ATOM   1205 H HG2  . LYS A 1 8  ? 0.552   4.299  3.307  1.00 0.00 ? 8  LYS A HG2  6  
ATOM   1206 H HG3  . LYS A 1 8  ? 1.900   4.230  2.169  1.00 0.00 ? 8  LYS A HG3  6  
ATOM   1207 H HD2  . LYS A 1 8  ? 0.709   6.351  1.992  1.00 0.00 ? 8  LYS A HD2  6  
ATOM   1208 H HD3  . LYS A 1 8  ? 0.557   5.413  0.509  1.00 0.00 ? 8  LYS A HD3  6  
ATOM   1209 H HE2  . LYS A 1 8  ? -1.654  4.680  1.154  1.00 0.00 ? 8  LYS A HE2  6  
ATOM   1210 H HE3  . LYS A 1 8  ? -1.514  5.534  2.693  1.00 0.00 ? 8  LYS A HE3  6  
ATOM   1211 H HZ1  . LYS A 1 8  ? -1.304  7.613  1.405  1.00 0.00 ? 8  LYS A HZ1  6  
ATOM   1212 H HZ2  . LYS A 1 8  ? -2.793  6.844  1.184  1.00 0.00 ? 8  LYS A HZ2  6  
ATOM   1213 H HZ3  . LYS A 1 8  ? -1.602  6.743  -0.016 1.00 0.00 ? 8  LYS A HZ3  6  
ATOM   1214 N N    . VAL A 1 9  ? 2.286   1.040  0.478  1.00 0.00 ? 9  VAL A N    6  
ATOM   1215 C CA   . VAL A 1 9  ? 3.626   0.460  0.441  1.00 0.00 ? 9  VAL A CA   6  
ATOM   1216 C C    . VAL A 1 9  ? 4.198   0.483  -0.973 1.00 0.00 ? 9  VAL A C    6  
ATOM   1217 O O    . VAL A 1 9  ? 5.344   0.879  -1.186 1.00 0.00 ? 9  VAL A O    6  
ATOM   1218 C CB   . VAL A 1 9  ? 3.620   -0.991 0.975  1.00 0.00 ? 9  VAL A CB   6  
ATOM   1219 C CG1  . VAL A 1 9  ? 5.004   -1.615 0.885  1.00 0.00 ? 9  VAL A CG1  6  
ATOM   1220 C CG2  . VAL A 1 9  ? 3.117   -1.025 2.410  1.00 0.00 ? 9  VAL A CG2  6  
ATOM   1221 H H    . VAL A 1 9  ? 1.538   0.494  0.814  1.00 0.00 ? 9  VAL A H    6  
ATOM   1222 H HA   . VAL A 1 9  ? 4.260   1.055  1.083  1.00 0.00 ? 9  VAL A HA   6  
ATOM   1223 H HB   . VAL A 1 9  ? 2.945   -1.575 0.367  1.00 0.00 ? 9  VAL A HB   6  
ATOM   1224 H HG11 . VAL A 1 9  ? 4.961   -2.635 1.237  1.00 0.00 ? 9  VAL A HG11 6  
ATOM   1225 H HG12 . VAL A 1 9  ? 5.692   -1.053 1.497  1.00 0.00 ? 9  VAL A HG12 6  
ATOM   1226 H HG13 . VAL A 1 9  ? 5.338   -1.601 -0.141 1.00 0.00 ? 9  VAL A HG13 6  
ATOM   1227 H HG21 . VAL A 1 9  ? 3.769   -0.436 3.036  1.00 0.00 ? 9  VAL A HG21 6  
ATOM   1228 H HG22 . VAL A 1 9  ? 3.105   -2.046 2.761  1.00 0.00 ? 9  VAL A HG22 6  
ATOM   1229 H HG23 . VAL A 1 9  ? 2.116   -0.620 2.451  1.00 0.00 ? 9  VAL A HG23 6  
ATOM   1230 N N    . SER A 1 10 ? 3.385   0.085  -1.939 1.00 0.00 ? 10 SER A N    6  
ATOM   1231 C CA   . SER A 1 10 ? 3.806   0.048  -3.330 1.00 0.00 ? 10 SER A CA   6  
ATOM   1232 C C    . SER A 1 10 ? 3.971   1.465  -3.883 1.00 0.00 ? 10 SER A C    6  
ATOM   1233 O O    . SER A 1 10 ? 4.680   1.683  -4.865 1.00 0.00 ? 10 SER A O    6  
ATOM   1234 C CB   . SER A 1 10 ? 2.785   -0.732 -4.161 1.00 0.00 ? 10 SER A CB   6  
ATOM   1235 O OG   . SER A 1 10 ? 3.276   -1.013 -5.461 1.00 0.00 ? 10 SER A OG   6  
ATOM   1236 H H    . SER A 1 10 ? 2.471   -0.202 -1.707 1.00 0.00 ? 10 SER A H    6  
ATOM   1237 H HA   . SER A 1 10 ? 4.758   -0.457 -3.376 1.00 0.00 ? 10 SER A HA   6  
ATOM   1238 H HB2  . SER A 1 10 ? 2.561   -1.666 -3.666 1.00 0.00 ? 10 SER A HB2  6  
ATOM   1239 H HB3  . SER A 1 10 ? 1.880   -0.150 -4.251 1.00 0.00 ? 10 SER A HB3  6  
ATOM   1240 H HG   . SER A 1 10 ? 3.194   -0.226 -6.013 1.00 0.00 ? 10 SER A HG   6  
ATOM   1241 N N    . ASN A 1 11 ? 3.318   2.424  -3.241 1.00 0.00 ? 11 ASN A N    6  
ATOM   1242 C CA   . ASN A 1 11 ? 3.405   3.819  -3.651 1.00 0.00 ? 11 ASN A CA   6  
ATOM   1243 C C    . ASN A 1 11 ? 4.739   4.406  -3.215 1.00 0.00 ? 11 ASN A C    6  
ATOM   1244 O O    . ASN A 1 11 ? 5.471   4.983  -4.019 1.00 0.00 ? 11 ASN A O    6  
ATOM   1245 C CB   . ASN A 1 11 ? 2.263   4.625  -3.036 1.00 0.00 ? 11 ASN A CB   6  
ATOM   1246 C CG   . ASN A 1 11 ? 2.170   6.038  -3.582 1.00 0.00 ? 11 ASN A CG   6  
ATOM   1247 O OD1  . ASN A 1 11 ? 1.805   6.966  -2.862 1.00 0.00 ? 11 ASN A OD1  6  
ATOM   1248 N ND2  . ASN A 1 11 ? 2.462   6.210  -4.862 1.00 0.00 ? 11 ASN A ND2  6  
ATOM   1249 H H    . ASN A 1 11 ? 2.760   2.186  -2.470 1.00 0.00 ? 11 ASN A H    6  
ATOM   1250 H HA   . ASN A 1 11 ? 3.334   3.860  -4.727 1.00 0.00 ? 11 ASN A HA   6  
ATOM   1251 H HB2  . ASN A 1 11 ? 1.332   4.121  -3.232 1.00 0.00 ? 11 ASN A HB2  6  
ATOM   1252 H HB3  . ASN A 1 11 ? 2.412   4.684  -1.967 1.00 0.00 ? 11 ASN A HB3  6  
ATOM   1253 H HD21 . ASN A 1 11 ? 2.721   5.425  -5.390 1.00 0.00 ? 11 ASN A HD21 6  
ATOM   1254 H HD22 . ASN A 1 11 ? 2.403   7.116  -5.232 1.00 0.00 ? 11 ASN A HD22 6  
ATOM   1255 N N    . LEU A 1 12 ? 5.040   4.245  -1.933 1.00 0.00 ? 12 LEU A N    6  
ATOM   1256 C CA   . LEU A 1 12 ? 6.304   4.708  -1.369 1.00 0.00 ? 12 LEU A CA   6  
ATOM   1257 C C    . LEU A 1 12 ? 7.465   3.961  -2.001 1.00 0.00 ? 12 LEU A C    6  
ATOM   1258 O O    . LEU A 1 12 ? 8.349   4.556  -2.622 1.00 0.00 ? 12 LEU A O    6  
ATOM   1259 C CB   . LEU A 1 12 ? 6.333   4.487  0.146  1.00 0.00 ? 12 LEU A CB   6  
ATOM   1260 C CG   . LEU A 1 12 ? 5.678   5.568  1.007  1.00 0.00 ? 12 LEU A CG   6  
ATOM   1261 C CD1  . LEU A 1 12 ? 6.415   6.892  0.869  1.00 0.00 ? 12 LEU A CD1  6  
ATOM   1262 C CD2  . LEU A 1 12 ? 4.206   5.742  0.660  1.00 0.00 ? 12 LEU A CD2  6  
ATOM   1263 H H    . LEU A 1 12 ? 4.387   3.799  -1.343 1.00 0.00 ? 12 LEU A H    6  
ATOM   1264 H HA   . LEU A 1 12 ? 6.403   5.762  -1.579 1.00 0.00 ? 12 LEU A HA   6  
ATOM   1265 H HB2  . LEU A 1 12 ? 5.840   3.549  0.356  1.00 0.00 ? 12 LEU A HB2  6  
ATOM   1266 H HB3  . LEU A 1 12 ? 7.366   4.399  0.450  1.00 0.00 ? 12 LEU A HB3  6  
ATOM   1267 H HG   . LEU A 1 12 ? 5.739   5.260  2.038  1.00 0.00 ? 12 LEU A HG   6  
ATOM   1268 H HD11 . LEU A 1 12 ? 7.448   6.760  1.160  1.00 0.00 ? 12 LEU A HD11 6  
ATOM   1269 H HD12 . LEU A 1 12 ? 5.953   7.630  1.510  1.00 0.00 ? 12 LEU A HD12 6  
ATOM   1270 H HD13 . LEU A 1 12 ? 6.370   7.226  -0.156 1.00 0.00 ? 12 LEU A HD13 6  
ATOM   1271 H HD21 . LEU A 1 12 ? 3.687   4.806  0.807  1.00 0.00 ? 12 LEU A HD21 6  
ATOM   1272 H HD22 . LEU A 1 12 ? 4.112   6.046  -0.373 1.00 0.00 ? 12 LEU A HD22 6  
ATOM   1273 H HD23 . LEU A 1 12 ? 3.771   6.498  1.298  1.00 0.00 ? 12 LEU A HD23 6  
ATOM   1274 N N    . PHE A 1 13 ? 7.447   2.652  -1.841 1.00 0.00 ? 13 PHE A N    6  
ATOM   1275 C CA   . PHE A 1 13 ? 8.484   1.793  -2.390 1.00 0.00 ? 13 PHE A CA   6  
ATOM   1276 C C    . PHE A 1 13 ? 8.129   1.385  -3.815 1.00 0.00 ? 13 PHE A C    6  
ATOM   1277 O O    . PHE A 1 13 ? 8.495   0.297  -4.254 1.00 0.00 ? 13 PHE A O    6  
ATOM   1278 C CB   . PHE A 1 13 ? 8.663   0.551  -1.513 1.00 0.00 ? 13 PHE A CB   6  
ATOM   1279 C CG   . PHE A 1 13 ? 8.856   0.874  -0.059 1.00 0.00 ? 13 PHE A CG   6  
ATOM   1280 C CD1  . PHE A 1 13 ? 10.081  1.314  0.410  1.00 0.00 ? 13 PHE A CD1  6  
ATOM   1281 C CD2  . PHE A 1 13 ? 7.809   0.740  0.837  1.00 0.00 ? 13 PHE A CD2  6  
ATOM   1282 C CE1  . PHE A 1 13 ? 10.257  1.615  1.746  1.00 0.00 ? 13 PHE A CE1  6  
ATOM   1283 C CE2  . PHE A 1 13 ? 7.980   1.038  2.174  1.00 0.00 ? 13 PHE A CE2  6  
ATOM   1284 C CZ   . PHE A 1 13 ? 9.206   1.477  2.628  1.00 0.00 ? 13 PHE A CZ   6  
ATOM   1285 H H    . PHE A 1 13 ? 6.709   2.249  -1.329 1.00 0.00 ? 13 PHE A H    6  
ATOM   1286 H HA   . PHE A 1 13 ? 9.408   2.351  -2.405 1.00 0.00 ? 13 PHE A HA   6  
ATOM   1287 H HB2  . PHE A 1 13 ? 7.786   -0.073 -1.602 1.00 0.00 ? 13 PHE A HB2  6  
ATOM   1288 H HB3  . PHE A 1 13 ? 9.527   0.000  -1.852 1.00 0.00 ? 13 PHE A HB3  6  
ATOM   1289 H HD1  . PHE A 1 13 ? 10.905  1.425  -0.280 1.00 0.00 ? 13 PHE A HD1  6  
ATOM   1290 H HD2  . PHE A 1 13 ? 6.850   0.397  0.481  1.00 0.00 ? 13 PHE A HD2  6  
ATOM   1291 H HE1  . PHE A 1 13 ? 11.218  1.959  2.100  1.00 0.00 ? 13 PHE A HE1  6  
ATOM   1292 H HE2  . PHE A 1 13 ? 7.154   0.927  2.863  1.00 0.00 ? 13 PHE A HE2  6  
ATOM   1293 H HZ   . PHE A 1 13 ? 9.340   1.713  3.674  1.00 0.00 ? 13 PHE A HZ   6  
HETATM 1294 N N    . NH2 A 1 14 ? 7.424   2.219  -4.556 1.00 0.00 ? 14 NH2 A N    6  
HETATM 1295 H HN1  . NH2 A 1 14 ? 7.674   3.167  -4.530 1.00 0.00 ? 14 NH2 A HN1  6  
HETATM 1296 H HN2  . NH2 A 1 14 ? 6.549   1.909  -4.882 1.00 0.00 ? 14 NH2 A HN2  6  
ATOM   1297 N N    . GLY A 1 1  ? -9.438  -0.594 2.680  1.00 0.00 ? 1  GLY A N    7  
ATOM   1298 C CA   . GLY A 1 1  ? -8.799  -0.596 4.017  1.00 0.00 ? 1  GLY A CA   7  
ATOM   1299 C C    . GLY A 1 1  ? -7.463  -1.314 4.025  1.00 0.00 ? 1  GLY A C    7  
ATOM   1300 O O    . GLY A 1 1  ? -6.410  -0.677 3.950  1.00 0.00 ? 1  GLY A O    7  
ATOM   1301 H H1   . GLY A 1 1  ? -9.648  -1.564 2.382  1.00 0.00 ? 1  GLY A H1   7  
ATOM   1302 H H2   . GLY A 1 1  ? -8.798  -0.158 1.976  1.00 0.00 ? 1  GLY A H2   7  
ATOM   1303 H H3   . GLY A 1 1  ? -10.323 -0.049 2.709  1.00 0.00 ? 1  GLY A H3   7  
ATOM   1304 H HA2  . GLY A 1 1  ? -8.646  0.426  4.331  1.00 0.00 ? 1  GLY A HA2  7  
ATOM   1305 H HA3  . GLY A 1 1  ? -9.460  -1.083 4.718  1.00 0.00 ? 1  GLY A HA3  7  
ATOM   1306 N N    . ILE A 1 2  ? -7.502  -2.642 4.108  1.00 0.00 ? 2  ILE A N    7  
ATOM   1307 C CA   . ILE A 1 2  ? -6.284  -3.442 4.214  1.00 0.00 ? 2  ILE A CA   7  
ATOM   1308 C C    . ILE A 1 2  ? -5.488  -3.421 2.913  1.00 0.00 ? 2  ILE A C    7  
ATOM   1309 O O    . ILE A 1 2  ? -4.275  -3.223 2.927  1.00 0.00 ? 2  ILE A O    7  
ATOM   1310 C CB   . ILE A 1 2  ? -6.600  -4.905 4.608  1.00 0.00 ? 2  ILE A CB   7  
ATOM   1311 C CG1  . ILE A 1 2  ? -7.281  -4.959 5.982  1.00 0.00 ? 2  ILE A CG1  7  
ATOM   1312 C CG2  . ILE A 1 2  ? -5.335  -5.753 4.605  1.00 0.00 ? 2  ILE A CG2  7  
ATOM   1313 C CD1  . ILE A 1 2  ? -6.427  -4.425 7.116  1.00 0.00 ? 2  ILE A CD1  7  
ATOM   1314 H H    . ILE A 1 2  ? -8.372  -3.096 4.101  1.00 0.00 ? 2  ILE A H    7  
ATOM   1315 H HA   . ILE A 1 2  ? -5.676  -3.009 4.996  1.00 0.00 ? 2  ILE A HA   7  
ATOM   1316 H HB   . ILE A 1 2  ? -7.273  -5.311 3.870  1.00 0.00 ? 2  ILE A HB   7  
ATOM   1317 H HG12 . ILE A 1 2  ? -8.185  -4.371 5.949  1.00 0.00 ? 2  ILE A HG12 7  
ATOM   1318 H HG13 . ILE A 1 2  ? -7.531  -5.984 6.211  1.00 0.00 ? 2  ILE A HG13 7  
ATOM   1319 H HG21 . ILE A 1 2  ? -5.583  -6.768 4.881  1.00 0.00 ? 2  ILE A HG21 7  
ATOM   1320 H HG22 . ILE A 1 2  ? -4.630  -5.349 5.315  1.00 0.00 ? 2  ILE A HG22 7  
ATOM   1321 H HG23 . ILE A 1 2  ? -4.898  -5.746 3.619  1.00 0.00 ? 2  ILE A HG23 7  
ATOM   1322 H HD11 . ILE A 1 2  ? -5.510  -4.993 7.173  1.00 0.00 ? 2  ILE A HD11 7  
ATOM   1323 H HD12 . ILE A 1 2  ? -6.968  -4.519 8.047  1.00 0.00 ? 2  ILE A HD12 7  
ATOM   1324 H HD13 . ILE A 1 2  ? -6.198  -3.385 6.937  1.00 0.00 ? 2  ILE A HD13 7  
ATOM   1325 N N    . LEU A 1 3  ? -6.173  -3.604 1.788  1.00 0.00 ? 3  LEU A N    7  
ATOM   1326 C CA   . LEU A 1 3  ? -5.511  -3.612 0.483  1.00 0.00 ? 3  LEU A CA   7  
ATOM   1327 C C    . LEU A 1 3  ? -4.783  -2.294 0.232  1.00 0.00 ? 3  LEU A C    7  
ATOM   1328 O O    . LEU A 1 3  ? -3.754  -2.257 -0.439 1.00 0.00 ? 3  LEU A O    7  
ATOM   1329 C CB   . LEU A 1 3  ? -6.528  -3.867 -0.632 1.00 0.00 ? 3  LEU A CB   7  
ATOM   1330 C CG   . LEU A 1 3  ? -5.937  -3.941 -2.043 1.00 0.00 ? 3  LEU A CG   7  
ATOM   1331 C CD1  . LEU A 1 3  ? -4.963  -5.103 -2.156 1.00 0.00 ? 3  LEU A CD1  7  
ATOM   1332 C CD2  . LEU A 1 3  ? -7.041  -4.069 -3.075 1.00 0.00 ? 3  LEU A CD2  7  
ATOM   1333 H H    . LEU A 1 3  ? -7.142  -3.749 1.836  1.00 0.00 ? 3  LEU A H    7  
ATOM   1334 H HA   . LEU A 1 3  ? -4.789  -4.411 0.490  1.00 0.00 ? 3  LEU A HA   7  
ATOM   1335 H HB2  . LEU A 1 3  ? -7.029  -4.800 -0.425 1.00 0.00 ? 3  LEU A HB2  7  
ATOM   1336 H HB3  . LEU A 1 3  ? -7.258  -3.073 -0.614 1.00 0.00 ? 3  LEU A HB3  7  
ATOM   1337 H HG   . LEU A 1 3  ? -5.392  -3.030 -2.246 1.00 0.00 ? 3  LEU A HG   7  
ATOM   1338 H HD11 . LEU A 1 3  ? -4.593  -5.161 -3.169 1.00 0.00 ? 3  LEU A HD11 7  
ATOM   1339 H HD12 . LEU A 1 3  ? -5.471  -6.021 -1.904 1.00 0.00 ? 3  LEU A HD12 7  
ATOM   1340 H HD13 . LEU A 1 3  ? -4.138  -4.949 -1.479 1.00 0.00 ? 3  LEU A HD13 7  
ATOM   1341 H HD21 . LEU A 1 3  ? -7.605  -4.972 -2.890 1.00 0.00 ? 3  LEU A HD21 7  
ATOM   1342 H HD22 . LEU A 1 3  ? -6.609  -4.110 -4.062 1.00 0.00 ? 3  LEU A HD22 7  
ATOM   1343 H HD23 . LEU A 1 3  ? -7.698  -3.216 -3.005 1.00 0.00 ? 3  LEU A HD23 7  
ATOM   1344 N N    . ASP A 1 4  ? -5.310  -1.224 0.806  1.00 0.00 ? 4  ASP A N    7  
ATOM   1345 C CA   . ASP A 1 4  ? -4.742  0.106  0.631  1.00 0.00 ? 4  ASP A CA   7  
ATOM   1346 C C    . ASP A 1 4  ? -3.377  0.202  1.294  1.00 0.00 ? 4  ASP A C    7  
ATOM   1347 O O    . ASP A 1 4  ? -2.551  1.033  0.919  1.00 0.00 ? 4  ASP A O    7  
ATOM   1348 C CB   . ASP A 1 4  ? -5.681  1.165  1.204  1.00 0.00 ? 4  ASP A CB   7  
ATOM   1349 C CG   . ASP A 1 4  ? -7.015  1.189  0.491  1.00 0.00 ? 4  ASP A CG   7  
ATOM   1350 O OD1  . ASP A 1 4  ? -7.211  2.051  -0.388 1.00 0.00 ? 4  ASP A OD1  7  
ATOM   1351 O OD2  . ASP A 1 4  ? -7.873  0.336  0.797  1.00 0.00 ? 4  ASP A OD2  7  
ATOM   1352 H H    . ASP A 1 4  ? -6.103  -1.329 1.367  1.00 0.00 ? 4  ASP A H    7  
ATOM   1353 H HA   . ASP A 1 4  ? -4.627  0.279  -0.430 1.00 0.00 ? 4  ASP A HA   7  
ATOM   1354 H HB2  . ASP A 1 4  ? -5.855  0.955  2.250  1.00 0.00 ? 4  ASP A HB2  7  
ATOM   1355 H HB3  . ASP A 1 4  ? -5.222  2.138  1.108  1.00 0.00 ? 4  ASP A HB3  7  
ATOM   1356 N N    . ILE A 1 5  ? -3.143  -0.659 2.278  1.00 0.00 ? 5  ILE A N    7  
ATOM   1357 C CA   . ILE A 1 5  ? -1.847  -0.743 2.932  1.00 0.00 ? 5  ILE A CA   7  
ATOM   1358 C C    . ILE A 1 5  ? -0.813  -1.263 1.943  1.00 0.00 ? 5  ILE A C    7  
ATOM   1359 O O    . ILE A 1 5  ? 0.305   -0.755 1.862  1.00 0.00 ? 5  ILE A O    7  
ATOM   1360 C CB   . ILE A 1 5  ? -1.892  -1.674 4.163  1.00 0.00 ? 5  ILE A CB   7  
ATOM   1361 C CG1  . ILE A 1 5  ? -2.944  -1.185 5.162  1.00 0.00 ? 5  ILE A CG1  7  
ATOM   1362 C CG2  . ILE A 1 5  ? -0.524  -1.759 4.822  1.00 0.00 ? 5  ILE A CG2  7  
ATOM   1363 C CD1  . ILE A 1 5  ? -3.142  -2.116 6.340  1.00 0.00 ? 5  ILE A CD1  7  
ATOM   1364 H H    . ILE A 1 5  ? -3.864  -1.259 2.567  1.00 0.00 ? 5  ILE A H    7  
ATOM   1365 H HA   . ILE A 1 5  ? -1.565  0.249  3.256  1.00 0.00 ? 5  ILE A HA   7  
ATOM   1366 H HB   . ILE A 1 5  ? -2.163  -2.665 3.825  1.00 0.00 ? 5  ILE A HB   7  
ATOM   1367 H HG12 . ILE A 1 5  ? -2.640  -0.224 5.549  1.00 0.00 ? 5  ILE A HG12 7  
ATOM   1368 H HG13 . ILE A 1 5  ? -3.891  -1.082 4.657  1.00 0.00 ? 5  ILE A HG13 7  
ATOM   1369 H HG21 . ILE A 1 5  ? -0.206  -0.769 5.114  1.00 0.00 ? 5  ILE A HG21 7  
ATOM   1370 H HG22 . ILE A 1 5  ? 0.186   -2.173 4.123  1.00 0.00 ? 5  ILE A HG22 7  
ATOM   1371 H HG23 . ILE A 1 5  ? -0.582  -2.391 5.694  1.00 0.00 ? 5  ILE A HG23 7  
ATOM   1372 H HD11 . ILE A 1 5  ? -2.214  -2.210 6.884  1.00 0.00 ? 5  ILE A HD11 7  
ATOM   1373 H HD12 . ILE A 1 5  ? -3.452  -3.086 5.982  1.00 0.00 ? 5  ILE A HD12 7  
ATOM   1374 H HD13 . ILE A 1 5  ? -3.902  -1.713 6.992  1.00 0.00 ? 5  ILE A HD13 7  
ATOM   1375 N N    . LEU A 1 6  ? -1.214  -2.265 1.167  1.00 0.00 ? 6  LEU A N    7  
ATOM   1376 C CA   . LEU A 1 6  ? -0.348  -2.837 0.146  1.00 0.00 ? 6  LEU A CA   7  
ATOM   1377 C C    . LEU A 1 6  ? -0.049  -1.794 -0.919 1.00 0.00 ? 6  LEU A C    7  
ATOM   1378 O O    . LEU A 1 6  ? 1.098   -1.630 -1.343 1.00 0.00 ? 6  LEU A O    7  
ATOM   1379 C CB   . LEU A 1 6  ? -0.992  -4.071 -0.501 1.00 0.00 ? 6  LEU A CB   7  
ATOM   1380 C CG   . LEU A 1 6  ? -1.060  -5.347 0.356  1.00 0.00 ? 6  LEU A CG   7  
ATOM   1381 C CD1  . LEU A 1 6  ? 0.321   -5.745 0.851  1.00 0.00 ? 6  LEU A CD1  7  
ATOM   1382 C CD2  . LEU A 1 6  ? -2.018  -5.182 1.528  1.00 0.00 ? 6  LEU A CD2  7  
ATOM   1383 H H    . LEU A 1 6  ? -2.126  -2.618 1.275  1.00 0.00 ? 6  LEU A H    7  
ATOM   1384 H HA   . LEU A 1 6  ? 0.573   -3.127 0.618  1.00 0.00 ? 6  LEU A HA   7  
ATOM   1385 H HB2  . LEU A 1 6  ? -1.995  -3.804 -0.781 1.00 0.00 ? 6  LEU A HB2  7  
ATOM   1386 H HB3  . LEU A 1 6  ? -0.440  -4.302 -1.401 1.00 0.00 ? 6  LEU A HB3  7  
ATOM   1387 H HG   . LEU A 1 6  ? -1.430  -6.156 -0.259 1.00 0.00 ? 6  LEU A HG   7  
ATOM   1388 H HD11 . LEU A 1 6  ? 0.251   -6.665 1.412  1.00 0.00 ? 6  LEU A HD11 7  
ATOM   1389 H HD12 . LEU A 1 6  ? 0.715   -4.966 1.487  1.00 0.00 ? 6  LEU A HD12 7  
ATOM   1390 H HD13 . LEU A 1 6  ? 0.980   -5.888 0.006  1.00 0.00 ? 6  LEU A HD13 7  
ATOM   1391 H HD21 . LEU A 1 6  ? -3.010  -4.979 1.155  1.00 0.00 ? 6  LEU A HD21 7  
ATOM   1392 H HD22 . LEU A 1 6  ? -1.692  -4.360 2.149  1.00 0.00 ? 6  LEU A HD22 7  
ATOM   1393 H HD23 . LEU A 1 6  ? -2.033  -6.090 2.112  1.00 0.00 ? 6  LEU A HD23 7  
ATOM   1394 N N    . ASN A 1 7  ? -1.090  -1.079 -1.331 1.00 0.00 ? 7  ASN A N    7  
ATOM   1395 C CA   . ASN A 1 7  ? -0.962  -0.007 -2.302 1.00 0.00 ? 7  ASN A CA   7  
ATOM   1396 C C    . ASN A 1 7  ? -0.016  1.070  -1.787 1.00 0.00 ? 7  ASN A C    7  
ATOM   1397 O O    . ASN A 1 7  ? 0.859   1.540  -2.513 1.00 0.00 ? 7  ASN A O    7  
ATOM   1398 C CB   . ASN A 1 7  ? -2.334  0.604  -2.603 1.00 0.00 ? 7  ASN A CB   7  
ATOM   1399 C CG   . ASN A 1 7  ? -3.247  -0.334 -3.375 1.00 0.00 ? 7  ASN A CG   7  
ATOM   1400 O OD1  . ASN A 1 7  ? -3.163  -1.553 -3.251 1.00 0.00 ? 7  ASN A OD1  7  
ATOM   1401 N ND2  . ASN A 1 7  ? -4.134  0.231  -4.183 1.00 0.00 ? 7  ASN A ND2  7  
ATOM   1402 H H    . ASN A 1 7  ? -1.982  -1.289 -0.976 1.00 0.00 ? 7  ASN A H    7  
ATOM   1403 H HA   . ASN A 1 7  ? -0.555  -0.426 -3.210 1.00 0.00 ? 7  ASN A HA   7  
ATOM   1404 H HB2  . ASN A 1 7  ? -2.818  0.854  -1.671 1.00 0.00 ? 7  ASN A HB2  7  
ATOM   1405 H HB3  . ASN A 1 7  ? -2.199  1.500  -3.180 1.00 0.00 ? 7  ASN A HB3  7  
ATOM   1406 H HD21 . ASN A 1 7  ? -4.154  1.209  -4.238 1.00 0.00 ? 7  ASN A HD21 7  
ATOM   1407 H HD22 . ASN A 1 7  ? -4.735  -0.352 -4.689 1.00 0.00 ? 7  ASN A HD22 7  
ATOM   1408 N N    . LYS A 1 8  ? -0.205  1.459  -0.527 1.00 0.00 ? 8  LYS A N    7  
ATOM   1409 C CA   . LYS A 1 8  ? 0.653   2.423  0.128  1.00 0.00 ? 8  LYS A CA   7  
ATOM   1410 C C    . LYS A 1 8  ? 2.119   2.018  0.036  1.00 0.00 ? 8  LYS A C    7  
ATOM   1411 O O    . LYS A 1 8  ? 2.962   2.824  -0.351 1.00 0.00 ? 8  LYS A O    7  
ATOM   1412 C CB   . LYS A 1 8  ? 0.241   2.565  1.596  1.00 0.00 ? 8  LYS A CB   7  
ATOM   1413 C CG   . LYS A 1 8  ? 0.726   3.850  2.240  1.00 0.00 ? 8  LYS A CG   7  
ATOM   1414 C CD   . LYS A 1 8  ? 0.203   5.069  1.497  1.00 0.00 ? 8  LYS A CD   7  
ATOM   1415 C CE   . LYS A 1 8  ? -1.318  5.108  1.472  1.00 0.00 ? 8  LYS A CE   7  
ATOM   1416 N NZ   . LYS A 1 8  ? -1.826  6.309  0.759  1.00 0.00 ? 8  LYS A NZ   7  
ATOM   1417 H H    . LYS A 1 8  ? -0.977  1.115  -0.032 1.00 0.00 ? 8  LYS A H    7  
ATOM   1418 H HA   . LYS A 1 8  ? 0.521   3.366  -0.369 1.00 0.00 ? 8  LYS A HA   7  
ATOM   1419 H HB2  . LYS A 1 8  ? -0.835  2.535  1.662  1.00 0.00 ? 8  LYS A HB2  7  
ATOM   1420 H HB3  . LYS A 1 8  ? 0.649   1.734  2.152  1.00 0.00 ? 8  LYS A HB3  7  
ATOM   1421 H HG2  . LYS A 1 8  ? 0.378   3.884  3.262  1.00 0.00 ? 8  LYS A HG2  7  
ATOM   1422 H HG3  . LYS A 1 8  ? 1.805   3.865  2.224  1.00 0.00 ? 8  LYS A HG3  7  
ATOM   1423 H HD2  . LYS A 1 8  ? 0.567   5.960  1.984  1.00 0.00 ? 8  LYS A HD2  7  
ATOM   1424 H HD3  . LYS A 1 8  ? 0.566   5.039  0.482  1.00 0.00 ? 8  LYS A HD3  7  
ATOM   1425 H HE2  . LYS A 1 8  ? -1.678  4.222  0.968  1.00 0.00 ? 8  LYS A HE2  7  
ATOM   1426 H HE3  . LYS A 1 8  ? -1.684  5.120  2.488  1.00 0.00 ? 8  LYS A HE3  7  
ATOM   1427 H HZ1  . LYS A 1 8  ? -1.611  6.243  -0.257 1.00 0.00 ? 8  LYS A HZ1  7  
ATOM   1428 H HZ2  . LYS A 1 8  ? -1.380  7.167  1.139  1.00 0.00 ? 8  LYS A HZ2  7  
ATOM   1429 H HZ3  . LYS A 1 8  ? -2.855  6.388  0.879  1.00 0.00 ? 8  LYS A HZ3  7  
ATOM   1430 N N    . VAL A 1 9  ? 2.417   0.770  0.385  1.00 0.00 ? 9  VAL A N    7  
ATOM   1431 C CA   . VAL A 1 9  ? 3.787   0.267  0.332  1.00 0.00 ? 9  VAL A CA   7  
ATOM   1432 C C    . VAL A 1 9  ? 4.358   0.398  -1.079 1.00 0.00 ? 9  VAL A C    7  
ATOM   1433 O O    . VAL A 1 9  ? 5.459   0.914  -1.269 1.00 0.00 ? 9  VAL A O    7  
ATOM   1434 C CB   . VAL A 1 9  ? 3.869   -1.207 0.792  1.00 0.00 ? 9  VAL A CB   7  
ATOM   1435 C CG1  . VAL A 1 9  ? 5.287   -1.745 0.649  1.00 0.00 ? 9  VAL A CG1  7  
ATOM   1436 C CG2  . VAL A 1 9  ? 3.397   -1.343 2.233  1.00 0.00 ? 9  VAL A CG2  7  
ATOM   1437 H H    . VAL A 1 9  ? 1.696   0.171  0.690  1.00 0.00 ? 9  VAL A H    7  
ATOM   1438 H HA   . VAL A 1 9  ? 4.384   0.868  1.003  1.00 0.00 ? 9  VAL A HA   7  
ATOM   1439 H HB   . VAL A 1 9  ? 3.217   -1.797 0.166  1.00 0.00 ? 9  VAL A HB   7  
ATOM   1440 H HG11 . VAL A 1 9  ? 5.310   -2.783 0.949  1.00 0.00 ? 9  VAL A HG11 7  
ATOM   1441 H HG12 . VAL A 1 9  ? 5.955   -1.175 1.275  1.00 0.00 ? 9  VAL A HG12 7  
ATOM   1442 H HG13 . VAL A 1 9  ? 5.600   -1.663 -0.381 1.00 0.00 ? 9  VAL A HG13 7  
ATOM   1443 H HG21 . VAL A 1 9  ? 2.370   -1.016 2.307  1.00 0.00 ? 9  VAL A HG21 7  
ATOM   1444 H HG22 . VAL A 1 9  ? 4.016   -0.732 2.874  1.00 0.00 ? 9  VAL A HG22 7  
ATOM   1445 H HG23 . VAL A 1 9  ? 3.468   -2.375 2.540  1.00 0.00 ? 9  VAL A HG23 7  
ATOM   1446 N N    . SER A 1 10 ? 3.592   -0.047 -2.065 1.00 0.00 ? 10 SER A N    7  
ATOM   1447 C CA   . SER A 1 10 ? 4.013   0.031  -3.458 1.00 0.00 ? 10 SER A CA   7  
ATOM   1448 C C    . SER A 1 10 ? 4.215   1.489  -3.881 1.00 0.00 ? 10 SER A C    7  
ATOM   1449 O O    . SER A 1 10 ? 5.138   1.810  -4.626 1.00 0.00 ? 10 SER A O    7  
ATOM   1450 C CB   . SER A 1 10 ? 2.969   -0.636 -4.348 1.00 0.00 ? 10 SER A CB   7  
ATOM   1451 O OG   . SER A 1 10 ? 2.642   -1.928 -3.865 1.00 0.00 ? 10 SER A OG   7  
ATOM   1452 H H    . SER A 1 10 ? 2.717   -0.442 -1.855 1.00 0.00 ? 10 SER A H    7  
ATOM   1453 H HA   . SER A 1 10 ? 4.952   -0.494 -3.553 1.00 0.00 ? 10 SER A HA   7  
ATOM   1454 H HB2  . SER A 1 10 ? 2.073   -0.033 -4.362 1.00 0.00 ? 10 SER A HB2  7  
ATOM   1455 H HB3  . SER A 1 10 ? 3.358   -0.727 -5.351 1.00 0.00 ? 10 SER A HB3  7  
ATOM   1456 H HG   . SER A 1 10 ? 3.436   -2.477 -3.855 1.00 0.00 ? 10 SER A HG   7  
ATOM   1457 N N    . ASN A 1 11 ? 3.346   2.363  -3.386 1.00 0.00 ? 11 ASN A N    7  
ATOM   1458 C CA   . ASN A 1 11 ? 3.404   3.785  -3.701 1.00 0.00 ? 11 ASN A CA   7  
ATOM   1459 C C    . ASN A 1 11 ? 4.646   4.428  -3.101 1.00 0.00 ? 11 ASN A C    7  
ATOM   1460 O O    . ASN A 1 11 ? 5.414   5.096  -3.795 1.00 0.00 ? 11 ASN A O    7  
ATOM   1461 C CB   . ASN A 1 11 ? 2.161   4.493  -3.164 1.00 0.00 ? 11 ASN A CB   7  
ATOM   1462 C CG   . ASN A 1 11 ? 2.106   5.962  -3.541 1.00 0.00 ? 11 ASN A CG   7  
ATOM   1463 O OD1  . ASN A 1 11 ? 2.587   6.825  -2.804 1.00 0.00 ? 11 ASN A OD1  7  
ATOM   1464 N ND2  . ASN A 1 11 ? 1.521   6.258  -4.688 1.00 0.00 ? 11 ASN A ND2  7  
ATOM   1465 H H    . ASN A 1 11 ? 2.633   2.037  -2.791 1.00 0.00 ? 11 ASN A H    7  
ATOM   1466 H HA   . ASN A 1 11 ? 3.436   3.891  -4.773 1.00 0.00 ? 11 ASN A HA   7  
ATOM   1467 H HB2  . ASN A 1 11 ? 1.287   4.005  -3.550 1.00 0.00 ? 11 ASN A HB2  7  
ATOM   1468 H HB3  . ASN A 1 11 ? 2.155   4.419  -2.085 1.00 0.00 ? 11 ASN A HB3  7  
ATOM   1469 H HD21 . ASN A 1 11 ? 1.159   5.521  -5.229 1.00 0.00 ? 11 ASN A HD21 7  
ATOM   1470 H HD22 . ASN A 1 11 ? 1.470   7.202  -4.956 1.00 0.00 ? 11 ASN A HD22 7  
ATOM   1471 N N    . LEU A 1 12 ? 4.823   4.221  -1.806 1.00 0.00 ? 12 LEU A N    7  
ATOM   1472 C CA   . LEU A 1 12 ? 5.942   4.803  -1.071 1.00 0.00 ? 12 LEU A CA   7  
ATOM   1473 C C    . LEU A 1 12 ? 7.276   4.284  -1.594 1.00 0.00 ? 12 LEU A C    7  
ATOM   1474 O O    . LEU A 1 12 ? 8.220   5.052  -1.786 1.00 0.00 ? 12 LEU A O    7  
ATOM   1475 C CB   . LEU A 1 12 ? 5.816   4.492  0.425  1.00 0.00 ? 12 LEU A CB   7  
ATOM   1476 C CG   . LEU A 1 12 ? 4.546   5.018  1.100  1.00 0.00 ? 12 LEU A CG   7  
ATOM   1477 C CD1  . LEU A 1 12 ? 4.508   4.610  2.562  1.00 0.00 ? 12 LEU A CD1  7  
ATOM   1478 C CD2  . LEU A 1 12 ? 4.459   6.530  0.969  1.00 0.00 ? 12 LEU A CD2  7  
ATOM   1479 H H    . LEU A 1 12 ? 4.169   3.662  -1.323 1.00 0.00 ? 12 LEU A H    7  
ATOM   1480 H HA   . LEU A 1 12 ? 5.908   5.873  -1.208 1.00 0.00 ? 12 LEU A HA   7  
ATOM   1481 H HB2  . LEU A 1 12 ? 5.847   3.418  0.548  1.00 0.00 ? 12 LEU A HB2  7  
ATOM   1482 H HB3  . LEU A 1 12 ? 6.668   4.918  0.933  1.00 0.00 ? 12 LEU A HB3  7  
ATOM   1483 H HG   . LEU A 1 12 ? 3.681   4.590  0.611  1.00 0.00 ? 12 LEU A HG   7  
ATOM   1484 H HD11 . LEU A 1 12 ? 5.346   5.051  3.080  1.00 0.00 ? 12 LEU A HD11 7  
ATOM   1485 H HD12 . LEU A 1 12 ? 4.563   3.533  2.638  1.00 0.00 ? 12 LEU A HD12 7  
ATOM   1486 H HD13 . LEU A 1 12 ? 3.587   4.955  3.009  1.00 0.00 ? 12 LEU A HD13 7  
ATOM   1487 H HD21 . LEU A 1 12 ? 5.342   6.980  1.397  1.00 0.00 ? 12 LEU A HD21 7  
ATOM   1488 H HD22 . LEU A 1 12 ? 3.585   6.887  1.490  1.00 0.00 ? 12 LEU A HD22 7  
ATOM   1489 H HD23 . LEU A 1 12 ? 4.389   6.799  -0.075 1.00 0.00 ? 12 LEU A HD23 7  
ATOM   1490 N N    . PHE A 1 13 ? 7.350   2.985  -1.836 1.00 0.00 ? 13 PHE A N    7  
ATOM   1491 C CA   . PHE A 1 13 ? 8.581   2.374  -2.309 1.00 0.00 ? 13 PHE A CA   7  
ATOM   1492 C C    . PHE A 1 13 ? 8.536   2.185  -3.821 1.00 0.00 ? 13 PHE A C    7  
ATOM   1493 O O    . PHE A 1 13 ? 9.320   1.413  -4.368 1.00 0.00 ? 13 PHE A O    7  
ATOM   1494 C CB   . PHE A 1 13 ? 8.809   1.031  -1.612 1.00 0.00 ? 13 PHE A CB   7  
ATOM   1495 C CG   . PHE A 1 13 ? 8.862   1.139  -0.115 1.00 0.00 ? 13 PHE A CG   7  
ATOM   1496 C CD1  . PHE A 1 13 ? 10.019  1.552  0.522  1.00 0.00 ? 13 PHE A CD1  7  
ATOM   1497 C CD2  . PHE A 1 13 ? 7.755   0.825  0.654  1.00 0.00 ? 13 PHE A CD2  7  
ATOM   1498 C CE1  . PHE A 1 13 ? 10.071  1.652  1.900  1.00 0.00 ? 13 PHE A CE1  7  
ATOM   1499 C CE2  . PHE A 1 13 ? 7.798   0.923  2.032  1.00 0.00 ? 13 PHE A CE2  7  
ATOM   1500 C CZ   . PHE A 1 13 ? 8.958   1.338  2.654  1.00 0.00 ? 13 PHE A CZ   7  
ATOM   1501 H H    . PHE A 1 13 ? 6.556   2.422  -1.692 1.00 0.00 ? 13 PHE A H    7  
ATOM   1502 H HA   . PHE A 1 13 ? 9.395   3.037  -2.067 1.00 0.00 ? 13 PHE A HA   7  
ATOM   1503 H HB2  . PHE A 1 13 ? 8.004   0.358  -1.867 1.00 0.00 ? 13 PHE A HB2  7  
ATOM   1504 H HB3  . PHE A 1 13 ? 9.745   0.612  -1.951 1.00 0.00 ? 13 PHE A HB3  7  
ATOM   1505 H HD1  . PHE A 1 13 ? 10.888  1.799  -0.067 1.00 0.00 ? 13 PHE A HD1  7  
ATOM   1506 H HD2  . PHE A 1 13 ? 6.847   0.502  0.166  1.00 0.00 ? 13 PHE A HD2  7  
ATOM   1507 H HE1  . PHE A 1 13 ? 10.980  1.977  2.386  1.00 0.00 ? 13 PHE A HE1  7  
ATOM   1508 H HE2  . PHE A 1 13 ? 6.926   0.676  2.618  1.00 0.00 ? 13 PHE A HE2  7  
ATOM   1509 H HZ   . PHE A 1 13 ? 8.994   1.414  3.730  1.00 0.00 ? 13 PHE A HZ   7  
HETATM 1510 N N    . NH2 A 1 14 ? 7.647   2.866  -4.520 1.00 0.00 ? 14 NH2 A N    7  
HETATM 1511 H HN1  . NH2 A 1 14 ? 7.848   3.806  -4.714 1.00 0.00 ? 14 NH2 A HN1  7  
HETATM 1512 H HN2  . NH2 A 1 14 ? 6.739   2.486  -4.600 1.00 0.00 ? 14 NH2 A HN2  7  
ATOM   1513 N N    . GLY A 1 1  ? -8.314  -1.237 4.390  1.00 0.00 ? 1  GLY A N    8  
ATOM   1514 C CA   . GLY A 1 1  ? -8.111  -2.703 4.326  1.00 0.00 ? 1  GLY A CA   8  
ATOM   1515 C C    . GLY A 1 1  ? -6.693  -3.062 3.936  1.00 0.00 ? 1  GLY A C    8  
ATOM   1516 O O    . GLY A 1 1  ? -5.822  -2.194 3.881  1.00 0.00 ? 1  GLY A O    8  
ATOM   1517 H H1   . GLY A 1 1  ? -9.275  -1.021 4.717  1.00 0.00 ? 1  GLY A H1   8  
ATOM   1518 H H2   . GLY A 1 1  ? -8.177  -0.812 3.445  1.00 0.00 ? 1  GLY A H2   8  
ATOM   1519 H H3   . GLY A 1 1  ? -7.631  -0.812 5.049  1.00 0.00 ? 1  GLY A H3   8  
ATOM   1520 H HA2  . GLY A 1 1  ? -8.327  -3.132 5.293  1.00 0.00 ? 1  GLY A HA2  8  
ATOM   1521 H HA3  . GLY A 1 1  ? -8.792  -3.121 3.598  1.00 0.00 ? 1  GLY A HA3  8  
ATOM   1522 N N    . ILE A 1 2  ? -6.467  -4.341 3.652  1.00 0.00 ? 2  ILE A N    8  
ATOM   1523 C CA   . ILE A 1 2  ? -5.138  -4.836 3.304  1.00 0.00 ? 2  ILE A CA   8  
ATOM   1524 C C    . ILE A 1 2  ? -4.634  -4.189 2.016  1.00 0.00 ? 2  ILE A C    8  
ATOM   1525 O O    . ILE A 1 2  ? -3.481  -3.768 1.931  1.00 0.00 ? 2  ILE A O    8  
ATOM   1526 C CB   . ILE A 1 2  ? -5.138  -6.375 3.143  1.00 0.00 ? 2  ILE A CB   8  
ATOM   1527 C CG1  . ILE A 1 2  ? -5.617  -7.050 4.434  1.00 0.00 ? 2  ILE A CG1  8  
ATOM   1528 C CG2  . ILE A 1 2  ? -3.751  -6.881 2.758  1.00 0.00 ? 2  ILE A CG2  8  
ATOM   1529 C CD1  . ILE A 1 2  ? -4.730  -6.782 5.633  1.00 0.00 ? 2  ILE A CD1  8  
ATOM   1530 H H    . ILE A 1 2  ? -7.219  -4.973 3.673  1.00 0.00 ? 2  ILE A H    8  
ATOM   1531 H HA   . ILE A 1 2  ? -4.465  -4.579 4.109  1.00 0.00 ? 2  ILE A HA   8  
ATOM   1532 H HB   . ILE A 1 2  ? -5.817  -6.627 2.343  1.00 0.00 ? 2  ILE A HB   8  
ATOM   1533 H HG12 . ILE A 1 2  ? -6.607  -6.692 4.671  1.00 0.00 ? 2  ILE A HG12 8  
ATOM   1534 H HG13 . ILE A 1 2  ? -5.654  -8.119 4.281  1.00 0.00 ? 2  ILE A HG13 8  
ATOM   1535 H HG21 . ILE A 1 2  ? -3.783  -7.953 2.625  1.00 0.00 ? 2  ILE A HG21 8  
ATOM   1536 H HG22 . ILE A 1 2  ? -3.049  -6.638 3.543  1.00 0.00 ? 2  ILE A HG22 8  
ATOM   1537 H HG23 . ILE A 1 2  ? -3.440  -6.411 1.836  1.00 0.00 ? 2  ILE A HG23 8  
ATOM   1538 H HD11 . ILE A 1 2  ? -5.145  -7.267 6.503  1.00 0.00 ? 2  ILE A HD11 8  
ATOM   1539 H HD12 . ILE A 1 2  ? -4.673  -5.718 5.810  1.00 0.00 ? 2  ILE A HD12 8  
ATOM   1540 H HD13 . ILE A 1 2  ? -3.739  -7.168 5.443  1.00 0.00 ? 2  ILE A HD13 8  
ATOM   1541 N N    . LEU A 1 3  ? -5.517  -4.098 1.024  1.00 0.00 ? 3  LEU A N    8  
ATOM   1542 C CA   . LEU A 1 3  ? -5.179  -3.491 -0.262 1.00 0.00 ? 3  LEU A CA   8  
ATOM   1543 C C    . LEU A 1 3  ? -4.657  -2.069 -0.080 1.00 0.00 ? 3  LEU A C    8  
ATOM   1544 O O    . LEU A 1 3  ? -3.692  -1.671 -0.726 1.00 0.00 ? 3  LEU A O    8  
ATOM   1545 C CB   . LEU A 1 3  ? -6.387  -3.476 -1.213 1.00 0.00 ? 3  LEU A CB   8  
ATOM   1546 C CG   . LEU A 1 3  ? -7.573  -2.594 -0.792 1.00 0.00 ? 3  LEU A CG   8  
ATOM   1547 C CD1  . LEU A 1 3  ? -8.481  -2.332 -1.979 1.00 0.00 ? 3  LEU A CD1  8  
ATOM   1548 C CD2  . LEU A 1 3  ? -8.369  -3.237 0.337  1.00 0.00 ? 3  LEU A CD2  8  
ATOM   1549 H H    . LEU A 1 3  ? -6.416  -4.467 1.152  1.00 0.00 ? 3  LEU A H    8  
ATOM   1550 H HA   . LEU A 1 3  ? -4.396  -4.087 -0.706 1.00 0.00 ? 3  LEU A HA   8  
ATOM   1551 H HB2  . LEU A 1 3  ? -6.048  -3.138 -2.180 1.00 0.00 ? 3  LEU A HB2  8  
ATOM   1552 H HB3  . LEU A 1 3  ? -6.744  -4.490 -1.315 1.00 0.00 ? 3  LEU A HB3  8  
ATOM   1553 H HG   . LEU A 1 3  ? -7.200  -1.642 -0.440 1.00 0.00 ? 3  LEU A HG   8  
ATOM   1554 H HD11 . LEU A 1 3  ? -7.902  -1.916 -2.791 1.00 0.00 ? 3  LEU A HD11 8  
ATOM   1555 H HD12 . LEU A 1 3  ? -9.252  -1.633 -1.694 1.00 0.00 ? 3  LEU A HD12 8  
ATOM   1556 H HD13 . LEU A 1 3  ? -8.935  -3.257 -2.296 1.00 0.00 ? 3  LEU A HD13 8  
ATOM   1557 H HD21 . LEU A 1 3  ? -9.210  -2.606 0.587  1.00 0.00 ? 3  LEU A HD21 8  
ATOM   1558 H HD22 . LEU A 1 3  ? -7.737  -3.350 1.204  1.00 0.00 ? 3  LEU A HD22 8  
ATOM   1559 H HD23 . LEU A 1 3  ? -8.728  -4.205 0.020  1.00 0.00 ? 3  LEU A HD23 8  
ATOM   1560 N N    . ASP A 1 4  ? -5.290  -1.319 0.814  1.00 0.00 ? 4  ASP A N    8  
ATOM   1561 C CA   . ASP A 1 4  ? -4.913  0.070  1.061  1.00 0.00 ? 4  ASP A CA   8  
ATOM   1562 C C    . ASP A 1 4  ? -3.490  0.148  1.594  1.00 0.00 ? 4  ASP A C    8  
ATOM   1563 O O    . ASP A 1 4  ? -2.701  0.995  1.172  1.00 0.00 ? 4  ASP A O    8  
ATOM   1564 C CB   . ASP A 1 4  ? -5.875  0.721  2.058  1.00 0.00 ? 4  ASP A CB   8  
ATOM   1565 C CG   . ASP A 1 4  ? -7.311  0.724  1.574  1.00 0.00 ? 4  ASP A CG   8  
ATOM   1566 O OD1  . ASP A 1 4  ? -8.065  -0.206 1.941  1.00 0.00 ? 4  ASP A OD1  8  
ATOM   1567 O OD2  . ASP A 1 4  ? -7.695  1.656  0.834  1.00 0.00 ? 4  ASP A OD2  8  
ATOM   1568 H H    . ASP A 1 4  ? -6.032  -1.707 1.321  1.00 0.00 ? 4  ASP A H    8  
ATOM   1569 H HA   . ASP A 1 4  ? -4.965  0.601  0.123  1.00 0.00 ? 4  ASP A HA   8  
ATOM   1570 H HB2  . ASP A 1 4  ? -5.831  0.185  2.992  1.00 0.00 ? 4  ASP A HB2  8  
ATOM   1571 H HB3  . ASP A 1 4  ? -5.569  1.745  2.222  1.00 0.00 ? 4  ASP A HB3  8  
ATOM   1572 N N    . ILE A 1 5  ? -3.170  -0.753 2.511  1.00 0.00 ? 5  ILE A N    8  
ATOM   1573 C CA   . ILE A 1 5  ? -1.840  -0.807 3.102  1.00 0.00 ? 5  ILE A CA   8  
ATOM   1574 C C    . ILE A 1 5  ? -0.810  -1.233 2.058  1.00 0.00 ? 5  ILE A C    8  
ATOM   1575 O O    . ILE A 1 5  ? 0.281   -0.668 1.977  1.00 0.00 ? 5  ILE A O    8  
ATOM   1576 C CB   . ILE A 1 5  ? -1.793  -1.788 4.293  1.00 0.00 ? 5  ILE A CB   8  
ATOM   1577 C CG1  . ILE A 1 5  ? -2.882  -1.444 5.312  1.00 0.00 ? 5  ILE A CG1  8  
ATOM   1578 C CG2  . ILE A 1 5  ? -0.421  -1.759 4.950  1.00 0.00 ? 5  ILE A CG2  8  
ATOM   1579 C CD1  . ILE A 1 5  ? -2.958  -2.416 6.471  1.00 0.00 ? 5  ILE A CD1  8  
ATOM   1580 H H    . ILE A 1 5  ? -3.844  -1.404 2.799  1.00 0.00 ? 5  ILE A H    8  
ATOM   1581 H HA   . ILE A 1 5  ? -1.590  0.180  3.461  1.00 0.00 ? 5  ILE A HA   8  
ATOM   1582 H HB   . ILE A 1 5  ? -1.963  -2.784 3.916  1.00 0.00 ? 5  ILE A HB   8  
ATOM   1583 H HG12 . ILE A 1 5  ? -2.691  -0.461 5.717  1.00 0.00 ? 5  ILE A HG12 8  
ATOM   1584 H HG13 . ILE A 1 5  ? -3.843  -1.442 4.816  1.00 0.00 ? 5  ILE A HG13 8  
ATOM   1585 H HG21 . ILE A 1 5  ? -0.198  -0.751 5.270  1.00 0.00 ? 5  ILE A HG21 8  
ATOM   1586 H HG22 . ILE A 1 5  ? 0.326   -2.086 4.241  1.00 0.00 ? 5  ILE A HG22 8  
ATOM   1587 H HG23 . ILE A 1 5  ? -0.418  -2.416 5.806  1.00 0.00 ? 5  ILE A HG23 8  
ATOM   1588 H HD11 . ILE A 1 5  ? -2.018  -2.420 7.000  1.00 0.00 ? 5  ILE A HD11 8  
ATOM   1589 H HD12 . ILE A 1 5  ? -3.165  -3.407 6.096  1.00 0.00 ? 5  ILE A HD12 8  
ATOM   1590 H HD13 . ILE A 1 5  ? -3.748  -2.114 7.142  1.00 0.00 ? 5  ILE A HD13 8  
ATOM   1591 N N    . LEU A 1 6  ? -1.172  -2.224 1.252  1.00 0.00 ? 6  LEU A N    8  
ATOM   1592 C CA   . LEU A 1 6  ? -0.282  -2.723 0.214  1.00 0.00 ? 6  LEU A CA   8  
ATOM   1593 C C    . LEU A 1 6  ? -0.026  -1.642 -0.829 1.00 0.00 ? 6  LEU A C    8  
ATOM   1594 O O    . LEU A 1 6  ? 1.120   -1.394 -1.206 1.00 0.00 ? 6  LEU A O    8  
ATOM   1595 C CB   . LEU A 1 6  ? -0.873  -3.983 -0.434 1.00 0.00 ? 6  LEU A CB   8  
ATOM   1596 C CG   . LEU A 1 6  ? 0.087   -4.792 -1.318 1.00 0.00 ? 6  LEU A CG   8  
ATOM   1597 C CD1  . LEU A 1 6  ? -0.391  -6.224 -1.429 1.00 0.00 ? 6  LEU A CD1  8  
ATOM   1598 C CD2  . LEU A 1 6  ? 0.205   -4.181 -2.707 1.00 0.00 ? 6  LEU A CD2  8  
ATOM   1599 H H    . LEU A 1 6  ? -2.059  -2.635 1.365  1.00 0.00 ? 6  LEU A H    8  
ATOM   1600 H HA   . LEU A 1 6  ? 0.657   -2.977 0.680  1.00 0.00 ? 6  LEU A HA   8  
ATOM   1601 H HB2  . LEU A 1 6  ? -1.230  -4.629 0.354  1.00 0.00 ? 6  LEU A HB2  8  
ATOM   1602 H HB3  . LEU A 1 6  ? -1.715  -3.685 -1.038 1.00 0.00 ? 6  LEU A HB3  8  
ATOM   1603 H HG   . LEU A 1 6  ? 1.067   -4.798 -0.867 1.00 0.00 ? 6  LEU A HG   8  
ATOM   1604 H HD11 . LEU A 1 6  ? 0.280   -6.780 -2.067 1.00 0.00 ? 6  LEU A HD11 8  
ATOM   1605 H HD12 . LEU A 1 6  ? -1.384  -6.242 -1.850 1.00 0.00 ? 6  LEU A HD12 8  
ATOM   1606 H HD13 . LEU A 1 6  ? -0.409  -6.675 -0.448 1.00 0.00 ? 6  LEU A HD13 8  
ATOM   1607 H HD21 . LEU A 1 6  ? -0.772  -4.151 -3.170 1.00 0.00 ? 6  LEU A HD21 8  
ATOM   1608 H HD22 . LEU A 1 6  ? 0.868   -4.782 -3.309 1.00 0.00 ? 6  LEU A HD22 8  
ATOM   1609 H HD23 . LEU A 1 6  ? 0.597   -3.179 -2.628 1.00 0.00 ? 6  LEU A HD23 8  
ATOM   1610 N N    . ASN A 1 7  ? -1.093  -0.990 -1.285 1.00 0.00 ? 7  ASN A N    8  
ATOM   1611 C CA   . ASN A 1 7  ? -0.974  0.085  -2.255 1.00 0.00 ? 7  ASN A CA   8  
ATOM   1612 C C    . ASN A 1 7  ? -0.096  1.199  -1.713 1.00 0.00 ? 7  ASN A C    8  
ATOM   1613 O O    . ASN A 1 7  ? 0.718   1.762  -2.441 1.00 0.00 ? 7  ASN A O    8  
ATOM   1614 C CB   . ASN A 1 7  ? -2.347  0.639  -2.621 1.00 0.00 ? 7  ASN A CB   8  
ATOM   1615 C CG   . ASN A 1 7  ? -3.156  -0.319 -3.470 1.00 0.00 ? 7  ASN A CG   8  
ATOM   1616 O OD1  . ASN A 1 7  ? -2.604  -1.138 -4.203 1.00 0.00 ? 7  ASN A OD1  8  
ATOM   1617 N ND2  . ASN A 1 7  ? -4.467  -0.210 -3.382 1.00 0.00 ? 7  ASN A ND2  8  
ATOM   1618 H H    . ASN A 1 7  ? -1.986  -1.241 -0.960 1.00 0.00 ? 7  ASN A H    8  
ATOM   1619 H HA   . ASN A 1 7  ? -0.514  -0.322 -3.143 1.00 0.00 ? 7  ASN A HA   8  
ATOM   1620 H HB2  . ASN A 1 7  ? -2.899  0.842  -1.717 1.00 0.00 ? 7  ASN A HB2  8  
ATOM   1621 H HB3  . ASN A 1 7  ? -2.218  1.556  -3.169 1.00 0.00 ? 7  ASN A HB3  8  
ATOM   1622 H HD21 . ASN A 1 7  ? -4.832  0.476  -2.783 1.00 0.00 ? 7  ASN A HD21 8  
ATOM   1623 H HD22 . ASN A 1 7  ? -5.023  -0.812 -3.921 1.00 0.00 ? 7  ASN A HD22 8  
ATOM   1624 N N    . LYS A 1 8  ? -0.274  1.508  -0.430 1.00 0.00 ? 8  LYS A N    8  
ATOM   1625 C CA   . LYS A 1 8  ? 0.556   2.482  0.253  1.00 0.00 ? 8  LYS A CA   8  
ATOM   1626 C C    . LYS A 1 8  ? 2.033   2.129  0.106  1.00 0.00 ? 8  LYS A C    8  
ATOM   1627 O O    . LYS A 1 8  ? 2.816   2.916  -0.417 1.00 0.00 ? 8  LYS A O    8  
ATOM   1628 C CB   . LYS A 1 8  ? 0.180   2.530  1.735  1.00 0.00 ? 8  LYS A CB   8  
ATOM   1629 C CG   . LYS A 1 8  ? 0.509   3.849  2.411  1.00 0.00 ? 8  LYS A CG   8  
ATOM   1630 C CD   . LYS A 1 8  ? -0.289  4.998  1.813  1.00 0.00 ? 8  LYS A CD   8  
ATOM   1631 C CE   . LYS A 1 8  ? -1.789  4.789  1.972  1.00 0.00 ? 8  LYS A CE   8  
ATOM   1632 N NZ   . LYS A 1 8  ? -2.567  5.953  1.475  1.00 0.00 ? 8  LYS A NZ   8  
ATOM   1633 H H    . LYS A 1 8  ? -1.008  1.088  0.066  1.00 0.00 ? 8  LYS A H    8  
ATOM   1634 H HA   . LYS A 1 8  ? 0.378   3.445  -0.194 1.00 0.00 ? 8  LYS A HA   8  
ATOM   1635 H HB2  . LYS A 1 8  ? -0.880  2.353  1.832  1.00 0.00 ? 8  LYS A HB2  8  
ATOM   1636 H HB3  . LYS A 1 8  ? 0.712   1.745  2.252  1.00 0.00 ? 8  LYS A HB3  8  
ATOM   1637 H HG2  . LYS A 1 8  ? 0.277   3.772  3.464  1.00 0.00 ? 8  LYS A HG2  8  
ATOM   1638 H HG3  . LYS A 1 8  ? 1.565   4.052  2.288  1.00 0.00 ? 8  LYS A HG3  8  
ATOM   1639 H HD2  . LYS A 1 8  ? -0.009  5.914  2.308  1.00 0.00 ? 8  LYS A HD2  8  
ATOM   1640 H HD3  . LYS A 1 8  ? -0.057  5.069  0.762  1.00 0.00 ? 8  LYS A HD3  8  
ATOM   1641 H HE2  . LYS A 1 8  ? -2.077  3.911  1.413  1.00 0.00 ? 8  LYS A HE2  8  
ATOM   1642 H HE3  . LYS A 1 8  ? -2.006  4.640  3.018  1.00 0.00 ? 8  LYS A HE3  8  
ATOM   1643 H HZ1  . LYS A 1 8  ? -2.360  6.122  0.470  1.00 0.00 ? 8  LYS A HZ1  8  
ATOM   1644 H HZ2  . LYS A 1 8  ? -2.322  6.806  2.014  1.00 0.00 ? 8  LYS A HZ2  8  
ATOM   1645 H HZ3  . LYS A 1 8  ? -3.587  5.771  1.579  1.00 0.00 ? 8  LYS A HZ3  8  
ATOM   1646 N N    . VAL A 1 9  ? 2.396   0.928  0.550  1.00 0.00 ? 9  VAL A N    8  
ATOM   1647 C CA   . VAL A 1 9  ? 3.781   0.463  0.488  1.00 0.00 ? 9  VAL A CA   8  
ATOM   1648 C C    . VAL A 1 9  ? 4.285   0.443  -0.953 1.00 0.00 ? 9  VAL A C    8  
ATOM   1649 O O    . VAL A 1 9  ? 5.388   0.913  -1.245 1.00 0.00 ? 9  VAL A O    8  
ATOM   1650 C CB   . VAL A 1 9  ? 3.919   -0.946 1.106  1.00 0.00 ? 9  VAL A CB   8  
ATOM   1651 C CG1  . VAL A 1 9  ? 5.350   -1.455 1.002  1.00 0.00 ? 9  VAL A CG1  8  
ATOM   1652 C CG2  . VAL A 1 9  ? 3.469   -0.934 2.557  1.00 0.00 ? 9  VAL A CG2  8  
ATOM   1653 H H    . VAL A 1 9  ? 1.710   0.330  0.930  1.00 0.00 ? 9  VAL A H    8  
ATOM   1654 H HA   . VAL A 1 9  ? 4.388   1.148  1.063  1.00 0.00 ? 9  VAL A HA   8  
ATOM   1655 H HB   . VAL A 1 9  ? 3.279   -1.624 0.558  1.00 0.00 ? 9  VAL A HB   8  
ATOM   1656 H HG11 . VAL A 1 9  ? 5.640   -1.504 -0.038 1.00 0.00 ? 9  VAL A HG11 8  
ATOM   1657 H HG12 . VAL A 1 9  ? 5.415   -2.441 1.438  1.00 0.00 ? 9  VAL A HG12 8  
ATOM   1658 H HG13 . VAL A 1 9  ? 6.010   -0.783 1.528  1.00 0.00 ? 9  VAL A HG13 8  
ATOM   1659 H HG21 . VAL A 1 9  ? 3.581   -1.922 2.976  1.00 0.00 ? 9  VAL A HG21 8  
ATOM   1660 H HG22 . VAL A 1 9  ? 2.432   -0.634 2.609  1.00 0.00 ? 9  VAL A HG22 8  
ATOM   1661 H HG23 . VAL A 1 9  ? 4.073   -0.235 3.115  1.00 0.00 ? 9  VAL A HG23 8  
ATOM   1662 N N    . SER A 1 10 ? 3.456   -0.073 -1.849 1.00 0.00 ? 10 SER A N    8  
ATOM   1663 C CA   . SER A 1 10 ? 3.809   -0.187 -3.256 1.00 0.00 ? 10 SER A CA   8  
ATOM   1664 C C    . SER A 1 10 ? 4.051   1.193  -3.870 1.00 0.00 ? 10 SER A C    8  
ATOM   1665 O O    . SER A 1 10 ? 4.879   1.343  -4.774 1.00 0.00 ? 10 SER A O    8  
ATOM   1666 C CB   . SER A 1 10 ? 2.689   -0.924 -4.007 1.00 0.00 ? 10 SER A CB   8  
ATOM   1667 O OG   . SER A 1 10 ? 3.101   -1.337 -5.301 1.00 0.00 ? 10 SER A OG   8  
ATOM   1668 H H    . SER A 1 10 ? 2.576   -0.396 -1.551 1.00 0.00 ? 10 SER A H    8  
ATOM   1669 H HA   . SER A 1 10 ? 4.716   -0.762 -3.325 1.00 0.00 ? 10 SER A HA   8  
ATOM   1670 H HB2  . SER A 1 10 ? 2.400   -1.799 -3.443 1.00 0.00 ? 10 SER A HB2  8  
ATOM   1671 H HB3  . SER A 1 10 ? 1.837   -0.266 -4.108 1.00 0.00 ? 10 SER A HB3  8  
ATOM   1672 H HG   . SER A 1 10 ? 4.062   -1.442 -5.313 1.00 0.00 ? 10 SER A HG   8  
ATOM   1673 N N    . ASN A 1 11 ? 3.346   2.199  -3.365 1.00 0.00 ? 11 ASN A N    8  
ATOM   1674 C CA   . ASN A 1 11 ? 3.477   3.561  -3.876 1.00 0.00 ? 11 ASN A CA   8  
ATOM   1675 C C    . ASN A 1 11 ? 4.681   4.251  -3.259 1.00 0.00 ? 11 ASN A C    8  
ATOM   1676 O O    . ASN A 1 11 ? 5.463   4.898  -3.956 1.00 0.00 ? 11 ASN A O    8  
ATOM   1677 C CB   . ASN A 1 11 ? 2.225   4.375  -3.569 1.00 0.00 ? 11 ASN A CB   8  
ATOM   1678 C CG   . ASN A 1 11 ? 2.150   5.647  -4.392 1.00 0.00 ? 11 ASN A CG   8  
ATOM   1679 O OD1  . ASN A 1 11 ? 2.631   5.696  -5.527 1.00 0.00 ? 11 ASN A OD1  8  
ATOM   1680 N ND2  . ASN A 1 11 ? 1.555   6.687  -3.829 1.00 0.00 ? 11 ASN A ND2  8  
ATOM   1681 H H    . ASN A 1 11 ? 2.714   2.022  -2.635 1.00 0.00 ? 11 ASN A H    8  
ATOM   1682 H HA   . ASN A 1 11 ? 3.611   3.504  -4.946 1.00 0.00 ? 11 ASN A HA   8  
ATOM   1683 H HB2  . ASN A 1 11 ? 1.355   3.778  -3.775 1.00 0.00 ? 11 ASN A HB2  8  
ATOM   1684 H HB3  . ASN A 1 11 ? 2.229   4.645  -2.524 1.00 0.00 ? 11 ASN A HB3  8  
ATOM   1685 H HD21 . ASN A 1 11 ? 1.199   6.580  -2.920 1.00 0.00 ? 11 ASN A HD21 8  
ATOM   1686 H HD22 . ASN A 1 11 ? 1.490   7.520  -4.343 1.00 0.00 ? 11 ASN A HD22 8  
ATOM   1687 N N    . LEU A 1 12 ? 4.809   4.115  -1.941 1.00 0.00 ? 12 LEU A N    8  
ATOM   1688 C CA   . LEU A 1 12 ? 5.906   4.725  -1.197 1.00 0.00 ? 12 LEU A CA   8  
ATOM   1689 C C    . LEU A 1 12 ? 7.252   4.274  -1.746 1.00 0.00 ? 12 LEU A C    8  
ATOM   1690 O O    . LEU A 1 12 ? 8.141   5.089  -1.992 1.00 0.00 ? 12 LEU A O    8  
ATOM   1691 C CB   . LEU A 1 12 ? 5.814   4.365  0.291  1.00 0.00 ? 12 LEU A CB   8  
ATOM   1692 C CG   . LEU A 1 12 ? 4.559   4.857  1.015  1.00 0.00 ? 12 LEU A CG   8  
ATOM   1693 C CD1  . LEU A 1 12 ? 4.543   4.352  2.448  1.00 0.00 ? 12 LEU A CD1  8  
ATOM   1694 C CD2  . LEU A 1 12 ? 4.479   6.375  0.987  1.00 0.00 ? 12 LEU A CD2  8  
ATOM   1695 H H    . LEU A 1 12 ? 4.132   3.590  -1.453 1.00 0.00 ? 12 LEU A H    8  
ATOM   1696 H HA   . LEU A 1 12 ? 5.827   5.797  -1.304 1.00 0.00 ? 12 LEU A HA   8  
ATOM   1697 H HB2  . LEU A 1 12 ? 5.854   3.289  0.381  1.00 0.00 ? 12 LEU A HB2  8  
ATOM   1698 H HB3  . LEU A 1 12 ? 6.676   4.781  0.792  1.00 0.00 ? 12 LEU A HB3  8  
ATOM   1699 H HG   . LEU A 1 12 ? 3.685   4.465  0.514  1.00 0.00 ? 12 LEU A HG   8  
ATOM   1700 H HD11 . LEU A 1 12 ? 5.415   4.718  2.968  1.00 0.00 ? 12 LEU A HD11 8  
ATOM   1701 H HD12 . LEU A 1 12 ? 4.551   3.271  2.448  1.00 0.00 ? 12 LEU A HD12 8  
ATOM   1702 H HD13 . LEU A 1 12 ? 3.652   4.706  2.944  1.00 0.00 ? 12 LEU A HD13 8  
ATOM   1703 H HD21 . LEU A 1 12 ? 3.595   6.701  1.513  1.00 0.00 ? 12 LEU A HD21 8  
ATOM   1704 H HD22 . LEU A 1 12 ? 4.433   6.714  -0.038 1.00 0.00 ? 12 LEU A HD22 8  
ATOM   1705 H HD23 . LEU A 1 12 ? 5.355   6.791  1.465  1.00 0.00 ? 12 LEU A HD23 8  
ATOM   1706 N N    . PHE A 1 13 ? 7.387   2.977  -1.954 1.00 0.00 ? 13 PHE A N    8  
ATOM   1707 C CA   . PHE A 1 13 ? 8.628   2.415  -2.459 1.00 0.00 ? 13 PHE A CA   8  
ATOM   1708 C C    . PHE A 1 13 ? 8.509   2.136  -3.952 1.00 0.00 ? 13 PHE A C    8  
ATOM   1709 O O    . PHE A 1 13 ? 9.390   1.502  -4.534 1.00 0.00 ? 13 PHE A O    8  
ATOM   1710 C CB   . PHE A 1 13 ? 8.974   1.134  -1.697 1.00 0.00 ? 13 PHE A CB   8  
ATOM   1711 C CG   . PHE A 1 13 ? 9.037   1.328  -0.208 1.00 0.00 ? 13 PHE A CG   8  
ATOM   1712 C CD1  . PHE A 1 13 ? 10.163  1.865  0.389  1.00 0.00 ? 13 PHE A CD1  8  
ATOM   1713 C CD2  . PHE A 1 13 ? 7.960   0.977  0.591  1.00 0.00 ? 13 PHE A CD2  8  
ATOM   1714 C CE1  . PHE A 1 13 ? 10.215  2.051  1.756  1.00 0.00 ? 13 PHE A CE1  8  
ATOM   1715 C CE2  . PHE A 1 13 ? 8.007   1.161  1.959  1.00 0.00 ? 13 PHE A CE2  8  
ATOM   1716 C CZ   . PHE A 1 13 ? 9.135   1.698  2.542  1.00 0.00 ? 13 PHE A CZ   8  
ATOM   1717 H H    . PHE A 1 13 ? 6.630   2.377  -1.766 1.00 0.00 ? 13 PHE A H    8  
ATOM   1718 H HA   . PHE A 1 13 ? 9.409   3.143  -2.302 1.00 0.00 ? 13 PHE A HA   8  
ATOM   1719 H HB2  . PHE A 1 13 ? 8.225   0.386  -1.903 1.00 0.00 ? 13 PHE A HB2  8  
ATOM   1720 H HB3  . PHE A 1 13 ? 9.937   0.777  -2.027 1.00 0.00 ? 13 PHE A HB3  8  
ATOM   1721 H HD1  . PHE A 1 13 ? 11.008  2.142  -0.225 1.00 0.00 ? 13 PHE A HD1  8  
ATOM   1722 H HD2  . PHE A 1 13 ? 7.076   0.558  0.135  1.00 0.00 ? 13 PHE A HD2  8  
ATOM   1723 H HE1  . PHE A 1 13 ? 11.101  2.469  2.212  1.00 0.00 ? 13 PHE A HE1  8  
ATOM   1724 H HE2  . PHE A 1 13 ? 7.163   0.882  2.570  1.00 0.00 ? 13 PHE A HE2  8  
ATOM   1725 H HZ   . PHE A 1 13 ? 9.175   1.842  3.610  1.00 0.00 ? 13 PHE A HZ   8  
HETATM 1726 N N    . NH2 A 1 14 ? 7.449   2.592  -4.601 1.00 0.00 ? 14 NH2 A N    8  
HETATM 1727 H HN1  . NH2 A 1 14 ? 7.392   3.563  -4.744 1.00 0.00 ? 14 NH2 A HN1  8  
HETATM 1728 H HN2  . NH2 A 1 14 ? 6.672   1.996  -4.678 1.00 0.00 ? 14 NH2 A HN2  8  
ATOM   1729 N N    . GLY A 1 1  ? -8.167  0.137  4.555  1.00 0.00 ? 1  GLY A N    9  
ATOM   1730 C CA   . GLY A 1 1  ? -8.137  -1.348 4.516  1.00 0.00 ? 1  GLY A CA   9  
ATOM   1731 C C    . GLY A 1 1  ? -6.752  -1.878 4.211  1.00 0.00 ? 1  GLY A C    9  
ATOM   1732 O O    . GLY A 1 1  ? -5.861  -1.114 3.837  1.00 0.00 ? 1  GLY A O    9  
ATOM   1733 H H1   . GLY A 1 1  ? -9.129  0.470  4.758  1.00 0.00 ? 1  GLY A H1   9  
ATOM   1734 H H2   . GLY A 1 1  ? -7.865  0.523  3.638  1.00 0.00 ? 1  GLY A H2   9  
ATOM   1735 H H3   . GLY A 1 1  ? -7.526  0.486  5.294  1.00 0.00 ? 1  GLY A H3   9  
ATOM   1736 H HA2  . GLY A 1 1  ? -8.453  -1.728 5.476  1.00 0.00 ? 1  GLY A HA2  9  
ATOM   1737 H HA3  . GLY A 1 1  ? -8.824  -1.694 3.758  1.00 0.00 ? 1  GLY A HA3  9  
ATOM   1738 N N    . ILE A 1 2  ? -6.572  -3.190 4.354  1.00 0.00 ? 2  ILE A N    9  
ATOM   1739 C CA   . ILE A 1 2  ? -5.267  -3.812 4.199  1.00 0.00 ? 2  ILE A CA   9  
ATOM   1740 C C    . ILE A 1 2  ? -4.760  -3.746 2.760  1.00 0.00 ? 2  ILE A C    9  
ATOM   1741 O O    . ILE A 1 2  ? -3.559  -3.642 2.528  1.00 0.00 ? 2  ILE A O    9  
ATOM   1742 C CB   . ILE A 1 2  ? -5.293  -5.276 4.663  1.00 0.00 ? 2  ILE A CB   9  
ATOM   1743 C CG1  . ILE A 1 2  ? -6.358  -6.074 3.904  1.00 0.00 ? 2  ILE A CG1  9  
ATOM   1744 C CG2  . ILE A 1 2  ? -5.533  -5.346 6.163  1.00 0.00 ? 2  ILE A CG2  9  
ATOM   1745 C CD1  . ILE A 1 2  ? -6.335  -7.556 4.199  1.00 0.00 ? 2  ILE A CD1  9  
ATOM   1746 H H    . ILE A 1 2  ? -7.336  -3.761 4.573  1.00 0.00 ? 2  ILE A H    9  
ATOM   1747 H HA   . ILE A 1 2  ? -4.575  -3.276 4.831  1.00 0.00 ? 2  ILE A HA   9  
ATOM   1748 H HB   . ILE A 1 2  ? -4.332  -5.701 4.463  1.00 0.00 ? 2  ILE A HB   9  
ATOM   1749 H HG12 . ILE A 1 2  ? -7.333  -5.699 4.171  1.00 0.00 ? 2  ILE A HG12 9  
ATOM   1750 H HG13 . ILE A 1 2  ? -6.206  -5.943 2.841  1.00 0.00 ? 2  ILE A HG13 9  
ATOM   1751 H HG21 . ILE A 1 2  ? -5.550  -6.378 6.479  1.00 0.00 ? 2  ILE A HG21 9  
ATOM   1752 H HG22 . ILE A 1 2  ? -6.480  -4.883 6.397  1.00 0.00 ? 2  ILE A HG22 9  
ATOM   1753 H HG23 . ILE A 1 2  ? -4.741  -4.825 6.680  1.00 0.00 ? 2  ILE A HG23 9  
ATOM   1754 H HD11 . ILE A 1 2  ? -7.133  -8.042 3.659  1.00 0.00 ? 2  ILE A HD11 9  
ATOM   1755 H HD12 . ILE A 1 2  ? -6.470  -7.713 5.259  1.00 0.00 ? 2  ILE A HD12 9  
ATOM   1756 H HD13 . ILE A 1 2  ? -5.386  -7.971 3.892  1.00 0.00 ? 2  ILE A HD13 9  
ATOM   1757 N N    . LEU A 1 3  ? -5.674  -3.795 1.796  1.00 0.00 ? 3  LEU A N    9  
ATOM   1758 C CA   . LEU A 1 3  ? -5.291  -3.744 0.391  1.00 0.00 ? 3  LEU A CA   9  
ATOM   1759 C C    . LEU A 1 3  ? -4.722  -2.369 0.060  1.00 0.00 ? 3  LEU A C    9  
ATOM   1760 O O    . LEU A 1 3  ? -3.771  -2.248 -0.714 1.00 0.00 ? 3  LEU A O    9  
ATOM   1761 C CB   . LEU A 1 3  ? -6.489  -4.066 -0.509 1.00 0.00 ? 3  LEU A CB   9  
ATOM   1762 C CG   . LEU A 1 3  ? -6.197  -4.074 -2.012 1.00 0.00 ? 3  LEU A CG   9  
ATOM   1763 C CD1  . LEU A 1 3  ? -5.144  -5.118 -2.351 1.00 0.00 ? 3  LEU A CD1  9  
ATOM   1764 C CD2  . LEU A 1 3  ? -7.473  -4.331 -2.798 1.00 0.00 ? 3  LEU A CD2  9  
ATOM   1765 H H    . LEU A 1 3  ? -6.622  -3.855 2.034  1.00 0.00 ? 3  LEU A H    9  
ATOM   1766 H HA   . LEU A 1 3  ? -4.521  -4.484 0.232  1.00 0.00 ? 3  LEU A HA   9  
ATOM   1767 H HB2  . LEU A 1 3  ? -6.868  -5.040 -0.234 1.00 0.00 ? 3  LEU A HB2  9  
ATOM   1768 H HB3  . LEU A 1 3  ? -7.259  -3.335 -0.324 1.00 0.00 ? 3  LEU A HB3  9  
ATOM   1769 H HG   . LEU A 1 3  ? -5.812  -3.108 -2.303 1.00 0.00 ? 3  LEU A HG   9  
ATOM   1770 H HD11 . LEU A 1 3  ? -5.486  -6.092 -2.031 1.00 0.00 ? 3  LEU A HD11 9  
ATOM   1771 H HD12 . LEU A 1 3  ? -4.221  -4.878 -1.847 1.00 0.00 ? 3  LEU A HD12 9  
ATOM   1772 H HD13 . LEU A 1 3  ? -4.980  -5.129 -3.418 1.00 0.00 ? 3  LEU A HD13 9  
ATOM   1773 H HD21 . LEU A 1 3  ? -7.248  -4.341 -3.855 1.00 0.00 ? 3  LEU A HD21 9  
ATOM   1774 H HD22 . LEU A 1 3  ? -8.187  -3.548 -2.590 1.00 0.00 ? 3  LEU A HD22 9  
ATOM   1775 H HD23 . LEU A 1 3  ? -7.889  -5.284 -2.508 1.00 0.00 ? 3  LEU A HD23 9  
ATOM   1776 N N    . ASP A 1 4  ? -5.289  -1.341 0.677  1.00 0.00 ? 4  ASP A N    9  
ATOM   1777 C CA   . ASP A 1 4  ? -4.792  0.017  0.502  1.00 0.00 ? 4  ASP A CA   9  
ATOM   1778 C C    . ASP A 1 4  ? -3.442  0.177  1.186  1.00 0.00 ? 4  ASP A C    9  
ATOM   1779 O O    . ASP A 1 4  ? -2.581  0.907  0.702  1.00 0.00 ? 4  ASP A O    9  
ATOM   1780 C CB   . ASP A 1 4  ? -5.781  1.040  1.053  1.00 0.00 ? 4  ASP A CB   9  
ATOM   1781 C CG   . ASP A 1 4  ? -5.246  2.458  0.972  1.00 0.00 ? 4  ASP A CG   9  
ATOM   1782 O OD1  . ASP A 1 4  ? -5.179  3.014  -0.145 1.00 0.00 ? 4  ASP A OD1  9  
ATOM   1783 O OD2  . ASP A 1 4  ? -4.908  3.030  2.029  1.00 0.00 ? 4  ASP A OD2  9  
ATOM   1784 H H    . ASP A 1 4  ? -6.060  -1.499 1.263  1.00 0.00 ? 4  ASP A H    9  
ATOM   1785 H HA   . ASP A 1 4  ? -4.664  0.188  -0.558 1.00 0.00 ? 4  ASP A HA   9  
ATOM   1786 H HB2  . ASP A 1 4  ? -6.697  0.987  0.485  1.00 0.00 ? 4  ASP A HB2  9  
ATOM   1787 H HB3  . ASP A 1 4  ? -5.988  0.811  2.088  1.00 0.00 ? 4  ASP A HB3  9  
ATOM   1788 N N    . ILE A 1 5  ? -3.261  -0.515 2.307  1.00 0.00 ? 5  ILE A N    9  
ATOM   1789 C CA   . ILE A 1 5  ? -1.973  -0.531 2.993  1.00 0.00 ? 5  ILE A CA   9  
ATOM   1790 C C    . ILE A 1 5  ? -0.897  -1.096 2.073  1.00 0.00 ? 5  ILE A C    9  
ATOM   1791 O O    . ILE A 1 5  ? 0.206   -0.551 1.978  1.00 0.00 ? 5  ILE A O    9  
ATOM   1792 C CB   . ILE A 1 5  ? -2.025  -1.366 4.298  1.00 0.00 ? 5  ILE A CB   9  
ATOM   1793 C CG1  . ILE A 1 5  ? -3.022  -0.752 5.285  1.00 0.00 ? 5  ILE A CG1  9  
ATOM   1794 C CG2  . ILE A 1 5  ? -0.642  -1.467 4.931  1.00 0.00 ? 5  ILE A CG2  9  
ATOM   1795 C CD1  . ILE A 1 5  ? -3.138  -1.518 6.587  1.00 0.00 ? 5  ILE A CD1  9  
ATOM   1796 H H    . ILE A 1 5  ? -4.012  -1.019 2.684  1.00 0.00 ? 5  ILE A H    9  
ATOM   1797 H HA   . ILE A 1 5  ? -1.719  0.488  3.250  1.00 0.00 ? 5  ILE A HA   9  
ATOM   1798 H HB   . ILE A 1 5  ? -2.349  -2.364 4.043  1.00 0.00 ? 5  ILE A HB   9  
ATOM   1799 H HG12 . ILE A 1 5  ? -2.710  0.254  5.521  1.00 0.00 ? 5  ILE A HG12 9  
ATOM   1800 H HG13 . ILE A 1 5  ? -3.998  -0.725 4.826  1.00 0.00 ? 5  ILE A HG13 9  
ATOM   1801 H HG21 . ILE A 1 5  ? -0.293  -0.479 5.195  1.00 0.00 ? 5  ILE A HG21 9  
ATOM   1802 H HG22 . ILE A 1 5  ? 0.047   -1.915 4.228  1.00 0.00 ? 5  ILE A HG22 9  
ATOM   1803 H HG23 . ILE A 1 5  ? -0.696  -2.079 5.819  1.00 0.00 ? 5  ILE A HG23 9  
ATOM   1804 H HD11 . ILE A 1 5  ? -3.477  -2.525 6.385  1.00 0.00 ? 5  ILE A HD11 9  
ATOM   1805 H HD12 . ILE A 1 5  ? -3.846  -1.023 7.234  1.00 0.00 ? 5  ILE A HD12 9  
ATOM   1806 H HD13 . ILE A 1 5  ? -2.173  -1.555 7.072  1.00 0.00 ? 5  ILE A HD13 9  
ATOM   1807 N N    . LEU A 1 6  ? -1.234  -2.177 1.379  1.00 0.00 ? 6  LEU A N    9  
ATOM   1808 C CA   . LEU A 1 6  ? -0.315  -2.801 0.438  1.00 0.00 ? 6  LEU A CA   9  
ATOM   1809 C C    . LEU A 1 6  ? -0.030  -1.881 -0.744 1.00 0.00 ? 6  LEU A C    9  
ATOM   1810 O O    . LEU A 1 6  ? 1.096   -1.826 -1.242 1.00 0.00 ? 6  LEU A O    9  
ATOM   1811 C CB   . LEU A 1 6  ? -0.877  -4.129 -0.046 1.00 0.00 ? 6  LEU A CB   9  
ATOM   1812 C CG   . LEU A 1 6  ? -1.110  -5.168 1.048  1.00 0.00 ? 6  LEU A CG   9  
ATOM   1813 C CD1  . LEU A 1 6  ? -1.525  -6.487 0.435  1.00 0.00 ? 6  LEU A CD1  9  
ATOM   1814 C CD2  . LEU A 1 6  ? 0.139   -5.344 1.904  1.00 0.00 ? 6  LEU A CD2  9  
ATOM   1815 H H    . LEU A 1 6  ? -2.126  -2.571 1.512  1.00 0.00 ? 6  LEU A H    9  
ATOM   1816 H HA   . LEU A 1 6  ? 0.604   -2.995 0.956  1.00 0.00 ? 6  LEU A HA   9  
ATOM   1817 H HB2  . LEU A 1 6  ? -1.816  -3.933 -0.533 1.00 0.00 ? 6  LEU A HB2  9  
ATOM   1818 H HB3  . LEU A 1 6  ? -0.194  -4.545 -0.771 1.00 0.00 ? 6  LEU A HB3  9  
ATOM   1819 H HG   . LEU A 1 6  ? -1.911  -4.832 1.691  1.00 0.00 ? 6  LEU A HG   9  
ATOM   1820 H HD11 . LEU A 1 6  ? -0.745  -6.830 -0.228 1.00 0.00 ? 6  LEU A HD11 9  
ATOM   1821 H HD12 . LEU A 1 6  ? -2.440  -6.352 -0.119 1.00 0.00 ? 6  LEU A HD12 9  
ATOM   1822 H HD13 . LEU A 1 6  ? -1.679  -7.215 1.216  1.00 0.00 ? 6  LEU A HD13 9  
ATOM   1823 H HD21 . LEU A 1 6  ? 0.966   -5.643 1.278  1.00 0.00 ? 6  LEU A HD21 9  
ATOM   1824 H HD22 . LEU A 1 6  ? -0.041  -6.103 2.651  1.00 0.00 ? 6  LEU A HD22 9  
ATOM   1825 H HD23 . LEU A 1 6  ? 0.376   -4.411 2.392  1.00 0.00 ? 6  LEU A HD23 9  
ATOM   1826 N N    . ASN A 1 7  ? -1.056  -1.160 -1.187 1.00 0.00 ? 7  ASN A N    9  
ATOM   1827 C CA   . ASN A 1 7  ? -0.904  -0.186 -2.258 1.00 0.00 ? 7  ASN A CA   9  
ATOM   1828 C C    . ASN A 1 7  ? -0.047  0.986  -1.797 1.00 0.00 ? 7  ASN A C    9  
ATOM   1829 O O    . ASN A 1 7  ? 0.800   1.476  -2.542 1.00 0.00 ? 7  ASN A O    9  
ATOM   1830 C CB   . ASN A 1 7  ? -2.274  0.308  -2.728 1.00 0.00 ? 7  ASN A CB   9  
ATOM   1831 C CG   . ASN A 1 7  ? -2.983  -0.692 -3.621 1.00 0.00 ? 7  ASN A CG   9  
ATOM   1832 O OD1  . ASN A 1 7  ? -2.350  -1.428 -4.378 1.00 0.00 ? 7  ASN A OD1  9  
ATOM   1833 N ND2  . ASN A 1 7  ? -4.301  -0.726 -3.544 1.00 0.00 ? 7  ASN A ND2  9  
ATOM   1834 H H    . ASN A 1 7  ? -1.940  -1.287 -0.782 1.00 0.00 ? 7  ASN A H    9  
ATOM   1835 H HA   . ASN A 1 7  ? -0.409  -0.677 -3.082 1.00 0.00 ? 7  ASN A HA   9  
ATOM   1836 H HB2  . ASN A 1 7  ? -2.895  0.495  -1.866 1.00 0.00 ? 7  ASN A HB2  9  
ATOM   1837 H HB3  . ASN A 1 7  ? -2.146  1.225  -3.275 1.00 0.00 ? 7  ASN A HB3  9  
ATOM   1838 H HD21 . ASN A 1 7  ? -4.744  -0.111 -2.924 1.00 0.00 ? 7  ASN A HD21 9  
ATOM   1839 H HD22 . ASN A 1 7  ? -4.782  -1.371 -4.107 1.00 0.00 ? 7  ASN A HD22 9  
ATOM   1840 N N    . LYS A 1 8  ? -0.285  1.434  -0.570 1.00 0.00 ? 8  LYS A N    9  
ATOM   1841 C CA   . LYS A 1 8  ? 0.532   2.458  0.060  1.00 0.00 ? 8  LYS A CA   9  
ATOM   1842 C C    . LYS A 1 8  ? 2.009   2.091  -0.017 1.00 0.00 ? 8  LYS A C    9  
ATOM   1843 O O    . LYS A 1 8  ? 2.844   2.916  -0.379 1.00 0.00 ? 8  LYS A O    9  
ATOM   1844 C CB   . LYS A 1 8  ? 0.125   2.607  1.523  1.00 0.00 ? 8  LYS A CB   9  
ATOM   1845 C CG   . LYS A 1 8  ? 0.484   3.949  2.122  1.00 0.00 ? 8  LYS A CG   9  
ATOM   1846 C CD   . LYS A 1 8  ? -0.331  5.067  1.493  1.00 0.00 ? 8  LYS A CD   9  
ATOM   1847 C CE   . LYS A 1 8  ? -1.825  4.876  1.725  1.00 0.00 ? 8  LYS A CE   9  
ATOM   1848 N NZ   . LYS A 1 8  ? -2.613  6.049  1.269  1.00 0.00 ? 8  LYS A NZ   9  
ATOM   1849 H H    . LYS A 1 8  ? -1.066  1.092  -0.078 1.00 0.00 ? 8  LYS A H    9  
ATOM   1850 H HA   . LYS A 1 8  ? 0.366   3.390  -0.455 1.00 0.00 ? 8  LYS A HA   9  
ATOM   1851 H HB2  . LYS A 1 8  ? -0.943  2.469  1.606  1.00 0.00 ? 8  LYS A HB2  9  
ATOM   1852 H HB3  . LYS A 1 8  ? 0.620   1.839  2.098  1.00 0.00 ? 8  LYS A HB3  9  
ATOM   1853 H HG2  . LYS A 1 8  ? 0.290   3.925  3.182  1.00 0.00 ? 8  LYS A HG2  9  
ATOM   1854 H HG3  . LYS A 1 8  ? 1.532   4.138  1.949  1.00 0.00 ? 8  LYS A HG3  9  
ATOM   1855 H HD2  . LYS A 1 8  ? -0.028  6.009  1.924  1.00 0.00 ? 8  LYS A HD2  9  
ATOM   1856 H HD3  . LYS A 1 8  ? -0.143  5.076  0.431  1.00 0.00 ? 8  LYS A HD3  9  
ATOM   1857 H HE2  . LYS A 1 8  ? -2.152  4.002  1.177  1.00 0.00 ? 8  LYS A HE2  9  
ATOM   1858 H HE3  . LYS A 1 8  ? -1.995  4.725  2.780  1.00 0.00 ? 8  LYS A HE3  9  
ATOM   1859 H HZ1  . LYS A 1 8  ? -3.629  5.871  1.397  1.00 0.00 ? 8  LYS A HZ1  9  
ATOM   1860 H HZ2  . LYS A 1 8  ? -2.429  6.241  0.263  1.00 0.00 ? 8  LYS A HZ2  9  
ATOM   1861 H HZ3  . LYS A 1 8  ? -2.351  6.892  1.819  1.00 0.00 ? 8  LYS A HZ3  9  
ATOM   1862 N N    . VAL A 1 9  ? 2.315   0.846  0.333  1.00 0.00 ? 9  VAL A N    9  
ATOM   1863 C CA   . VAL A 1 9  ? 3.677   0.329  0.257  1.00 0.00 ? 9  VAL A CA   9  
ATOM   1864 C C    . VAL A 1 9  ? 4.246   0.494  -1.153 1.00 0.00 ? 9  VAL A C    9  
ATOM   1865 O O    . VAL A 1 9  ? 5.363   0.978  -1.329 1.00 0.00 ? 9  VAL A O    9  
ATOM   1866 C CB   . VAL A 1 9  ? 3.739   -1.161 0.667  1.00 0.00 ? 9  VAL A CB   9  
ATOM   1867 C CG1  . VAL A 1 9  ? 5.151   -1.708 0.534  1.00 0.00 ? 9  VAL A CG1  9  
ATOM   1868 C CG2  . VAL A 1 9  ? 3.231   -1.351 2.088  1.00 0.00 ? 9  VAL A CG2  9  
ATOM   1869 H H    . VAL A 1 9  ? 1.599   0.257  0.661  1.00 0.00 ? 9  VAL A H    9  
ATOM   1870 H HA   . VAL A 1 9  ? 4.286   0.895  0.947  1.00 0.00 ? 9  VAL A HA   9  
ATOM   1871 H HB   . VAL A 1 9  ? 3.097   -1.720 0.001  1.00 0.00 ? 9  VAL A HB   9  
ATOM   1872 H HG11 . VAL A 1 9  ? 5.161   -2.750 0.819  1.00 0.00 ? 9  VAL A HG11 9  
ATOM   1873 H HG12 . VAL A 1 9  ? 5.815   -1.153 1.182  1.00 0.00 ? 9  VAL A HG12 9  
ATOM   1874 H HG13 . VAL A 1 9  ? 5.481   -1.611 -0.489 1.00 0.00 ? 9  VAL A HG13 9  
ATOM   1875 H HG21 . VAL A 1 9  ? 2.203   -1.027 2.150  1.00 0.00 ? 9  VAL A HG21 9  
ATOM   1876 H HG22 . VAL A 1 9  ? 3.834   -0.765 2.766  1.00 0.00 ? 9  VAL A HG22 9  
ATOM   1877 H HG23 . VAL A 1 9  ? 3.297   -2.394 2.358  1.00 0.00 ? 9  VAL A HG23 9  
ATOM   1878 N N    . SER A 1 10 ? 3.462   0.112  -2.155 1.00 0.00 ? 10 SER A N    9  
ATOM   1879 C CA   . SER A 1 10 ? 3.880   0.246  -3.545 1.00 0.00 ? 10 SER A CA   9  
ATOM   1880 C C    . SER A 1 10 ? 4.113   1.713  -3.908 1.00 0.00 ? 10 SER A C    9  
ATOM   1881 O O    . SER A 1 10 ? 4.996   2.033  -4.705 1.00 0.00 ? 10 SER A O    9  
ATOM   1882 C CB   . SER A 1 10 ? 2.823   -0.355 -4.465 1.00 0.00 ? 10 SER A CB   9  
ATOM   1883 O OG   . SER A 1 10 ? 2.571   -1.709 -4.132 1.00 0.00 ? 10 SER A OG   9  
ATOM   1884 H H    . SER A 1 10 ? 2.582   -0.273 -1.956 1.00 0.00 ? 10 SER A H    9  
ATOM   1885 H HA   . SER A 1 10 ? 4.804   -0.297 -3.669 1.00 0.00 ? 10 SER A HA   9  
ATOM   1886 H HB2  . SER A 1 10 ? 1.905   0.206  -4.368 1.00 0.00 ? 10 SER A HB2  9  
ATOM   1887 H HB3  . SER A 1 10 ? 3.168   -0.306 -5.487 1.00 0.00 ? 10 SER A HB3  9  
ATOM   1888 H HG   . SER A 1 10 ? 3.407   -2.149 -3.930 1.00 0.00 ? 10 SER A HG   9  
ATOM   1889 N N    . ASN A 1 11 ? 3.317   2.595  -3.318 1.00 0.00 ? 11 ASN A N    9  
ATOM   1890 C CA   . ASN A 1 11 ? 3.460   4.030  -3.532 1.00 0.00 ? 11 ASN A CA   9  
ATOM   1891 C C    . ASN A 1 11 ? 4.759   4.526  -2.909 1.00 0.00 ? 11 ASN A C    9  
ATOM   1892 O O    . ASN A 1 11 ? 5.560   5.195  -3.563 1.00 0.00 ? 11 ASN A O    9  
ATOM   1893 C CB   . ASN A 1 11 ? 2.272   4.773  -2.915 1.00 0.00 ? 11 ASN A CB   9  
ATOM   1894 C CG   . ASN A 1 11 ? 2.212   6.240  -3.304 1.00 0.00 ? 11 ASN A CG   9  
ATOM   1895 O OD1  . ASN A 1 11 ? 3.234   6.880  -3.555 1.00 0.00 ? 11 ASN A OD1  9  
ATOM   1896 N ND2  . ASN A 1 11 ? 1.008   6.788  -3.350 1.00 0.00 ? 11 ASN A ND2  9  
ATOM   1897 H H    . ASN A 1 11 ? 2.605   2.270  -2.724 1.00 0.00 ? 11 ASN A H    9  
ATOM   1898 H HA   . ASN A 1 11 ? 3.482   4.213  -4.596 1.00 0.00 ? 11 ASN A HA   9  
ATOM   1899 H HB2  . ASN A 1 11 ? 1.360   4.298  -3.232 1.00 0.00 ? 11 ASN A HB2  9  
ATOM   1900 H HB3  . ASN A 1 11 ? 2.343   4.710  -1.838 1.00 0.00 ? 11 ASN A HB3  9  
ATOM   1901 H HD21 . ASN A 1 11 ? 0.234   6.224  -3.135 1.00 0.00 ? 11 ASN A HD21 9  
ATOM   1902 H HD22 . ASN A 1 11 ? 0.938   7.735  -3.598 1.00 0.00 ? 11 ASN A HD22 9  
ATOM   1903 N N    . LEU A 1 12 ? 4.955   4.181  -1.643 1.00 0.00 ? 12 LEU A N    9  
ATOM   1904 C CA   . LEU A 1 12 ? 6.144   4.585  -0.899 1.00 0.00 ? 12 LEU A CA   9  
ATOM   1905 C C    . LEU A 1 12 ? 7.410   4.078  -1.583 1.00 0.00 ? 12 LEU A C    9  
ATOM   1906 O O    . LEU A 1 12 ? 8.371   4.827  -1.773 1.00 0.00 ? 12 LEU A O    9  
ATOM   1907 C CB   . LEU A 1 12 ? 6.079   4.045  0.534  1.00 0.00 ? 12 LEU A CB   9  
ATOM   1908 C CG   . LEU A 1 12 ? 4.835   4.443  1.333  1.00 0.00 ? 12 LEU A CG   9  
ATOM   1909 C CD1  . LEU A 1 12 ? 4.825   3.743  2.682  1.00 0.00 ? 12 LEU A CD1  9  
ATOM   1910 C CD2  . LEU A 1 12 ? 4.768   5.951  1.517  1.00 0.00 ? 12 LEU A CD2  9  
ATOM   1911 H H    . LEU A 1 12 ? 4.267   3.642  -1.189 1.00 0.00 ? 12 LEU A H    9  
ATOM   1912 H HA   . LEU A 1 12 ? 6.170   5.665  -0.870 1.00 0.00 ? 12 LEU A HA   9  
ATOM   1913 H HB2  . LEU A 1 12 ? 6.123   2.966  0.489  1.00 0.00 ? 12 LEU A HB2  9  
ATOM   1914 H HB3  . LEU A 1 12 ? 6.949   4.399  1.066  1.00 0.00 ? 12 LEU A HB3  9  
ATOM   1915 H HG   . LEU A 1 12 ? 3.953   4.132  0.790  1.00 0.00 ? 12 LEU A HG   9  
ATOM   1916 H HD11 . LEU A 1 12 ? 5.696   4.040  3.247  1.00 0.00 ? 12 LEU A HD11 9  
ATOM   1917 H HD12 . LEU A 1 12 ? 4.840   2.674  2.534  1.00 0.00 ? 12 LEU A HD12 9  
ATOM   1918 H HD13 . LEU A 1 12 ? 3.933   4.020  3.224  1.00 0.00 ? 12 LEU A HD13 9  
ATOM   1919 H HD21 . LEU A 1 12 ? 4.733   6.431  0.551  1.00 0.00 ? 12 LEU A HD21 9  
ATOM   1920 H HD22 . LEU A 1 12 ? 5.642   6.287  2.055  1.00 0.00 ? 12 LEU A HD22 9  
ATOM   1921 H HD23 . LEU A 1 12 ? 3.882   6.206  2.079  1.00 0.00 ? 12 LEU A HD23 9  
ATOM   1922 N N    . PHE A 1 13 ? 7.400   2.808  -1.958 1.00 0.00 ? 13 PHE A N    9  
ATOM   1923 C CA   . PHE A 1 13 ? 8.552   2.188  -2.597 1.00 0.00 ? 13 PHE A CA   9  
ATOM   1924 C C    . PHE A 1 13 ? 8.321   2.063  -4.099 1.00 0.00 ? 13 PHE A C    9  
ATOM   1925 O O    . PHE A 1 13 ? 8.817   1.125  -4.726 1.00 0.00 ? 13 PHE A O    9  
ATOM   1926 C CB   . PHE A 1 13 ? 8.816   0.809  -1.987 1.00 0.00 ? 13 PHE A CB   9  
ATOM   1927 C CG   . PHE A 1 13 ? 8.979   0.838  -0.493 1.00 0.00 ? 13 PHE A CG   9  
ATOM   1928 C CD1  . PHE A 1 13 ? 7.898   0.599  0.339  1.00 0.00 ? 13 PHE A CD1  9  
ATOM   1929 C CD2  . PHE A 1 13 ? 10.211  1.109  0.079  1.00 0.00 ? 13 PHE A CD2  9  
ATOM   1930 C CE1  . PHE A 1 13 ? 8.039   0.633  1.712  1.00 0.00 ? 13 PHE A CE1  9  
ATOM   1931 C CE2  . PHE A 1 13 ? 10.360  1.144  1.452  1.00 0.00 ? 13 PHE A CE2  9  
ATOM   1932 C CZ   . PHE A 1 13 ? 9.270   0.904  2.269  1.00 0.00 ? 13 PHE A CZ   9  
ATOM   1933 H H    . PHE A 1 13 ? 6.593   2.268  -1.800 1.00 0.00 ? 13 PHE A H    9  
ATOM   1934 H HA   . PHE A 1 13 ? 9.409   2.822  -2.427 1.00 0.00 ? 13 PHE A HA   9  
ATOM   1935 H HB2  . PHE A 1 13 ? 7.986   0.157  -2.218 1.00 0.00 ? 13 PHE A HB2  9  
ATOM   1936 H HB3  . PHE A 1 13 ? 9.718   0.401  -2.413 1.00 0.00 ? 13 PHE A HB3  9  
ATOM   1937 H HD1  . PHE A 1 13 ? 6.932   0.386  -0.097 1.00 0.00 ? 13 PHE A HD1  9  
ATOM   1938 H HD2  . PHE A 1 13 ? 11.061  1.296  -0.559 1.00 0.00 ? 13 PHE A HD2  9  
ATOM   1939 H HE1  . PHE A 1 13 ? 7.186   0.447  2.347  1.00 0.00 ? 13 PHE A HE1  9  
ATOM   1940 H HE2  . PHE A 1 13 ? 11.325  1.356  1.888  1.00 0.00 ? 13 PHE A HE2  9  
ATOM   1941 H HZ   . PHE A 1 13 ? 9.382   0.932  3.341  1.00 0.00 ? 13 PHE A HZ   9  
HETATM 1942 N N    . NH2 A 1 14 ? 7.572   2.968  -4.700 1.00 0.00 ? 14 NH2 A N    9  
HETATM 1943 H HN1  . NH2 A 1 14 ? 6.616   2.763  -4.820 1.00 0.00 ? 14 NH2 A HN1  9  
HETATM 1944 H HN2  . NH2 A 1 14 ? 7.936   3.878  -4.780 1.00 0.00 ? 14 NH2 A HN2  9  
ATOM   1945 N N    . GLY A 1 1  ? -7.971  -1.104 4.396  1.00 0.00 ? 1  GLY A N    10 
ATOM   1946 C CA   . GLY A 1 1  ? -7.730  -2.553 4.577  1.00 0.00 ? 1  GLY A CA   10 
ATOM   1947 C C    . GLY A 1 1  ? -6.338  -2.961 4.141  1.00 0.00 ? 1  GLY A C    10 
ATOM   1948 O O    . GLY A 1 1  ? -5.473  -2.107 3.934  1.00 0.00 ? 1  GLY A O    10 
ATOM   1949 H H1   . GLY A 1 1  ? -7.244  -0.558 4.898  1.00 0.00 ? 1  GLY A H1   10 
ATOM   1950 H H2   . GLY A 1 1  ? -8.903  -0.847 4.776  1.00 0.00 ? 1  GLY A H2   10 
ATOM   1951 H H3   . GLY A 1 1  ? -7.941  -0.859 3.384  1.00 0.00 ? 1  GLY A H3   10 
ATOM   1952 H HA2  . GLY A 1 1  ? -7.858  -2.805 5.620  1.00 0.00 ? 1  GLY A HA2  10 
ATOM   1953 H HA3  . GLY A 1 1  ? -8.454  -3.101 3.993  1.00 0.00 ? 1  GLY A HA3  10 
ATOM   1954 N N    . ILE A 1 2  ? -6.132  -4.263 3.987  1.00 0.00 ? 2  ILE A N    10 
ATOM   1955 C CA   . ILE A 1 2  ? -4.831  -4.817 3.626  1.00 0.00 ? 2  ILE A CA   10 
ATOM   1956 C C    . ILE A 1 2  ? -4.344  -4.277 2.281  1.00 0.00 ? 2  ILE A C    10 
ATOM   1957 O O    . ILE A 1 2  ? -3.184  -3.883 2.140  1.00 0.00 ? 2  ILE A O    10 
ATOM   1958 C CB   . ILE A 1 2  ? -4.887  -6.362 3.566  1.00 0.00 ? 2  ILE A CB   10 
ATOM   1959 C CG1  . ILE A 1 2  ? -5.342  -6.927 4.915  1.00 0.00 ? 2  ILE A CG1  10 
ATOM   1960 C CG2  . ILE A 1 2  ? -3.532  -6.936 3.177  1.00 0.00 ? 2  ILE A CG2  10 
ATOM   1961 C CD1  . ILE A 1 2  ? -5.491  -8.434 4.929  1.00 0.00 ? 2  ILE A CD1  10 
ATOM   1962 H H    . ILE A 1 2  ? -6.888  -4.878 4.119  1.00 0.00 ? 2  ILE A H    10 
ATOM   1963 H HA   . ILE A 1 2  ? -4.123  -4.534 4.392  1.00 0.00 ? 2  ILE A HA   10 
ATOM   1964 H HB   . ILE A 1 2  ? -5.600  -6.644 2.807  1.00 0.00 ? 2  ILE A HB   10 
ATOM   1965 H HG12 . ILE A 1 2  ? -4.618  -6.659 5.671  1.00 0.00 ? 2  ILE A HG12 10 
ATOM   1966 H HG13 . ILE A 1 2  ? -6.298  -6.496 5.174  1.00 0.00 ? 2  ILE A HG13 10 
ATOM   1967 H HG21 . ILE A 1 2  ? -3.236  -6.543 2.216  1.00 0.00 ? 2  ILE A HG21 10 
ATOM   1968 H HG22 . ILE A 1 2  ? -3.600  -8.012 3.120  1.00 0.00 ? 2  ILE A HG22 10 
ATOM   1969 H HG23 . ILE A 1 2  ? -2.796  -6.662 3.919  1.00 0.00 ? 2  ILE A HG23 10 
ATOM   1970 H HD11 . ILE A 1 2  ? -4.540  -8.890 4.700  1.00 0.00 ? 2  ILE A HD11 10 
ATOM   1971 H HD12 . ILE A 1 2  ? -6.220  -8.730 4.190  1.00 0.00 ? 2  ILE A HD12 10 
ATOM   1972 H HD13 . ILE A 1 2  ? -5.817  -8.755 5.908  1.00 0.00 ? 2  ILE A HD13 10 
ATOM   1973 N N    . LEU A 1 3  ? -5.243  -4.244 1.303  1.00 0.00 ? 3  LEU A N    10 
ATOM   1974 C CA   . LEU A 1 3  ? -4.904  -3.774 -0.037 1.00 0.00 ? 3  LEU A CA   10 
ATOM   1975 C C    . LEU A 1 3  ? -4.527  -2.297 -0.018 1.00 0.00 ? 3  LEU A C    10 
ATOM   1976 O O    . LEU A 1 3  ? -3.602  -1.877 -0.704 1.00 0.00 ? 3  LEU A O    10 
ATOM   1977 C CB   . LEU A 1 3  ? -6.073  -4.004 -0.996 1.00 0.00 ? 3  LEU A CB   10 
ATOM   1978 C CG   . LEU A 1 3  ? -6.419  -5.469 -1.268 1.00 0.00 ? 3  LEU A CG   10 
ATOM   1979 C CD1  . LEU A 1 3  ? -7.641  -5.568 -2.167 1.00 0.00 ? 3  LEU A CD1  10 
ATOM   1980 C CD2  . LEU A 1 3  ? -5.234  -6.188 -1.899 1.00 0.00 ? 3  LEU A CD2  10 
ATOM   1981 H H    . LEU A 1 3  ? -6.161  -4.541 1.487  1.00 0.00 ? 3  LEU A H    10 
ATOM   1982 H HA   . LEU A 1 3  ? -4.053  -4.342 -0.379 1.00 0.00 ? 3  LEU A HA   10 
ATOM   1983 H HB2  . LEU A 1 3  ? -6.948  -3.520 -0.585 1.00 0.00 ? 3  LEU A HB2  10 
ATOM   1984 H HB3  . LEU A 1 3  ? -5.835  -3.534 -1.939 1.00 0.00 ? 3  LEU A HB3  10 
ATOM   1985 H HG   . LEU A 1 3  ? -6.650  -5.959 -0.334 1.00 0.00 ? 3  LEU A HG   10 
ATOM   1986 H HD11 . LEU A 1 3  ? -7.877  -6.608 -2.342 1.00 0.00 ? 3  LEU A HD11 10 
ATOM   1987 H HD12 . LEU A 1 3  ? -7.436  -5.083 -3.110 1.00 0.00 ? 3  LEU A HD12 10 
ATOM   1988 H HD13 . LEU A 1 3  ? -8.480  -5.084 -1.690 1.00 0.00 ? 3  LEU A HD13 10 
ATOM   1989 H HD21 . LEU A 1 3  ? -5.518  -7.199 -2.149 1.00 0.00 ? 3  LEU A HD21 10 
ATOM   1990 H HD22 . LEU A 1 3  ? -4.411  -6.207 -1.202 1.00 0.00 ? 3  LEU A HD22 10 
ATOM   1991 H HD23 . LEU A 1 3  ? -4.934  -5.668 -2.797 1.00 0.00 ? 3  LEU A HD23 10 
ATOM   1992 N N    . ASP A 1 4  ? -5.240  -1.522 0.789  1.00 0.00 ? 4  ASP A N    10 
ATOM   1993 C CA   . ASP A 1 4  ? -4.974  -0.091 0.911  1.00 0.00 ? 4  ASP A CA   10 
ATOM   1994 C C    . ASP A 1 4  ? -3.559  0.147  1.419  1.00 0.00 ? 4  ASP A C    10 
ATOM   1995 O O    . ASP A 1 4  ? -2.832  1.000  0.906  1.00 0.00 ? 4  ASP A O    10 
ATOM   1996 C CB   . ASP A 1 4  ? -5.978  0.559  1.861  1.00 0.00 ? 4  ASP A CB   10 
ATOM   1997 C CG   . ASP A 1 4  ? -7.406  0.408  1.390  1.00 0.00 ? 4  ASP A CG   10 
ATOM   1998 O OD1  . ASP A 1 4  ? -8.066  -0.575 1.790  1.00 0.00 ? 4  ASP A OD1  10 
ATOM   1999 O OD2  . ASP A 1 4  ? -7.878  1.266  0.618  1.00 0.00 ? 4  ASP A OD2  10 
ATOM   2000 H H    . ASP A 1 4  ? -5.964  -1.920 1.315  1.00 0.00 ? 4  ASP A H    10 
ATOM   2001 H HA   . ASP A 1 4  ? -5.074  0.352  -0.068 1.00 0.00 ? 4  ASP A HA   10 
ATOM   2002 H HB2  . ASP A 1 4  ? -5.891  0.100  2.835  1.00 0.00 ? 4  ASP A HB2  10 
ATOM   2003 H HB3  . ASP A 1 4  ? -5.755  1.613  1.944  1.00 0.00 ? 4  ASP A HB3  10 
ATOM   2004 N N    . ILE A 1 5  ? -3.180  -0.623 2.431  1.00 0.00 ? 5  ILE A N    10 
ATOM   2005 C CA   . ILE A 1 5  ? -1.837  -0.558 2.986  1.00 0.00 ? 5  ILE A CA   10 
ATOM   2006 C C    . ILE A 1 5  ? -0.810  -1.007 1.954  1.00 0.00 ? 5  ILE A C    10 
ATOM   2007 O O    . ILE A 1 5  ? 0.222   -0.368 1.775  1.00 0.00 ? 5  ILE A O    10 
ATOM   2008 C CB   . ILE A 1 5  ? -1.712  -1.436 4.248  1.00 0.00 ? 5  ILE A CB   10 
ATOM   2009 C CG1  . ILE A 1 5  ? -2.680  -0.953 5.327  1.00 0.00 ? 5  ILE A CG1  10 
ATOM   2010 C CG2  . ILE A 1 5  ? -0.280  -1.430 4.770  1.00 0.00 ? 5  ILE A CG2  10 
ATOM   2011 C CD1  . ILE A 1 5  ? -2.704  -1.834 6.555  1.00 0.00 ? 5  ILE A CD1  10 
ATOM   2012 H H    . ILE A 1 5  ? -3.824  -1.253 2.818  1.00 0.00 ? 5  ILE A H    10 
ATOM   2013 H HA   . ILE A 1 5  ? -1.635  0.469  3.261  1.00 0.00 ? 5  ILE A HA   10 
ATOM   2014 H HB   . ILE A 1 5  ? -1.965  -2.451 3.978  1.00 0.00 ? 5  ILE A HB   10 
ATOM   2015 H HG12 . ILE A 1 5  ? -2.394  0.041  5.638  1.00 0.00 ? 5  ILE A HG12 10 
ATOM   2016 H HG13 . ILE A 1 5  ? -3.680  -0.923 4.919  1.00 0.00 ? 5  ILE A HG13 10 
ATOM   2017 H HG21 . ILE A 1 5  ? -0.216  -2.052 5.650  1.00 0.00 ? 5  ILE A HG21 10 
ATOM   2018 H HG22 . ILE A 1 5  ? 0.005   -0.420 5.023  1.00 0.00 ? 5  ILE A HG22 10 
ATOM   2019 H HG23 . ILE A 1 5  ? 0.383   -1.813 4.008  1.00 0.00 ? 5  ILE A HG23 10 
ATOM   2020 H HD11 . ILE A 1 5  ? -3.047  -2.822 6.283  1.00 0.00 ? 5  ILE A HD11 10 
ATOM   2021 H HD12 . ILE A 1 5  ? -3.371  -1.409 7.290  1.00 0.00 ? 5  ILE A HD12 10 
ATOM   2022 H HD13 . ILE A 1 5  ? -1.708  -1.901 6.969  1.00 0.00 ? 5  ILE A HD13 10 
ATOM   2023 N N    . LEU A 1 6  ? -1.118  -2.099 1.264  1.00 0.00 ? 6  LEU A N    10 
ATOM   2024 C CA   . LEU A 1 6  ? -0.223  -2.651 0.256  1.00 0.00 ? 6  LEU A CA   10 
ATOM   2025 C C    . LEU A 1 6  ? -0.016  -1.636 -0.865 1.00 0.00 ? 6  LEU A C    10 
ATOM   2026 O O    . LEU A 1 6  ? 1.098   -1.461 -1.365 1.00 0.00 ? 6  LEU A O    10 
ATOM   2027 C CB   . LEU A 1 6  ? -0.805  -3.962 -0.284 1.00 0.00 ? 6  LEU A CB   10 
ATOM   2028 C CG   . LEU A 1 6  ? 0.185   -4.899 -0.991 1.00 0.00 ? 6  LEU A CG   10 
ATOM   2029 C CD1  . LEU A 1 6  ? -0.348  -6.321 -0.982 1.00 0.00 ? 6  LEU A CD1  10 
ATOM   2030 C CD2  . LEU A 1 6  ? 0.443   -4.451 -2.422 1.00 0.00 ? 6  LEU A CD2  10 
ATOM   2031 H H    . LEU A 1 6  ? -1.977  -2.547 1.440  1.00 0.00 ? 6  LEU A H    10 
ATOM   2032 H HA   . LEU A 1 6  ? 0.727   -2.855 0.726  1.00 0.00 ? 6  LEU A HA   10 
ATOM   2033 H HB2  . LEU A 1 6  ? -1.244  -4.500 0.544  1.00 0.00 ? 6  LEU A HB2  10 
ATOM   2034 H HB3  . LEU A 1 6  ? -1.591  -3.718 -0.984 1.00 0.00 ? 6  LEU A HB3  10 
ATOM   2035 H HG   . LEU A 1 6  ? 1.126   -4.889 -0.458 1.00 0.00 ? 6  LEU A HG   10 
ATOM   2036 H HD11 . LEU A 1 6  ? -0.497  -6.642 0.038  1.00 0.00 ? 6  LEU A HD11 10 
ATOM   2037 H HD12 . LEU A 1 6  ? 0.362   -6.973 -1.465 1.00 0.00 ? 6  LEU A HD12 10 
ATOM   2038 H HD13 . LEU A 1 6  ? -1.289  -6.355 -1.511 1.00 0.00 ? 6  LEU A HD13 10 
ATOM   2039 H HD21 . LEU A 1 6  ? -0.482  -4.464 -2.977 1.00 0.00 ? 6  LEU A HD21 10 
ATOM   2040 H HD22 . LEU A 1 6  ? 1.151   -5.119 -2.887 1.00 0.00 ? 6  LEU A HD22 10 
ATOM   2041 H HD23 . LEU A 1 6  ? 0.845   -3.446 -2.419 1.00 0.00 ? 6  LEU A HD23 10 
ATOM   2042 N N    . ASN A 1 7  ? -1.097  -0.964 -1.244 1.00 0.00 ? 7  ASN A N    10 
ATOM   2043 C CA   . ASN A 1 7  ? -1.038  0.114  -2.223 1.00 0.00 ? 7  ASN A CA   10 
ATOM   2044 C C    . ASN A 1 7  ? -0.086  1.199  -1.749 1.00 0.00 ? 7  ASN A C    10 
ATOM   2045 O O    . ASN A 1 7  ? 0.811   1.616  -2.476 1.00 0.00 ? 7  ASN A O    10 
ATOM   2046 C CB   . ASN A 1 7  ? -2.423  0.715  -2.434 1.00 0.00 ? 7  ASN A CB   10 
ATOM   2047 C CG   . ASN A 1 7  ? -2.441  1.764  -3.529 1.00 0.00 ? 7  ASN A CG   10 
ATOM   2048 O OD1  . ASN A 1 7  ? -1.660  1.711  -4.480 1.00 0.00 ? 7  ASN A OD1  10 
ATOM   2049 N ND2  . ASN A 1 7  ? -3.331  2.727  -3.400 1.00 0.00 ? 7  ASN A ND2  10 
ATOM   2050 H H    . ASN A 1 7  ? -1.969  -1.209 -0.858 1.00 0.00 ? 7  ASN A H    10 
ATOM   2051 H HA   . ASN A 1 7  ? -0.681  -0.289 -3.156 1.00 0.00 ? 7  ASN A HA   10 
ATOM   2052 H HB2  . ASN A 1 7  ? -3.111  -0.070 -2.695 1.00 0.00 ? 7  ASN A HB2  10 
ATOM   2053 H HB3  . ASN A 1 7  ? -2.750  1.178  -1.514 1.00 0.00 ? 7  ASN A HB3  10 
ATOM   2054 H HD21 . ASN A 1 7  ? -3.918  2.709  -2.613 1.00 0.00 ? 7  ASN A HD21 10 
ATOM   2055 H HD22 . ASN A 1 7  ? -3.370  3.423  -4.091 1.00 0.00 ? 7  ASN A HD22 10 
ATOM   2056 N N    . LYS A 1 8  ? -0.308  1.652  -0.522 1.00 0.00 ? 8  LYS A N    10 
ATOM   2057 C CA   . LYS A 1 8  ? 0.557   2.628  0.122  1.00 0.00 ? 8  LYS A CA   10 
ATOM   2058 C C    . LYS A 1 8  ? 2.021   2.193  0.073  1.00 0.00 ? 8  LYS A C    10 
ATOM   2059 O O    . LYS A 1 8  ? 2.898   2.979  -0.284 1.00 0.00 ? 8  LYS A O    10 
ATOM   2060 C CB   . LYS A 1 8  ? 0.121   2.816  1.575  1.00 0.00 ? 8  LYS A CB   10 
ATOM   2061 C CG   . LYS A 1 8  ? 0.525   4.154  2.161  1.00 0.00 ? 8  LYS A CG   10 
ATOM   2062 C CD   . LYS A 1 8  ? -0.162  5.309  1.444  1.00 0.00 ? 8  LYS A CD   10 
ATOM   2063 C CE   . LYS A 1 8  ? -1.677  5.229  1.556  1.00 0.00 ? 8  LYS A CE   10 
ATOM   2064 N NZ   . LYS A 1 8  ? -2.138  5.254  2.969  1.00 0.00 ? 8  LYS A NZ   10 
ATOM   2065 H H    . LYS A 1 8  ? -1.106  1.338  -0.040 1.00 0.00 ? 8  LYS A H    10 
ATOM   2066 H HA   . LYS A 1 8  ? 0.451   3.561  -0.403 1.00 0.00 ? 8  LYS A HA   10 
ATOM   2067 H HB2  . LYS A 1 8  ? -0.952  2.727  1.633  1.00 0.00 ? 8  LYS A HB2  10 
ATOM   2068 H HB3  . LYS A 1 8  ? 0.568   2.036  2.174  1.00 0.00 ? 8  LYS A HB3  10 
ATOM   2069 H HG2  . LYS A 1 8  ? 0.254   4.177  3.205  1.00 0.00 ? 8  LYS A HG2  10 
ATOM   2070 H HG3  . LYS A 1 8  ? 1.594   4.265  2.063  1.00 0.00 ? 8  LYS A HG3  10 
ATOM   2071 H HD2  . LYS A 1 8  ? 0.171   6.237  1.877  1.00 0.00 ? 8  LYS A HD2  10 
ATOM   2072 H HD3  . LYS A 1 8  ? 0.111   5.280  0.400  1.00 0.00 ? 8  LYS A HD3  10 
ATOM   2073 H HE2  . LYS A 1 8  ? -2.108  6.070  1.033  1.00 0.00 ? 8  LYS A HE2  10 
ATOM   2074 H HE3  . LYS A 1 8  ? -2.012  4.309  1.091  1.00 0.00 ? 8  LYS A HE3  10 
ATOM   2075 H HZ1  . LYS A 1 8  ? -1.743  4.449  3.490  1.00 0.00 ? 8  LYS A HZ1  10 
ATOM   2076 H HZ2  . LYS A 1 8  ? -3.175  5.201  3.009  1.00 0.00 ? 8  LYS A HZ2  10 
ATOM   2077 H HZ3  . LYS A 1 8  ? -1.831  6.135  3.433  1.00 0.00 ? 8  LYS A HZ3  10 
ATOM   2078 N N    . VAL A 1 9  ? 2.272   0.939  0.434  1.00 0.00 ? 9  VAL A N    10 
ATOM   2079 C CA   . VAL A 1 9  ? 3.615   0.367  0.368  1.00 0.00 ? 9  VAL A CA   10 
ATOM   2080 C C    . VAL A 1 9  ? 4.184   0.470  -1.046 1.00 0.00 ? 9  VAL A C    10 
ATOM   2081 O O    . VAL A 1 9  ? 5.303   0.941  -1.244 1.00 0.00 ? 9  VAL A O    10 
ATOM   2082 C CB   . VAL A 1 9  ? 3.628   -1.116 0.806  1.00 0.00 ? 9  VAL A CB   10 
ATOM   2083 C CG1  . VAL A 1 9  ? 5.020   -1.708 0.665  1.00 0.00 ? 9  VAL A CG1  10 
ATOM   2084 C CG2  . VAL A 1 9  ? 3.138   -1.266 2.238  1.00 0.00 ? 9  VAL A CG2  10 
ATOM   2085 H H    . VAL A 1 9  ? 1.534   0.388  0.774  1.00 0.00 ? 9  VAL A H    10 
ATOM   2086 H HA   . VAL A 1 9  ? 4.249   0.926  1.043  1.00 0.00 ? 9  VAL A HA   10 
ATOM   2087 H HB   . VAL A 1 9  ? 2.959   -1.665 0.159  1.00 0.00 ? 9  VAL A HB   10 
ATOM   2088 H HG11 . VAL A 1 9  ? 5.346   -1.620 -0.361 1.00 0.00 ? 9  VAL A HG11 10 
ATOM   2089 H HG12 . VAL A 1 9  ? 4.999   -2.748 0.950  1.00 0.00 ? 9  VAL A HG12 10 
ATOM   2090 H HG13 . VAL A 1 9  ? 5.704   -1.172 1.307  1.00 0.00 ? 9  VAL A HG13 10 
ATOM   2091 H HG21 . VAL A 1 9  ? 2.135   -0.873 2.318  1.00 0.00 ? 9  VAL A HG21 10 
ATOM   2092 H HG22 . VAL A 1 9  ? 3.792   -0.721 2.901  1.00 0.00 ? 9  VAL A HG22 10 
ATOM   2093 H HG23 . VAL A 1 9  ? 3.138   -2.311 2.512  1.00 0.00 ? 9  VAL A HG23 10 
ATOM   2094 N N    . SER A 1 10 ? 3.399   0.045  -2.027 1.00 0.00 ? 10 SER A N    10 
ATOM   2095 C CA   . SER A 1 10 ? 3.822   0.078  -3.422 1.00 0.00 ? 10 SER A CA   10 
ATOM   2096 C C    . SER A 1 10 ? 4.032   1.523  -3.884 1.00 0.00 ? 10 SER A C    10 
ATOM   2097 O O    . SER A 1 10 ? 4.872   1.799  -4.740 1.00 0.00 ? 10 SER A O    10 
ATOM   2098 C CB   . SER A 1 10 ? 2.777   -0.625 -4.294 1.00 0.00 ? 10 SER A CB   10 
ATOM   2099 O OG   . SER A 1 10 ? 3.226   -0.779 -5.632 1.00 0.00 ? 10 SER A OG   10 
ATOM   2100 H H    . SER A 1 10 ? 2.505   -0.307 -1.807 1.00 0.00 ? 10 SER A H    10 
ATOM   2101 H HA   . SER A 1 10 ? 4.759   -0.452 -3.497 1.00 0.00 ? 10 SER A HA   10 
ATOM   2102 H HB2  . SER A 1 10 ? 2.571   -1.601 -3.885 1.00 0.00 ? 10 SER A HB2  10 
ATOM   2103 H HB3  . SER A 1 10 ? 1.869   -0.040 -4.300 1.00 0.00 ? 10 SER A HB3  10 
ATOM   2104 H HG   . SER A 1 10 ? 4.078   -1.235 -5.633 1.00 0.00 ? 10 SER A HG   10 
ATOM   2105 N N    . ASN A 1 11 ? 3.269   2.433  -3.296 1.00 0.00 ? 11 ASN A N    10 
ATOM   2106 C CA   . ASN A 1 11 ? 3.365   3.852  -3.609 1.00 0.00 ? 11 ASN A CA   10 
ATOM   2107 C C    . ASN A 1 11 ? 4.686   4.422  -3.121 1.00 0.00 ? 11 ASN A C    10 
ATOM   2108 O O    . ASN A 1 11 ? 5.439   5.024  -3.884 1.00 0.00 ? 11 ASN A O    10 
ATOM   2109 C CB   . ASN A 1 11 ? 2.209   4.607  -2.952 1.00 0.00 ? 11 ASN A CB   10 
ATOM   2110 C CG   . ASN A 1 11 ? 2.200   6.086  -3.289 1.00 0.00 ? 11 ASN A CG   10 
ATOM   2111 O OD1  . ASN A 1 11 ? 2.750   6.906  -2.554 1.00 0.00 ? 11 ASN A OD1  10 
ATOM   2112 N ND2  . ASN A 1 11 ? 1.580   6.434  -4.404 1.00 0.00 ? 11 ASN A ND2  10 
ATOM   2113 H H    . ASN A 1 11 ? 2.609   2.138  -2.632 1.00 0.00 ? 11 ASN A H    10 
ATOM   2114 H HA   . ASN A 1 11 ? 3.303   3.968  -4.678 1.00 0.00 ? 11 ASN A HA   10 
ATOM   2115 H HB2  . ASN A 1 11 ? 1.281   4.175  -3.275 1.00 0.00 ? 11 ASN A HB2  10 
ATOM   2116 H HB3  . ASN A 1 11 ? 2.292   4.504  -1.880 1.00 0.00 ? 11 ASN A HB3  10 
ATOM   2117 H HD21 . ASN A 1 11 ? 1.165   5.726  -4.944 1.00 0.00 ? 11 ASN A HD21 10 
ATOM   2118 H HD22 . ASN A 1 11 ? 1.569   7.383  -4.651 1.00 0.00 ? 11 ASN A HD22 10 
ATOM   2119 N N    . LEU A 1 12 ? 4.960   4.212  -1.846 1.00 0.00 ? 12 LEU A N    10 
ATOM   2120 C CA   . LEU A 1 12 ? 6.154   4.738  -1.220 1.00 0.00 ? 12 LEU A CA   10 
ATOM   2121 C C    . LEU A 1 12 ? 7.407   4.001  -1.703 1.00 0.00 ? 12 LEU A C    10 
ATOM   2122 O O    . LEU A 1 12 ? 8.458   4.614  -1.908 1.00 0.00 ? 12 LEU A O    10 
ATOM   2123 C CB   . LEU A 1 12 ? 6.010   4.634  0.300  1.00 0.00 ? 12 LEU A CB   10 
ATOM   2124 C CG   . LEU A 1 12 ? 7.271   4.939  1.095  1.00 0.00 ? 12 LEU A CG   10 
ATOM   2125 C CD1  . LEU A 1 12 ? 7.722   6.377  0.873  1.00 0.00 ? 12 LEU A CD1  10 
ATOM   2126 C CD2  . LEU A 1 12 ? 7.048   4.673  2.574  1.00 0.00 ? 12 LEU A CD2  10 
ATOM   2127 H H    . LEU A 1 12 ? 4.336   3.687  -1.302 1.00 0.00 ? 12 LEU A H    10 
ATOM   2128 H HA   . LEU A 1 12 ? 6.238   5.778  -1.492 1.00 0.00 ? 12 LEU A HA   10 
ATOM   2129 H HB2  . LEU A 1 12 ? 5.237   5.322  0.613  1.00 0.00 ? 12 LEU A HB2  10 
ATOM   2130 H HB3  . LEU A 1 12 ? 5.692   3.631  0.543  1.00 0.00 ? 12 LEU A HB3  10 
ATOM   2131 H HG   . LEU A 1 12 ? 8.050   4.285  0.746  1.00 0.00 ? 12 LEU A HG   10 
ATOM   2132 H HD11 . LEU A 1 12 ? 7.929   6.531  -0.174 1.00 0.00 ? 12 LEU A HD11 10 
ATOM   2133 H HD12 . LEU A 1 12 ? 8.615   6.568  1.450  1.00 0.00 ? 12 LEU A HD12 10 
ATOM   2134 H HD13 . LEU A 1 12 ? 6.940   7.051  1.188  1.00 0.00 ? 12 LEU A HD13 10 
ATOM   2135 H HD21 . LEU A 1 12 ? 6.251   5.304  2.938  1.00 0.00 ? 12 LEU A HD21 10 
ATOM   2136 H HD22 . LEU A 1 12 ? 7.954   4.888  3.119  1.00 0.00 ? 12 LEU A HD22 10 
ATOM   2137 H HD23 . LEU A 1 12 ? 6.780   3.637  2.717  1.00 0.00 ? 12 LEU A HD23 10 
ATOM   2138 N N    . PHE A 1 13 ? 7.294   2.696  -1.898 1.00 0.00 ? 13 PHE A N    10 
ATOM   2139 C CA   . PHE A 1 13 ? 8.431   1.887  -2.320 1.00 0.00 ? 13 PHE A CA   10 
ATOM   2140 C C    . PHE A 1 13 ? 8.310   1.500  -3.787 1.00 0.00 ? 13 PHE A C    10 
ATOM   2141 O O    . PHE A 1 13 ? 8.888   0.497  -4.207 1.00 0.00 ? 13 PHE A O    10 
ATOM   2142 C CB   . PHE A 1 13 ? 8.540   0.629  -1.455 1.00 0.00 ? 13 PHE A CB   10 
ATOM   2143 C CG   . PHE A 1 13 ? 8.744   0.922  0.002  1.00 0.00 ? 13 PHE A CG   10 
ATOM   2144 C CD1  . PHE A 1 13 ? 10.013  1.135  0.507  1.00 0.00 ? 13 PHE A CD1  10 
ATOM   2145 C CD2  . PHE A 1 13 ? 7.662   0.985  0.863  1.00 0.00 ? 13 PHE A CD2  10 
ATOM   2146 C CE1  . PHE A 1 13 ? 10.203  1.407  1.848  1.00 0.00 ? 13 PHE A CE1  10 
ATOM   2147 C CE2  . PHE A 1 13 ? 7.844   1.257  2.202  1.00 0.00 ? 13 PHE A CE2  10 
ATOM   2148 C CZ   . PHE A 1 13 ? 9.117   1.469  2.695  1.00 0.00 ? 13 PHE A CZ   10 
ATOM   2149 H H    . PHE A 1 13 ? 6.425   2.260  -1.753 1.00 0.00 ? 13 PHE A H    10 
ATOM   2150 H HA   . PHE A 1 13 ? 9.326   2.479  -2.191 1.00 0.00 ? 13 PHE A HA   10 
ATOM   2151 H HB2  . PHE A 1 13 ? 7.632   0.053  -1.556 1.00 0.00 ? 13 PHE A HB2  10 
ATOM   2152 H HB3  . PHE A 1 13 ? 9.376   0.037  -1.798 1.00 0.00 ? 13 PHE A HB3  10 
ATOM   2153 H HD1  . PHE A 1 13 ? 10.863  1.089  -0.156 1.00 0.00 ? 13 PHE A HD1  10 
ATOM   2154 H HD2  . PHE A 1 13 ? 6.665   0.820  0.477  1.00 0.00 ? 13 PHE A HD2  10 
ATOM   2155 H HE1  . PHE A 1 13 ? 11.197  1.573  2.231  1.00 0.00 ? 13 PHE A HE1  10 
ATOM   2156 H HE2  . PHE A 1 13 ? 6.993   1.306  2.864  1.00 0.00 ? 13 PHE A HE2  10 
ATOM   2157 H HZ   . PHE A 1 13 ? 9.261   1.681  3.743  1.00 0.00 ? 13 PHE A HZ   10 
HETATM 2158 N N    . NH2 A 1 14 ? 7.575   2.250  -4.586 1.00 0.00 ? 14 NH2 A N    10 
HETATM 2159 H HN1  . NH2 A 1 14 ? 6.597   2.138  -4.549 1.00 0.00 ? 14 NH2 A HN1  10 
HETATM 2160 H HN2  . NH2 A 1 14 ? 8.031   2.744  -5.299 1.00 0.00 ? 14 NH2 A HN2  10 
# 
